data_6XZ3
# 
_entry.id   6XZ3 
# 
_audit_conform.dict_name       mmcif_pdbx.dic 
_audit_conform.dict_version    5.383 
_audit_conform.dict_location   http://mmcif.pdb.org/dictionaries/ascii/mmcif_pdbx.dic 
# 
loop_
_database_2.database_id 
_database_2.database_code 
_database_2.pdbx_database_accession 
_database_2.pdbx_DOI 
PDB   6XZ3         pdb_00006xz3 10.2210/pdb6xz3/pdb 
WWPDB D_1292106574 ?            ?                   
# 
loop_
_pdbx_audit_revision_history.ordinal 
_pdbx_audit_revision_history.data_content_type 
_pdbx_audit_revision_history.major_revision 
_pdbx_audit_revision_history.minor_revision 
_pdbx_audit_revision_history.revision_date 
1 'Structure model' 1 0 2020-05-27 
2 'Structure model' 1 1 2021-07-28 
3 'Structure model' 1 2 2024-01-24 
# 
_pdbx_audit_revision_details.ordinal             1 
_pdbx_audit_revision_details.revision_ordinal    1 
_pdbx_audit_revision_details.data_content_type   'Structure model' 
_pdbx_audit_revision_details.provider            repository 
_pdbx_audit_revision_details.type                'Initial release' 
_pdbx_audit_revision_details.description         ? 
_pdbx_audit_revision_details.details             ? 
# 
loop_
_pdbx_audit_revision_group.ordinal 
_pdbx_audit_revision_group.revision_ordinal 
_pdbx_audit_revision_group.data_content_type 
_pdbx_audit_revision_group.group 
1 2 'Structure model' 'Database references'    
2 3 'Structure model' 'Data collection'        
3 3 'Structure model' 'Database references'    
4 3 'Structure model' 'Refinement description' 
# 
loop_
_pdbx_audit_revision_category.ordinal 
_pdbx_audit_revision_category.revision_ordinal 
_pdbx_audit_revision_category.data_content_type 
_pdbx_audit_revision_category.category 
1 2 'Structure model' citation                      
2 2 'Structure model' citation_author               
3 3 'Structure model' chem_comp_atom                
4 3 'Structure model' chem_comp_bond                
5 3 'Structure model' citation                      
6 3 'Structure model' database_2                    
7 3 'Structure model' pdbx_initial_refinement_model 
# 
loop_
_pdbx_audit_revision_item.ordinal 
_pdbx_audit_revision_item.revision_ordinal 
_pdbx_audit_revision_item.data_content_type 
_pdbx_audit_revision_item.item 
1 3 'Structure model' '_citation.journal_id_ISSN'           
2 3 'Structure model' '_database_2.pdbx_DOI'                
3 3 'Structure model' '_database_2.pdbx_database_accession' 
# 
_pdbx_database_status.status_code                     REL 
_pdbx_database_status.status_code_sf                  REL 
_pdbx_database_status.status_code_mr                  ? 
_pdbx_database_status.entry_id                        6XZ3 
_pdbx_database_status.recvd_initial_deposition_date   2020-02-01 
_pdbx_database_status.SG_entry                        N 
_pdbx_database_status.deposit_site                    PDBE 
_pdbx_database_status.process_site                    PDBE 
_pdbx_database_status.status_code_cs                  ? 
_pdbx_database_status.status_code_nmr_data            ? 
_pdbx_database_status.methods_development_category    ? 
_pdbx_database_status.pdb_format_compatible           Y 
# 
loop_
_audit_author.name 
_audit_author.pdbx_ordinal 
_audit_author.identifier_ORCID 
'Cowell, A.'  1 0000-0003-4614-9364 
'Singh, A.K.' 2 0000-0002-9998-020X 
'Brown, D.G.' 3 0000-0003-4605-4779 
'Goult, B.T.' 4 0000-0002-3438-2807 
# 
loop_
_citation.abstract 
_citation.abstract_id_CAS 
_citation.book_id_ISBN 
_citation.book_publisher 
_citation.book_publisher_city 
_citation.book_title 
_citation.coordinate_linkage 
_citation.country 
_citation.database_id_Medline 
_citation.details 
_citation.id 
_citation.journal_abbrev 
_citation.journal_id_ASTM 
_citation.journal_id_CSD 
_citation.journal_id_ISSN 
_citation.journal_full 
_citation.journal_issue 
_citation.journal_volume 
_citation.language 
_citation.page_first 
_citation.page_last 
_citation.title 
_citation.year 
_citation.database_id_CSD 
_citation.pdbx_database_id_DOI 
_citation.pdbx_database_id_PubMed 
_citation.unpublished_flag 
? ? ? ? ? ? ? US ? ? primary 'J.Cell Biol.' JCLBA3 2019 1540-8140 ? ? 220 ? ? ? 
'Talin rod domain-containing protein 1 (TLNRD1) is a novel actin-bundling protein which promotes filopodia formation.'  2021 ? 
10.1083/jcb.202005214     34264272 ? 
? ? ? ? ? ? ? US ? ? 1       Biorxiv        ?      ?    2692-8205 ? ? ?   ? ? ? 
'Talin Rod Domain Containing Protein 1 (TLNRD1) is a novel actin- bundling protein which promotes filopodia formation.' 2020 ? 
10.1101/2020.05.19.103606 ?        ? 
# 
loop_
_citation_author.citation_id 
_citation_author.name 
_citation_author.ordinal 
_citation_author.identifier_ORCID 
primary 'Cowell, A.R.'  1  0000-0003-4614-9364 
primary 'Jacquemet, G.' 2  0000-0002-9286-920X 
primary 'Singh, A.K.'   3  0000-0002-9998-020X 
primary 'Varela, L.'    4  ?                   
primary 'Nylund, A.S.'  5  0000-0002-0744-3600 
primary 'Ammon, Y.C.'   6  ?                   
primary 'Brown, D.G.'   7  ?                   
primary 'Akhmanova, A.' 8  0000-0002-9048-8614 
primary 'Ivaska, J.'    9  0000-0002-6295-6556 
primary 'Goult, B.T.'   10 0000-0002-3438-2807 
1       'Cowell, A.'    11 ?                   
1       'Jacquemet, G.' 12 ?                   
1       'Singh, A.K.'   13 ?                   
1       'Ammon, Y.-K.'  14 ?                   
1       'Brown, D.G.'   15 ?                   
1       'Akhmanova, A.' 16 ?                   
1       'Ivaska, J.'    17 ?                   
1       'Goult, B.T.'   18 ?                   
# 
loop_
_entity.id 
_entity.type 
_entity.src_method 
_entity.pdbx_description 
_entity.formula_weight 
_entity.pdbx_number_of_molecules 
_entity.pdbx_ec 
_entity.pdbx_mutation 
_entity.pdbx_fragment 
_entity.details 
1 polymer     man 'Talin rod domain-containing protein 1' 14461.727 1  ? ? ? 'TLNRD1 4-helix bundle residues 143-273' 
2 non-polymer syn 1,2-ETHANEDIOL                          62.068    1  ? ? ? ?                                        
3 water       nat water                                   18.015    41 ? ? ? ?                                        
# 
_entity_name_com.entity_id   1 
_entity_name_com.name        'Mesoderm development candidate 1' 
# 
_entity_poly.entity_id                      1 
_entity_poly.type                           'polypeptide(L)' 
_entity_poly.nstd_linkage                   no 
_entity_poly.nstd_monomer                   no 
_entity_poly.pdbx_seq_one_letter_code       
;GGSAQPGLVDRYRVTRCRHEVEQGCAVLRATPLADMTPQLLLEVSQGLSRNLKFLTDACALASDKSRDRFSREQFKLGVK
CMSTSASALLACVREVKVAPSELARSRCALFSGPLVQAVSALVGFATEPQFLGR
;
_entity_poly.pdbx_seq_one_letter_code_can   
;GGSAQPGLVDRYRVTRCRHEVEQGCAVLRATPLADMTPQLLLEVSQGLSRNLKFLTDACALASDKSRDRFSREQFKLGVK
CMSTSASALLACVREVKVAPSELARSRCALFSGPLVQAVSALVGFATEPQFLGR
;
_entity_poly.pdbx_strand_id                 A 
_entity_poly.pdbx_target_identifier         ? 
# 
loop_
_pdbx_entity_nonpoly.entity_id 
_pdbx_entity_nonpoly.name 
_pdbx_entity_nonpoly.comp_id 
2 1,2-ETHANEDIOL EDO 
3 water          HOH 
# 
loop_
_entity_poly_seq.entity_id 
_entity_poly_seq.num 
_entity_poly_seq.mon_id 
_entity_poly_seq.hetero 
1 1   GLY n 
1 2   GLY n 
1 3   SER n 
1 4   ALA n 
1 5   GLN n 
1 6   PRO n 
1 7   GLY n 
1 8   LEU n 
1 9   VAL n 
1 10  ASP n 
1 11  ARG n 
1 12  TYR n 
1 13  ARG n 
1 14  VAL n 
1 15  THR n 
1 16  ARG n 
1 17  CYS n 
1 18  ARG n 
1 19  HIS n 
1 20  GLU n 
1 21  VAL n 
1 22  GLU n 
1 23  GLN n 
1 24  GLY n 
1 25  CYS n 
1 26  ALA n 
1 27  VAL n 
1 28  LEU n 
1 29  ARG n 
1 30  ALA n 
1 31  THR n 
1 32  PRO n 
1 33  LEU n 
1 34  ALA n 
1 35  ASP n 
1 36  MET n 
1 37  THR n 
1 38  PRO n 
1 39  GLN n 
1 40  LEU n 
1 41  LEU n 
1 42  LEU n 
1 43  GLU n 
1 44  VAL n 
1 45  SER n 
1 46  GLN n 
1 47  GLY n 
1 48  LEU n 
1 49  SER n 
1 50  ARG n 
1 51  ASN n 
1 52  LEU n 
1 53  LYS n 
1 54  PHE n 
1 55  LEU n 
1 56  THR n 
1 57  ASP n 
1 58  ALA n 
1 59  CYS n 
1 60  ALA n 
1 61  LEU n 
1 62  ALA n 
1 63  SER n 
1 64  ASP n 
1 65  LYS n 
1 66  SER n 
1 67  ARG n 
1 68  ASP n 
1 69  ARG n 
1 70  PHE n 
1 71  SER n 
1 72  ARG n 
1 73  GLU n 
1 74  GLN n 
1 75  PHE n 
1 76  LYS n 
1 77  LEU n 
1 78  GLY n 
1 79  VAL n 
1 80  LYS n 
1 81  CYS n 
1 82  MET n 
1 83  SER n 
1 84  THR n 
1 85  SER n 
1 86  ALA n 
1 87  SER n 
1 88  ALA n 
1 89  LEU n 
1 90  LEU n 
1 91  ALA n 
1 92  CYS n 
1 93  VAL n 
1 94  ARG n 
1 95  GLU n 
1 96  VAL n 
1 97  LYS n 
1 98  VAL n 
1 99  ALA n 
1 100 PRO n 
1 101 SER n 
1 102 GLU n 
1 103 LEU n 
1 104 ALA n 
1 105 ARG n 
1 106 SER n 
1 107 ARG n 
1 108 CYS n 
1 109 ALA n 
1 110 LEU n 
1 111 PHE n 
1 112 SER n 
1 113 GLY n 
1 114 PRO n 
1 115 LEU n 
1 116 VAL n 
1 117 GLN n 
1 118 ALA n 
1 119 VAL n 
1 120 SER n 
1 121 ALA n 
1 122 LEU n 
1 123 VAL n 
1 124 GLY n 
1 125 PHE n 
1 126 ALA n 
1 127 THR n 
1 128 GLU n 
1 129 PRO n 
1 130 GLN n 
1 131 PHE n 
1 132 LEU n 
1 133 GLY n 
1 134 ARG n 
# 
_entity_src_gen.entity_id                          1 
_entity_src_gen.pdbx_src_id                        1 
_entity_src_gen.pdbx_alt_source_flag               sample 
_entity_src_gen.pdbx_seq_type                      'Biological sequence' 
_entity_src_gen.pdbx_beg_seq_num                   1 
_entity_src_gen.pdbx_end_seq_num                   134 
_entity_src_gen.gene_src_common_name               Human 
_entity_src_gen.gene_src_genus                     ? 
_entity_src_gen.pdbx_gene_src_gene                 'TLNRD1, MESDC1' 
_entity_src_gen.gene_src_species                   ? 
_entity_src_gen.gene_src_strain                    ? 
_entity_src_gen.gene_src_tissue                    ? 
_entity_src_gen.gene_src_tissue_fraction           ? 
_entity_src_gen.gene_src_details                   ? 
_entity_src_gen.pdbx_gene_src_fragment             ? 
_entity_src_gen.pdbx_gene_src_scientific_name      'Homo sapiens' 
_entity_src_gen.pdbx_gene_src_ncbi_taxonomy_id     9606 
_entity_src_gen.pdbx_gene_src_variant              ? 
_entity_src_gen.pdbx_gene_src_cell_line            ? 
_entity_src_gen.pdbx_gene_src_atcc                 ? 
_entity_src_gen.pdbx_gene_src_organ                ? 
_entity_src_gen.pdbx_gene_src_organelle            ? 
_entity_src_gen.pdbx_gene_src_cell                 ? 
_entity_src_gen.pdbx_gene_src_cellular_location    ? 
_entity_src_gen.host_org_common_name               ? 
_entity_src_gen.pdbx_host_org_scientific_name      'Escherichia coli BL21(DE3)' 
_entity_src_gen.pdbx_host_org_ncbi_taxonomy_id     469008 
_entity_src_gen.host_org_genus                     ? 
_entity_src_gen.pdbx_host_org_gene                 ? 
_entity_src_gen.pdbx_host_org_organ                ? 
_entity_src_gen.host_org_species                   ? 
_entity_src_gen.pdbx_host_org_tissue               ? 
_entity_src_gen.pdbx_host_org_tissue_fraction      ? 
_entity_src_gen.pdbx_host_org_strain               ? 
_entity_src_gen.pdbx_host_org_variant              ? 
_entity_src_gen.pdbx_host_org_cell_line            ? 
_entity_src_gen.pdbx_host_org_atcc                 ? 
_entity_src_gen.pdbx_host_org_culture_collection   ? 
_entity_src_gen.pdbx_host_org_cell                 ? 
_entity_src_gen.pdbx_host_org_organelle            ? 
_entity_src_gen.pdbx_host_org_cellular_location    ? 
_entity_src_gen.pdbx_host_org_vector_type          Plasmid 
_entity_src_gen.pdbx_host_org_vector               ? 
_entity_src_gen.host_org_details                   ? 
_entity_src_gen.expression_system_id               ? 
_entity_src_gen.plasmid_name                       pET151 
_entity_src_gen.plasmid_details                    ? 
_entity_src_gen.pdbx_description                   ? 
# 
loop_
_chem_comp.id 
_chem_comp.type 
_chem_comp.mon_nstd_flag 
_chem_comp.name 
_chem_comp.pdbx_synonyms 
_chem_comp.formula 
_chem_comp.formula_weight 
ALA 'L-peptide linking' y ALANINE         ?                 'C3 H7 N O2'     89.093  
ARG 'L-peptide linking' y ARGININE        ?                 'C6 H15 N4 O2 1' 175.209 
ASN 'L-peptide linking' y ASPARAGINE      ?                 'C4 H8 N2 O3'    132.118 
ASP 'L-peptide linking' y 'ASPARTIC ACID' ?                 'C4 H7 N O4'     133.103 
CYS 'L-peptide linking' y CYSTEINE        ?                 'C3 H7 N O2 S'   121.158 
EDO non-polymer         . 1,2-ETHANEDIOL  'ETHYLENE GLYCOL' 'C2 H6 O2'       62.068  
GLN 'L-peptide linking' y GLUTAMINE       ?                 'C5 H10 N2 O3'   146.144 
GLU 'L-peptide linking' y 'GLUTAMIC ACID' ?                 'C5 H9 N O4'     147.129 
GLY 'peptide linking'   y GLYCINE         ?                 'C2 H5 N O2'     75.067  
HIS 'L-peptide linking' y HISTIDINE       ?                 'C6 H10 N3 O2 1' 156.162 
HOH non-polymer         . WATER           ?                 'H2 O'           18.015  
LEU 'L-peptide linking' y LEUCINE         ?                 'C6 H13 N O2'    131.173 
LYS 'L-peptide linking' y LYSINE          ?                 'C6 H15 N2 O2 1' 147.195 
MET 'L-peptide linking' y METHIONINE      ?                 'C5 H11 N O2 S'  149.211 
PHE 'L-peptide linking' y PHENYLALANINE   ?                 'C9 H11 N O2'    165.189 
PRO 'L-peptide linking' y PROLINE         ?                 'C5 H9 N O2'     115.130 
SER 'L-peptide linking' y SERINE          ?                 'C3 H7 N O3'     105.093 
THR 'L-peptide linking' y THREONINE       ?                 'C4 H9 N O3'     119.119 
TYR 'L-peptide linking' y TYROSINE        ?                 'C9 H11 N O3'    181.189 
VAL 'L-peptide linking' y VALINE          ?                 'C5 H11 N O2'    117.146 
# 
loop_
_pdbx_poly_seq_scheme.asym_id 
_pdbx_poly_seq_scheme.entity_id 
_pdbx_poly_seq_scheme.seq_id 
_pdbx_poly_seq_scheme.mon_id 
_pdbx_poly_seq_scheme.ndb_seq_num 
_pdbx_poly_seq_scheme.pdb_seq_num 
_pdbx_poly_seq_scheme.auth_seq_num 
_pdbx_poly_seq_scheme.pdb_mon_id 
_pdbx_poly_seq_scheme.auth_mon_id 
_pdbx_poly_seq_scheme.pdb_strand_id 
_pdbx_poly_seq_scheme.pdb_ins_code 
_pdbx_poly_seq_scheme.hetero 
A 1 1   GLY 1   140 ?   ?   ?   A . n 
A 1 2   GLY 2   141 ?   ?   ?   A . n 
A 1 3   SER 3   142 ?   ?   ?   A . n 
A 1 4   ALA 4   143 ?   ?   ?   A . n 
A 1 5   GLN 5   144 ?   ?   ?   A . n 
A 1 6   PRO 6   145 ?   ?   ?   A . n 
A 1 7   GLY 7   146 ?   ?   ?   A . n 
A 1 8   LEU 8   147 ?   ?   ?   A . n 
A 1 9   VAL 9   148 148 VAL VAL A . n 
A 1 10  ASP 10  149 149 ASP ASP A . n 
A 1 11  ARG 11  150 150 ARG ARG A . n 
A 1 12  TYR 12  151 151 TYR TYR A . n 
A 1 13  ARG 13  152 152 ARG ARG A . n 
A 1 14  VAL 14  153 153 VAL VAL A . n 
A 1 15  THR 15  154 154 THR THR A . n 
A 1 16  ARG 16  155 155 ARG ARG A . n 
A 1 17  CYS 17  156 156 CYS CYS A . n 
A 1 18  ARG 18  157 157 ARG ARG A . n 
A 1 19  HIS 19  158 158 HIS HIS A . n 
A 1 20  GLU 20  159 159 GLU GLU A . n 
A 1 21  VAL 21  160 160 VAL VAL A . n 
A 1 22  GLU 22  161 161 GLU GLU A . n 
A 1 23  GLN 23  162 162 GLN GLN A . n 
A 1 24  GLY 24  163 163 GLY GLY A . n 
A 1 25  CYS 25  164 164 CYS CYS A . n 
A 1 26  ALA 26  165 165 ALA ALA A . n 
A 1 27  VAL 27  166 166 VAL VAL A . n 
A 1 28  LEU 28  167 167 LEU LEU A . n 
A 1 29  ARG 29  168 168 ARG ARG A . n 
A 1 30  ALA 30  169 169 ALA ALA A . n 
A 1 31  THR 31  170 170 THR THR A . n 
A 1 32  PRO 32  171 171 PRO PRO A . n 
A 1 33  LEU 33  172 172 LEU LEU A . n 
A 1 34  ALA 34  173 173 ALA ALA A . n 
A 1 35  ASP 35  174 174 ASP ASP A . n 
A 1 36  MET 36  175 175 MET MET A . n 
A 1 37  THR 37  176 176 THR THR A . n 
A 1 38  PRO 38  177 177 PRO PRO A . n 
A 1 39  GLN 39  178 178 GLN GLN A . n 
A 1 40  LEU 40  179 179 LEU LEU A . n 
A 1 41  LEU 41  180 180 LEU LEU A . n 
A 1 42  LEU 42  181 181 LEU LEU A . n 
A 1 43  GLU 43  182 182 GLU GLU A . n 
A 1 44  VAL 44  183 183 VAL VAL A . n 
A 1 45  SER 45  184 184 SER SER A . n 
A 1 46  GLN 46  185 185 GLN GLN A . n 
A 1 47  GLY 47  186 186 GLY GLY A . n 
A 1 48  LEU 48  187 187 LEU LEU A . n 
A 1 49  SER 49  188 188 SER SER A . n 
A 1 50  ARG 50  189 189 ARG ARG A . n 
A 1 51  ASN 51  190 190 ASN ASN A . n 
A 1 52  LEU 52  191 191 LEU LEU A . n 
A 1 53  LYS 53  192 192 LYS LYS A . n 
A 1 54  PHE 54  193 193 PHE PHE A . n 
A 1 55  LEU 55  194 194 LEU LEU A . n 
A 1 56  THR 56  195 195 THR THR A . n 
A 1 57  ASP 57  196 196 ASP ASP A . n 
A 1 58  ALA 58  197 197 ALA ALA A . n 
A 1 59  CYS 59  198 198 CYS CYS A . n 
A 1 60  ALA 60  199 199 ALA ALA A . n 
A 1 61  LEU 61  200 200 LEU LEU A . n 
A 1 62  ALA 62  201 201 ALA ALA A . n 
A 1 63  SER 63  202 202 SER SER A . n 
A 1 64  ASP 64  203 203 ASP ASP A . n 
A 1 65  LYS 65  204 204 LYS LYS A . n 
A 1 66  SER 66  205 205 SER SER A . n 
A 1 67  ARG 67  206 206 ARG ARG A . n 
A 1 68  ASP 68  207 207 ASP ASP A . n 
A 1 69  ARG 69  208 208 ARG ARG A . n 
A 1 70  PHE 70  209 209 PHE PHE A . n 
A 1 71  SER 71  210 210 SER SER A . n 
A 1 72  ARG 72  211 211 ARG ARG A . n 
A 1 73  GLU 73  212 212 GLU GLU A . n 
A 1 74  GLN 74  213 213 GLN GLN A . n 
A 1 75  PHE 75  214 214 PHE PHE A . n 
A 1 76  LYS 76  215 215 LYS LYS A . n 
A 1 77  LEU 77  216 216 LEU LEU A . n 
A 1 78  GLY 78  217 217 GLY GLY A . n 
A 1 79  VAL 79  218 218 VAL VAL A . n 
A 1 80  LYS 80  219 219 LYS LYS A . n 
A 1 81  CYS 81  220 220 CYS CYS A . n 
A 1 82  MET 82  221 221 MET MET A . n 
A 1 83  SER 83  222 222 SER SER A . n 
A 1 84  THR 84  223 223 THR THR A . n 
A 1 85  SER 85  224 224 SER SER A . n 
A 1 86  ALA 86  225 225 ALA ALA A . n 
A 1 87  SER 87  226 226 SER SER A . n 
A 1 88  ALA 88  227 227 ALA ALA A . n 
A 1 89  LEU 89  228 228 LEU LEU A . n 
A 1 90  LEU 90  229 229 LEU LEU A . n 
A 1 91  ALA 91  230 230 ALA ALA A . n 
A 1 92  CYS 92  231 231 CYS CYS A . n 
A 1 93  VAL 93  232 232 VAL VAL A . n 
A 1 94  ARG 94  233 233 ARG ARG A . n 
A 1 95  GLU 95  234 234 GLU GLU A . n 
A 1 96  VAL 96  235 235 VAL VAL A . n 
A 1 97  LYS 97  236 236 LYS LYS A . n 
A 1 98  VAL 98  237 237 VAL VAL A . n 
A 1 99  ALA 99  238 238 ALA ALA A . n 
A 1 100 PRO 100 239 239 PRO PRO A . n 
A 1 101 SER 101 240 240 SER SER A . n 
A 1 102 GLU 102 241 241 GLU GLU A . n 
A 1 103 LEU 103 242 242 LEU LEU A . n 
A 1 104 ALA 104 243 243 ALA ALA A . n 
A 1 105 ARG 105 244 244 ARG ARG A . n 
A 1 106 SER 106 245 245 SER SER A . n 
A 1 107 ARG 107 246 246 ARG ARG A . n 
A 1 108 CYS 108 247 247 CYS CYS A . n 
A 1 109 ALA 109 248 248 ALA ALA A . n 
A 1 110 LEU 110 249 249 LEU LEU A . n 
A 1 111 PHE 111 250 250 PHE PHE A . n 
A 1 112 SER 112 251 251 SER SER A . n 
A 1 113 GLY 113 252 252 GLY GLY A . n 
A 1 114 PRO 114 253 253 PRO PRO A . n 
A 1 115 LEU 115 254 254 LEU LEU A . n 
A 1 116 VAL 116 255 255 VAL VAL A . n 
A 1 117 GLN 117 256 256 GLN GLN A . n 
A 1 118 ALA 118 257 257 ALA ALA A . n 
A 1 119 VAL 119 258 258 VAL VAL A . n 
A 1 120 SER 120 259 259 SER SER A . n 
A 1 121 ALA 121 260 260 ALA ALA A . n 
A 1 122 LEU 122 261 261 LEU LEU A . n 
A 1 123 VAL 123 262 262 VAL VAL A . n 
A 1 124 GLY 124 263 263 GLY GLY A . n 
A 1 125 PHE 125 264 264 PHE PHE A . n 
A 1 126 ALA 126 265 265 ALA ALA A . n 
A 1 127 THR 127 266 266 THR THR A . n 
A 1 128 GLU 128 267 267 GLU GLU A . n 
A 1 129 PRO 129 268 268 PRO PRO A . n 
A 1 130 GLN 130 269 269 GLN GLN A . n 
A 1 131 PHE 131 270 270 PHE PHE A . n 
A 1 132 LEU 132 271 ?   ?   ?   A . n 
A 1 133 GLY 133 272 ?   ?   ?   A . n 
A 1 134 ARG 134 273 ?   ?   ?   A . n 
# 
loop_
_pdbx_nonpoly_scheme.asym_id 
_pdbx_nonpoly_scheme.entity_id 
_pdbx_nonpoly_scheme.mon_id 
_pdbx_nonpoly_scheme.ndb_seq_num 
_pdbx_nonpoly_scheme.pdb_seq_num 
_pdbx_nonpoly_scheme.auth_seq_num 
_pdbx_nonpoly_scheme.pdb_mon_id 
_pdbx_nonpoly_scheme.auth_mon_id 
_pdbx_nonpoly_scheme.pdb_strand_id 
_pdbx_nonpoly_scheme.pdb_ins_code 
B 2 EDO 1  301 271 EDO EDO A . 
C 3 HOH 1  401 273 HOH HOH A . 
C 3 HOH 2  402 275 HOH HOH A . 
C 3 HOH 3  403 292 HOH HOH A . 
C 3 HOH 4  404 310 HOH HOH A . 
C 3 HOH 5  405 274 HOH HOH A . 
C 3 HOH 6  406 290 HOH HOH A . 
C 3 HOH 7  407 276 HOH HOH A . 
C 3 HOH 8  408 288 HOH HOH A . 
C 3 HOH 9  409 282 HOH HOH A . 
C 3 HOH 10 410 279 HOH HOH A . 
C 3 HOH 11 411 287 HOH HOH A . 
C 3 HOH 12 412 272 HOH HOH A . 
C 3 HOH 13 413 283 HOH HOH A . 
C 3 HOH 14 414 295 HOH HOH A . 
C 3 HOH 15 415 285 HOH HOH A . 
C 3 HOH 16 416 280 HOH HOH A . 
C 3 HOH 17 417 296 HOH HOH A . 
C 3 HOH 18 418 281 HOH HOH A . 
C 3 HOH 19 419 277 HOH HOH A . 
C 3 HOH 20 420 311 HOH HOH A . 
C 3 HOH 21 421 289 HOH HOH A . 
C 3 HOH 22 422 297 HOH HOH A . 
C 3 HOH 23 423 312 HOH HOH A . 
C 3 HOH 24 424 284 HOH HOH A . 
C 3 HOH 25 425 294 HOH HOH A . 
C 3 HOH 26 426 293 HOH HOH A . 
C 3 HOH 27 427 291 HOH HOH A . 
C 3 HOH 28 428 286 HOH HOH A . 
C 3 HOH 29 429 278 HOH HOH A . 
C 3 HOH 30 430 298 HOH HOH A . 
C 3 HOH 31 431 299 HOH HOH A . 
C 3 HOH 32 432 304 HOH HOH A . 
C 3 HOH 33 433 303 HOH HOH A . 
C 3 HOH 34 434 300 HOH HOH A . 
C 3 HOH 35 435 305 HOH HOH A . 
C 3 HOH 36 436 302 HOH HOH A . 
C 3 HOH 37 437 301 HOH HOH A . 
C 3 HOH 38 438 306 HOH HOH A . 
C 3 HOH 39 439 308 HOH HOH A . 
C 3 HOH 40 440 309 HOH HOH A . 
C 3 HOH 41 441 307 HOH HOH A . 
# 
loop_
_software.citation_id 
_software.classification 
_software.compiler_name 
_software.compiler_version 
_software.contact_author 
_software.contact_author_email 
_software.date 
_software.description 
_software.dependencies 
_software.hardware 
_software.language 
_software.location 
_software.mods 
_software.name 
_software.os 
_software.os_version 
_software.type 
_software.version 
_software.pdbx_ordinal 
? refinement        ? ? ? ? ? ? ? ? ? ? ? REFMAC      ? ? ? 5.8.0238 1 
? 'data extraction' ? ? ? ? ? ? ? ? ? ? ? PDB_EXTRACT ? ? ? 3.25     2 
? 'data reduction'  ? ? ? ? ? ? ? ? ? ? ? XDS         ? ? ? .        3 
? 'data scaling'    ? ? ? ? ? ? ? ? ? ? ? Aimless     ? ? ? .        4 
? phasing           ? ? ? ? ? ? ? ? ? ? ? PHASER      ? ? ? .        5 
# 
_cell.angle_alpha                  90.000 
_cell.angle_alpha_esd              ? 
_cell.angle_beta                   90.000 
_cell.angle_beta_esd               ? 
_cell.angle_gamma                  90.000 
_cell.angle_gamma_esd              ? 
_cell.entry_id                     6XZ3 
_cell.details                      ? 
_cell.formula_units_Z              ? 
_cell.length_a                     114.595 
_cell.length_a_esd                 ? 
_cell.length_b                     114.595 
_cell.length_b_esd                 ? 
_cell.length_c                     59.404 
_cell.length_c_esd                 ? 
_cell.volume                       ? 
_cell.volume_esd                   ? 
_cell.Z_PDB                        16 
_cell.reciprocal_angle_alpha       ? 
_cell.reciprocal_angle_beta        ? 
_cell.reciprocal_angle_gamma       ? 
_cell.reciprocal_angle_alpha_esd   ? 
_cell.reciprocal_angle_beta_esd    ? 
_cell.reciprocal_angle_gamma_esd   ? 
_cell.reciprocal_length_a          ? 
_cell.reciprocal_length_b          ? 
_cell.reciprocal_length_c          ? 
_cell.reciprocal_length_a_esd      ? 
_cell.reciprocal_length_b_esd      ? 
_cell.reciprocal_length_c_esd      ? 
_cell.pdbx_unique_axis             ? 
# 
_symmetry.entry_id                         6XZ3 
_symmetry.cell_setting                     ? 
_symmetry.Int_Tables_number                98 
_symmetry.space_group_name_Hall            ? 
_symmetry.space_group_name_H-M             'I 41 2 2' 
_symmetry.pdbx_full_space_group_name_H-M   ? 
# 
_exptl.absorpt_coefficient_mu     ? 
_exptl.absorpt_correction_T_max   ? 
_exptl.absorpt_correction_T_min   ? 
_exptl.absorpt_correction_type    ? 
_exptl.absorpt_process_details    ? 
_exptl.entry_id                   6XZ3 
_exptl.crystals_number            1 
_exptl.details                    ? 
_exptl.method                     'X-RAY DIFFRACTION' 
_exptl.method_details             ? 
# 
_exptl_crystal.colour                      ? 
_exptl_crystal.density_diffrn              ? 
_exptl_crystal.density_Matthews            3.39 
_exptl_crystal.density_method              ? 
_exptl_crystal.density_percent_sol         63.73 
_exptl_crystal.description                 ? 
_exptl_crystal.F_000                       ? 
_exptl_crystal.id                          1 
_exptl_crystal.preparation                 ? 
_exptl_crystal.size_max                    ? 
_exptl_crystal.size_mid                    ? 
_exptl_crystal.size_min                    ? 
_exptl_crystal.size_rad                    ? 
_exptl_crystal.colour_lustre               ? 
_exptl_crystal.colour_modifier             ? 
_exptl_crystal.colour_primary              ? 
_exptl_crystal.density_meas                ? 
_exptl_crystal.density_meas_esd            ? 
_exptl_crystal.density_meas_gt             ? 
_exptl_crystal.density_meas_lt             ? 
_exptl_crystal.density_meas_temp           ? 
_exptl_crystal.density_meas_temp_esd       ? 
_exptl_crystal.density_meas_temp_gt        ? 
_exptl_crystal.density_meas_temp_lt        ? 
_exptl_crystal.pdbx_crystal_image_url      ? 
_exptl_crystal.pdbx_crystal_image_format   ? 
_exptl_crystal.pdbx_mosaicity              ? 
_exptl_crystal.pdbx_mosaicity_esd          ? 
# 
_exptl_crystal_grow.apparatus       ? 
_exptl_crystal_grow.atmosphere      ? 
_exptl_crystal_grow.crystal_id      1 
_exptl_crystal_grow.details         ? 
_exptl_crystal_grow.method          'VAPOR DIFFUSION, HANGING DROP' 
_exptl_crystal_grow.method_ref      ? 
_exptl_crystal_grow.pH              ? 
_exptl_crystal_grow.pressure        ? 
_exptl_crystal_grow.pressure_esd    ? 
_exptl_crystal_grow.seeding         ? 
_exptl_crystal_grow.seeding_ref     ? 
_exptl_crystal_grow.temp            294 
_exptl_crystal_grow.temp_details    ? 
_exptl_crystal_grow.temp_esd        ? 
_exptl_crystal_grow.time            ? 
_exptl_crystal_grow.pdbx_details    '0.3 M ammonium citrate dibasic, 25% PEG 3350' 
_exptl_crystal_grow.pdbx_pH_range   ? 
# 
_diffrn.ambient_environment              ? 
_diffrn.ambient_temp                     100 
_diffrn.ambient_temp_details             ? 
_diffrn.ambient_temp_esd                 ? 
_diffrn.crystal_id                       1 
_diffrn.crystal_support                  ? 
_diffrn.crystal_treatment                ? 
_diffrn.details                          ? 
_diffrn.id                               1 
_diffrn.ambient_pressure                 ? 
_diffrn.ambient_pressure_esd             ? 
_diffrn.ambient_pressure_gt              ? 
_diffrn.ambient_pressure_lt              ? 
_diffrn.ambient_temp_gt                  ? 
_diffrn.ambient_temp_lt                  ? 
_diffrn.pdbx_serial_crystal_experiment   N 
# 
_diffrn_detector.details                      ? 
_diffrn_detector.detector                     PIXEL 
_diffrn_detector.diffrn_id                    1 
_diffrn_detector.type                         'DECTRIS PILATUS 6M' 
_diffrn_detector.area_resol_mean              ? 
_diffrn_detector.dtime                        ? 
_diffrn_detector.pdbx_frames_total            ? 
_diffrn_detector.pdbx_collection_time_total   ? 
_diffrn_detector.pdbx_collection_date         2017-11-14 
_diffrn_detector.pdbx_frequency               ? 
# 
_diffrn_radiation.collimation                      ? 
_diffrn_radiation.diffrn_id                        1 
_diffrn_radiation.filter_edge                      ? 
_diffrn_radiation.inhomogeneity                    ? 
_diffrn_radiation.monochromator                    ? 
_diffrn_radiation.polarisn_norm                    ? 
_diffrn_radiation.polarisn_ratio                   ? 
_diffrn_radiation.probe                            ? 
_diffrn_radiation.type                             ? 
_diffrn_radiation.xray_symbol                      ? 
_diffrn_radiation.wavelength_id                    1 
_diffrn_radiation.pdbx_monochromatic_or_laue_m_l   M 
_diffrn_radiation.pdbx_wavelength_list             ? 
_diffrn_radiation.pdbx_wavelength                  ? 
_diffrn_radiation.pdbx_diffrn_protocol             'SINGLE WAVELENGTH' 
_diffrn_radiation.pdbx_analyzer                    ? 
_diffrn_radiation.pdbx_scattering_type             x-ray 
# 
_diffrn_radiation_wavelength.id           1 
_diffrn_radiation_wavelength.wavelength   0.97855 
_diffrn_radiation_wavelength.wt           1.0 
# 
_diffrn_source.current                     ? 
_diffrn_source.details                     ? 
_diffrn_source.diffrn_id                   1 
_diffrn_source.power                       ? 
_diffrn_source.size                        ? 
_diffrn_source.source                      SYNCHROTRON 
_diffrn_source.target                      ? 
_diffrn_source.type                        'SOLEIL BEAMLINE PROXIMA 1' 
_diffrn_source.voltage                     ? 
_diffrn_source.take-off_angle              ? 
_diffrn_source.pdbx_wavelength_list        0.97855 
_diffrn_source.pdbx_wavelength             ? 
_diffrn_source.pdbx_synchrotron_beamline   'PROXIMA 1' 
_diffrn_source.pdbx_synchrotron_site       SOLEIL 
# 
_reflns.B_iso_Wilson_estimate            ? 
_reflns.entry_id                         6XZ3 
_reflns.data_reduction_details           ? 
_reflns.data_reduction_method            ? 
_reflns.d_resolution_high                2.188 
_reflns.d_resolution_low                 57.36 
_reflns.details                          ? 
_reflns.limit_h_max                      ? 
_reflns.limit_h_min                      ? 
_reflns.limit_k_max                      ? 
_reflns.limit_k_min                      ? 
_reflns.limit_l_max                      ? 
_reflns.limit_l_min                      ? 
_reflns.number_all                       ? 
_reflns.number_obs                       10508 
_reflns.observed_criterion               ? 
_reflns.observed_criterion_F_max         ? 
_reflns.observed_criterion_F_min         ? 
_reflns.observed_criterion_I_max         ? 
_reflns.observed_criterion_I_min         ? 
_reflns.observed_criterion_sigma_F       ? 
_reflns.observed_criterion_sigma_I       ? 
_reflns.percent_possible_obs             100 
_reflns.R_free_details                   ? 
_reflns.Rmerge_F_all                     ? 
_reflns.Rmerge_F_obs                     ? 
_reflns.Friedel_coverage                 ? 
_reflns.number_gt                        ? 
_reflns.threshold_expression             ? 
_reflns.pdbx_redundancy                  13.4 
_reflns.pdbx_Rmerge_I_obs                0.13 
_reflns.pdbx_Rmerge_I_all                ? 
_reflns.pdbx_Rsym_value                  ? 
_reflns.pdbx_netI_over_av_sigmaI         ? 
_reflns.pdbx_netI_over_sigmaI            12.5 
_reflns.pdbx_res_netI_over_av_sigmaI_2   ? 
_reflns.pdbx_res_netI_over_sigmaI_2      ? 
_reflns.pdbx_chi_squared                 ? 
_reflns.pdbx_scaling_rejects             ? 
_reflns.pdbx_d_res_high_opt              ? 
_reflns.pdbx_d_res_low_opt               ? 
_reflns.pdbx_d_res_opt_method            ? 
_reflns.phase_calculation_details        ? 
_reflns.pdbx_Rrim_I_all                  0.135 
_reflns.pdbx_Rpim_I_all                  0.037 
_reflns.pdbx_d_opt                       ? 
_reflns.pdbx_number_measured_all         ? 
_reflns.pdbx_diffrn_id                   1 
_reflns.pdbx_ordinal                     1 
_reflns.pdbx_CC_half                     0.996 
_reflns.pdbx_CC_star                     ? 
_reflns.pdbx_R_split                     ? 
# 
_reflns_shell.d_res_high                  2.188 
_reflns_shell.d_res_low                   2.31 
_reflns_shell.meanI_over_sigI_all         ? 
_reflns_shell.meanI_over_sigI_obs         2.6 
_reflns_shell.number_measured_all         ? 
_reflns_shell.number_measured_obs         ? 
_reflns_shell.number_possible             ? 
_reflns_shell.number_unique_all           ? 
_reflns_shell.number_unique_obs           1491 
_reflns_shell.percent_possible_all        99.9 
_reflns_shell.percent_possible_obs        ? 
_reflns_shell.Rmerge_F_all                ? 
_reflns_shell.Rmerge_F_obs                ? 
_reflns_shell.Rmerge_I_all                ? 
_reflns_shell.Rmerge_I_obs                1.034 
_reflns_shell.meanI_over_sigI_gt          ? 
_reflns_shell.meanI_over_uI_all           ? 
_reflns_shell.meanI_over_uI_gt            ? 
_reflns_shell.number_measured_gt          ? 
_reflns_shell.number_unique_gt            ? 
_reflns_shell.percent_possible_gt         ? 
_reflns_shell.Rmerge_F_gt                 ? 
_reflns_shell.Rmerge_I_gt                 ? 
_reflns_shell.pdbx_redundancy             13.6 
_reflns_shell.pdbx_Rsym_value             ? 
_reflns_shell.pdbx_chi_squared            ? 
_reflns_shell.pdbx_netI_over_sigmaI_all   ? 
_reflns_shell.pdbx_netI_over_sigmaI_obs   ? 
_reflns_shell.pdbx_Rrim_I_all             1.074 
_reflns_shell.pdbx_Rpim_I_all             0.288 
_reflns_shell.pdbx_rejects                ? 
_reflns_shell.pdbx_ordinal                1 
_reflns_shell.pdbx_diffrn_id              1 
_reflns_shell.pdbx_CC_half                0.938 
_reflns_shell.pdbx_CC_star                ? 
_reflns_shell.pdbx_R_split                ? 
# 
_refine.aniso_B[1][1]                            1.6500 
_refine.aniso_B[1][2]                            -0.0000 
_refine.aniso_B[1][3]                            0.0000 
_refine.aniso_B[2][2]                            1.6500 
_refine.aniso_B[2][3]                            -0.0000 
_refine.aniso_B[3][3]                            -3.2900 
_refine.B_iso_max                                139.720 
_refine.B_iso_mean                               61.3210 
_refine.B_iso_min                                35.770 
_refine.correlation_coeff_Fo_to_Fc               0.9550 
_refine.correlation_coeff_Fo_to_Fc_free          0.9430 
_refine.details                                  
'HYDROGENS HAVE BEEN ADDED IN THE RIDING POSITIONS U VALUES      : REFINED INDIVIDUALLY' 
_refine.diff_density_max                         ? 
_refine.diff_density_max_esd                     ? 
_refine.diff_density_min                         ? 
_refine.diff_density_min_esd                     ? 
_refine.diff_density_rms                         ? 
_refine.diff_density_rms_esd                     ? 
_refine.entry_id                                 6XZ3 
_refine.pdbx_refine_id                           'X-RAY DIFFRACTION' 
_refine.ls_abs_structure_details                 ? 
_refine.ls_abs_structure_Flack                   ? 
_refine.ls_abs_structure_Flack_esd               ? 
_refine.ls_abs_structure_Rogers                  ? 
_refine.ls_abs_structure_Rogers_esd              ? 
_refine.ls_d_res_high                            2.1900 
_refine.ls_d_res_low                             57.3600 
_refine.ls_extinction_coef                       ? 
_refine.ls_extinction_coef_esd                   ? 
_refine.ls_extinction_expression                 ? 
_refine.ls_extinction_method                     ? 
_refine.ls_goodness_of_fit_all                   ? 
_refine.ls_goodness_of_fit_all_esd               ? 
_refine.ls_goodness_of_fit_obs                   ? 
_refine.ls_goodness_of_fit_obs_esd               ? 
_refine.ls_hydrogen_treatment                    ? 
_refine.ls_matrix_type                           ? 
_refine.ls_number_constraints                    ? 
_refine.ls_number_parameters                     ? 
_refine.ls_number_reflns_all                     ? 
_refine.ls_number_reflns_obs                     9966 
_refine.ls_number_reflns_R_free                  523 
_refine.ls_number_reflns_R_work                  ? 
_refine.ls_number_restraints                     ? 
_refine.ls_percent_reflns_obs                    99.8400 
_refine.ls_percent_reflns_R_free                 5.0000 
_refine.ls_R_factor_all                          ? 
_refine.ls_R_factor_obs                          0.2152 
_refine.ls_R_factor_R_free                       0.2533 
_refine.ls_R_factor_R_free_error                 ? 
_refine.ls_R_factor_R_free_error_details         ? 
_refine.ls_R_factor_R_work                       0.2132 
_refine.ls_R_Fsqd_factor_obs                     ? 
_refine.ls_R_I_factor_obs                        ? 
_refine.ls_redundancy_reflns_all                 ? 
_refine.ls_redundancy_reflns_obs                 ? 
_refine.ls_restrained_S_all                      ? 
_refine.ls_restrained_S_obs                      ? 
_refine.ls_shift_over_esd_max                    ? 
_refine.ls_shift_over_esd_mean                   ? 
_refine.ls_structure_factor_coef                 ? 
_refine.ls_weighting_details                     ? 
_refine.ls_weighting_scheme                      ? 
_refine.ls_wR_factor_all                         ? 
_refine.ls_wR_factor_obs                         ? 
_refine.ls_wR_factor_R_free                      ? 
_refine.ls_wR_factor_R_work                      ? 
_refine.occupancy_max                            ? 
_refine.occupancy_min                            ? 
_refine.solvent_model_details                    ? 
_refine.solvent_model_param_bsol                 ? 
_refine.solvent_model_param_ksol                 ? 
_refine.pdbx_R_complete                          ? 
_refine.ls_R_factor_gt                           ? 
_refine.ls_goodness_of_fit_gt                    ? 
_refine.ls_goodness_of_fit_ref                   ? 
_refine.ls_shift_over_su_max                     ? 
_refine.ls_shift_over_su_max_lt                  ? 
_refine.ls_shift_over_su_mean                    ? 
_refine.ls_shift_over_su_mean_lt                 ? 
_refine.pdbx_ls_sigma_I                          ? 
_refine.pdbx_ls_sigma_F                          0.000 
_refine.pdbx_ls_sigma_Fsqd                       ? 
_refine.pdbx_data_cutoff_high_absF               ? 
_refine.pdbx_data_cutoff_high_rms_absF           ? 
_refine.pdbx_data_cutoff_low_absF                ? 
_refine.pdbx_isotropic_thermal_model             ? 
_refine.pdbx_ls_cross_valid_method               THROUGHOUT 
_refine.pdbx_method_to_determine_struct          'MOLECULAR REPLACEMENT' 
_refine.pdbx_starting_model                      2X0C 
_refine.pdbx_stereochemistry_target_values       ? 
_refine.pdbx_R_Free_selection_details            RANDOM 
_refine.pdbx_stereochem_target_val_spec_case     ? 
_refine.pdbx_overall_ESU_R                       0.1920 
_refine.pdbx_overall_ESU_R_Free                  0.1770 
_refine.pdbx_solvent_vdw_probe_radii             1.2000 
_refine.pdbx_solvent_ion_probe_radii             0.8000 
_refine.pdbx_solvent_shrinkage_radii             0.8000 
_refine.pdbx_real_space_R                        ? 
_refine.pdbx_density_correlation                 ? 
_refine.pdbx_pd_number_of_powder_patterns        ? 
_refine.pdbx_pd_number_of_points                 ? 
_refine.pdbx_pd_meas_number_of_points            ? 
_refine.pdbx_pd_proc_ls_prof_R_factor            ? 
_refine.pdbx_pd_proc_ls_prof_wR_factor           ? 
_refine.pdbx_pd_Marquardt_correlation_coeff      ? 
_refine.pdbx_pd_Fsqrd_R_factor                   ? 
_refine.pdbx_pd_ls_matrix_band_width             ? 
_refine.pdbx_overall_phase_error                 ? 
_refine.pdbx_overall_SU_R_free_Cruickshank_DPI   ? 
_refine.pdbx_overall_SU_R_free_Blow_DPI          ? 
_refine.pdbx_overall_SU_R_Blow_DPI               ? 
_refine.pdbx_TLS_residual_ADP_flag               ? 
_refine.pdbx_diffrn_id                           1 
_refine.overall_SU_B                             6.3400 
_refine.overall_SU_ML                            0.1510 
_refine.overall_SU_R_Cruickshank_DPI             ? 
_refine.overall_SU_R_free                        ? 
_refine.overall_FOM_free_R_set                   ? 
_refine.overall_FOM_work_R_set                   ? 
_refine.pdbx_average_fsc_overall                 ? 
_refine.pdbx_average_fsc_work                    ? 
_refine.pdbx_average_fsc_free                    ? 
# 
_refine_hist.pdbx_refine_id                   'X-RAY DIFFRACTION' 
_refine_hist.cycle_id                         final 
_refine_hist.details                          ? 
_refine_hist.d_res_high                       2.1900 
_refine_hist.d_res_low                        57.3600 
_refine_hist.number_atoms_solvent             41 
_refine_hist.number_atoms_total               983 
_refine_hist.number_reflns_all                ? 
_refine_hist.number_reflns_obs                ? 
_refine_hist.number_reflns_R_free             ? 
_refine_hist.number_reflns_R_work             ? 
_refine_hist.R_factor_all                     ? 
_refine_hist.R_factor_obs                     ? 
_refine_hist.R_factor_R_free                  ? 
_refine_hist.R_factor_R_work                  ? 
_refine_hist.pdbx_number_residues_total       123 
_refine_hist.pdbx_B_iso_mean_ligand           105.86 
_refine_hist.pdbx_B_iso_mean_solvent          66.60 
_refine_hist.pdbx_number_atoms_protein        938 
_refine_hist.pdbx_number_atoms_nucleic_acid   0 
_refine_hist.pdbx_number_atoms_ligand         4 
_refine_hist.pdbx_number_atoms_lipid          ? 
_refine_hist.pdbx_number_atoms_carb           ? 
_refine_hist.pdbx_pseudo_atom_details         ? 
# 
loop_
_refine_ls_restr.pdbx_refine_id 
_refine_ls_restr.criterion 
_refine_ls_restr.dev_ideal 
_refine_ls_restr.dev_ideal_target 
_refine_ls_restr.number 
_refine_ls_restr.rejects 
_refine_ls_restr.type 
_refine_ls_restr.weight 
_refine_ls_restr.pdbx_restraint_function 
'X-RAY DIFFRACTION' ? 0.009  0.013  953  ? r_bond_refined_d       ? ? 
'X-RAY DIFFRACTION' ? 0.001  0.017  933  ? r_bond_other_d         ? ? 
'X-RAY DIFFRACTION' ? 1.639  1.645  1283 ? r_angle_refined_deg    ? ? 
'X-RAY DIFFRACTION' ? 1.432  1.575  2149 ? r_angle_other_deg      ? ? 
'X-RAY DIFFRACTION' ? 5.829  5.000  122  ? r_dihedral_angle_1_deg ? ? 
'X-RAY DIFFRACTION' ? 23.829 19.020 51   ? r_dihedral_angle_2_deg ? ? 
'X-RAY DIFFRACTION' ? 16.721 15.000 170  ? r_dihedral_angle_3_deg ? ? 
'X-RAY DIFFRACTION' ? 23.056 15.000 12   ? r_dihedral_angle_4_deg ? ? 
'X-RAY DIFFRACTION' ? 0.078  0.200  124  ? r_chiral_restr         ? ? 
'X-RAY DIFFRACTION' ? 0.009  0.020  1063 ? r_gen_planes_refined   ? ? 
'X-RAY DIFFRACTION' ? 0.001  0.020  213  ? r_gen_planes_other     ? ? 
# 
_refine_ls_shell.pdbx_refine_id                   'X-RAY DIFFRACTION' 
_refine_ls_shell.d_res_high                       2.19 
_refine_ls_shell.d_res_low                        2.2450 
_refine_ls_shell.number_reflns_all                ? 
_refine_ls_shell.number_reflns_obs                ? 
_refine_ls_shell.number_reflns_R_free             35 
_refine_ls_shell.number_reflns_R_work             712 
_refine_ls_shell.percent_reflns_obs               100.0000 
_refine_ls_shell.percent_reflns_R_free            ? 
_refine_ls_shell.R_factor_all                     ? 
_refine_ls_shell.R_factor_obs                     ? 
_refine_ls_shell.R_factor_R_free                  0.3080 
_refine_ls_shell.R_factor_R_free_error            0.0000 
_refine_ls_shell.R_factor_R_work                  0.3130 
_refine_ls_shell.redundancy_reflns_all            ? 
_refine_ls_shell.redundancy_reflns_obs            ? 
_refine_ls_shell.wR_factor_all                    ? 
_refine_ls_shell.wR_factor_obs                    ? 
_refine_ls_shell.wR_factor_R_free                 ? 
_refine_ls_shell.wR_factor_R_work                 ? 
_refine_ls_shell.pdbx_R_complete                  ? 
_refine_ls_shell.pdbx_total_number_of_bins_used   ? 
_refine_ls_shell.pdbx_phase_error                 ? 
_refine_ls_shell.pdbx_fsc_work                    ? 
_refine_ls_shell.pdbx_fsc_free                    ? 
# 
_struct.entry_id                     6XZ3 
_struct.title                        'Crystal structure of TLNRD1 4-helix bundle' 
_struct.pdbx_model_details           ? 
_struct.pdbx_formula_weight          ? 
_struct.pdbx_formula_weight_method   ? 
_struct.pdbx_model_type_details      ? 
_struct.pdbx_CASP_flag               N 
# 
_struct_keywords.entry_id        6XZ3 
_struct_keywords.text            'Actin binding protein, Protein complex, 4-helix bundle, Cytoskeleton, CELL ADHESION' 
_struct_keywords.pdbx_keywords   'CELL ADHESION' 
# 
loop_
_struct_asym.id 
_struct_asym.pdbx_blank_PDB_chainid_flag 
_struct_asym.pdbx_modified 
_struct_asym.entity_id 
_struct_asym.details 
A N N 1 ? 
B N N 2 ? 
C N N 3 ? 
# 
_struct_ref.id                         1 
_struct_ref.db_name                    UNP 
_struct_ref.db_code                    TLRN1_HUMAN 
_struct_ref.pdbx_db_accession          Q9H1K6 
_struct_ref.pdbx_db_isoform            ? 
_struct_ref.entity_id                  1 
_struct_ref.pdbx_seq_one_letter_code   
;AQPGLVDRYRVTRCRHEVEQGCAVLRATPLADMTPQLLLEVSQGLSRNLKFLTDACALASDKSRDRFSREQFKLGVKCMS
TSASALLACVREVKVAPSELARSRCALFSGPLVQAVSALVGFATEPQFLGR
;
_struct_ref.pdbx_align_begin           143 
# 
_struct_ref_seq.align_id                      1 
_struct_ref_seq.ref_id                        1 
_struct_ref_seq.pdbx_PDB_id_code              6XZ3 
_struct_ref_seq.pdbx_strand_id                A 
_struct_ref_seq.seq_align_beg                 4 
_struct_ref_seq.pdbx_seq_align_beg_ins_code   ? 
_struct_ref_seq.seq_align_end                 134 
_struct_ref_seq.pdbx_seq_align_end_ins_code   ? 
_struct_ref_seq.pdbx_db_accession             Q9H1K6 
_struct_ref_seq.db_align_beg                  143 
_struct_ref_seq.pdbx_db_align_beg_ins_code    ? 
_struct_ref_seq.db_align_end                  273 
_struct_ref_seq.pdbx_db_align_end_ins_code    ? 
_struct_ref_seq.pdbx_auth_seq_align_beg       143 
_struct_ref_seq.pdbx_auth_seq_align_end       273 
# 
loop_
_struct_ref_seq_dif.align_id 
_struct_ref_seq_dif.pdbx_pdb_id_code 
_struct_ref_seq_dif.mon_id 
_struct_ref_seq_dif.pdbx_pdb_strand_id 
_struct_ref_seq_dif.seq_num 
_struct_ref_seq_dif.pdbx_pdb_ins_code 
_struct_ref_seq_dif.pdbx_seq_db_name 
_struct_ref_seq_dif.pdbx_seq_db_accession_code 
_struct_ref_seq_dif.db_mon_id 
_struct_ref_seq_dif.pdbx_seq_db_seq_num 
_struct_ref_seq_dif.details 
_struct_ref_seq_dif.pdbx_auth_seq_num 
_struct_ref_seq_dif.pdbx_ordinal 
1 6XZ3 GLY A 1 ? UNP Q9H1K6 ? ? 'expression tag' 140 1 
1 6XZ3 GLY A 2 ? UNP Q9H1K6 ? ? 'expression tag' 141 2 
1 6XZ3 SER A 3 ? UNP Q9H1K6 ? ? 'expression tag' 142 3 
# 
_pdbx_struct_assembly.id                   1 
_pdbx_struct_assembly.details              author_and_software_defined_assembly 
_pdbx_struct_assembly.method_details       PISA 
_pdbx_struct_assembly.oligomeric_details   dimeric 
_pdbx_struct_assembly.oligomeric_count     2 
# 
loop_
_pdbx_struct_assembly_prop.biol_id 
_pdbx_struct_assembly_prop.type 
_pdbx_struct_assembly_prop.value 
_pdbx_struct_assembly_prop.details 
1 'ABSA (A^2)' 2530  ? 
1 MORE         -23   ? 
1 'SSA (A^2)'  12330 ? 
# 
_pdbx_struct_assembly_gen.assembly_id       1 
_pdbx_struct_assembly_gen.oper_expression   1,2 
_pdbx_struct_assembly_gen.asym_id_list      A,B,C 
# 
_pdbx_struct_assembly_auth_evidence.id                     1 
_pdbx_struct_assembly_auth_evidence.assembly_id            1 
_pdbx_struct_assembly_auth_evidence.experimental_support   'gel filtration' 
_pdbx_struct_assembly_auth_evidence.details                ? 
# 
loop_
_pdbx_struct_oper_list.id 
_pdbx_struct_oper_list.type 
_pdbx_struct_oper_list.name 
_pdbx_struct_oper_list.symmetry_operation 
_pdbx_struct_oper_list.matrix[1][1] 
_pdbx_struct_oper_list.matrix[1][2] 
_pdbx_struct_oper_list.matrix[1][3] 
_pdbx_struct_oper_list.vector[1] 
_pdbx_struct_oper_list.matrix[2][1] 
_pdbx_struct_oper_list.matrix[2][2] 
_pdbx_struct_oper_list.matrix[2][3] 
_pdbx_struct_oper_list.vector[2] 
_pdbx_struct_oper_list.matrix[3][1] 
_pdbx_struct_oper_list.matrix[3][2] 
_pdbx_struct_oper_list.matrix[3][3] 
_pdbx_struct_oper_list.vector[3] 
1 'identity operation'         1_555 x,y,z              1.0000000000 0.0000000000  0.0000000000  0.0000000000 0.0000000000  1.0000000000  0.0000000000 0.0000000000  0.0000000000  0.0000000000 1.0000000000  0.0000000000 
2 'crystal symmetry operation' 7_545 y+1/2,x-1/2,-z+1/2 0.5321715137 -0.2973804067 -0.7926905915 7.8014676714 -0.2973804067 -0.9422811967 0.1538539572 14.5203105950 -0.7926905915 0.1538539572 -0.5898903170 9.6319178549 
# 
loop_
_struct_conf.conf_type_id 
_struct_conf.id 
_struct_conf.pdbx_PDB_helix_id 
_struct_conf.beg_label_comp_id 
_struct_conf.beg_label_asym_id 
_struct_conf.beg_label_seq_id 
_struct_conf.pdbx_beg_PDB_ins_code 
_struct_conf.end_label_comp_id 
_struct_conf.end_label_asym_id 
_struct_conf.end_label_seq_id 
_struct_conf.pdbx_end_PDB_ins_code 
_struct_conf.beg_auth_comp_id 
_struct_conf.beg_auth_asym_id 
_struct_conf.beg_auth_seq_id 
_struct_conf.end_auth_comp_id 
_struct_conf.end_auth_asym_id 
_struct_conf.end_auth_seq_id 
_struct_conf.pdbx_PDB_helix_class 
_struct_conf.details 
_struct_conf.pdbx_PDB_helix_length 
HELX_P HELX_P1 AA1 ASP A 10  ? THR A 31  ? ASP A 149 THR A 170 1 ? 22 
HELX_P HELX_P2 AA2 PRO A 32  ? MET A 36  ? PRO A 171 MET A 175 5 ? 5  
HELX_P HELX_P3 AA3 THR A 37  ? SER A 66  ? THR A 176 SER A 205 1 ? 30 
HELX_P HELX_P4 AA4 ASP A 68  ? ALA A 99  ? ASP A 207 ALA A 238 1 ? 32 
HELX_P HELX_P5 AA5 SER A 101 ? PHE A 111 ? SER A 240 PHE A 250 1 ? 11 
HELX_P HELX_P6 AA6 PHE A 111 ? THR A 127 ? PHE A 250 THR A 266 1 ? 17 
# 
_struct_conf_type.id          HELX_P 
_struct_conf_type.criteria    ? 
_struct_conf_type.reference   ? 
# 
_struct_site.id                   AC1 
_struct_site.pdbx_evidence_code   Software 
_struct_site.pdbx_auth_asym_id    A 
_struct_site.pdbx_auth_comp_id    EDO 
_struct_site.pdbx_auth_seq_id     301 
_struct_site.pdbx_auth_ins_code   ? 
_struct_site.pdbx_num_residues    3 
_struct_site.details              'binding site for residue EDO A 301' 
# 
loop_
_struct_site_gen.id 
_struct_site_gen.site_id 
_struct_site_gen.pdbx_num_res 
_struct_site_gen.label_comp_id 
_struct_site_gen.label_asym_id 
_struct_site_gen.label_seq_id 
_struct_site_gen.pdbx_auth_ins_code 
_struct_site_gen.auth_comp_id 
_struct_site_gen.auth_asym_id 
_struct_site_gen.auth_seq_id 
_struct_site_gen.label_atom_id 
_struct_site_gen.label_alt_id 
_struct_site_gen.symmetry 
_struct_site_gen.details 
1 AC1 3 ARG A 18 ? ARG A 157 . ? 1_555 ? 
2 AC1 3 HIS A 19 ? HIS A 158 . ? 1_555 ? 
3 AC1 3 GLU A 22 ? GLU A 161 . ? 1_555 ? 
# 
loop_
_pdbx_validate_torsion.id 
_pdbx_validate_torsion.PDB_model_num 
_pdbx_validate_torsion.auth_comp_id 
_pdbx_validate_torsion.auth_asym_id 
_pdbx_validate_torsion.auth_seq_id 
_pdbx_validate_torsion.PDB_ins_code 
_pdbx_validate_torsion.label_alt_id 
_pdbx_validate_torsion.phi 
_pdbx_validate_torsion.psi 
1 1 ALA A 238 ? ? -143.59 53.62 
2 1 GLN A 269 ? ? -170.48 40.27 
# 
_pdbx_struct_special_symmetry.id              1 
_pdbx_struct_special_symmetry.PDB_model_num   1 
_pdbx_struct_special_symmetry.auth_asym_id    A 
_pdbx_struct_special_symmetry.auth_comp_id    HOH 
_pdbx_struct_special_symmetry.auth_seq_id     429 
_pdbx_struct_special_symmetry.PDB_ins_code    ? 
_pdbx_struct_special_symmetry.label_asym_id   C 
_pdbx_struct_special_symmetry.label_comp_id   HOH 
_pdbx_struct_special_symmetry.label_seq_id    . 
# 
_pdbx_entry_details.entry_id                 6XZ3 
_pdbx_entry_details.has_ligand_of_interest   N 
_pdbx_entry_details.compound_details         ? 
_pdbx_entry_details.source_details           ? 
_pdbx_entry_details.nonpolymer_details       ? 
_pdbx_entry_details.sequence_details         ? 
# 
loop_
_pdbx_unobs_or_zero_occ_residues.id 
_pdbx_unobs_or_zero_occ_residues.PDB_model_num 
_pdbx_unobs_or_zero_occ_residues.polymer_flag 
_pdbx_unobs_or_zero_occ_residues.occupancy_flag 
_pdbx_unobs_or_zero_occ_residues.auth_asym_id 
_pdbx_unobs_or_zero_occ_residues.auth_comp_id 
_pdbx_unobs_or_zero_occ_residues.auth_seq_id 
_pdbx_unobs_or_zero_occ_residues.PDB_ins_code 
_pdbx_unobs_or_zero_occ_residues.label_asym_id 
_pdbx_unobs_or_zero_occ_residues.label_comp_id 
_pdbx_unobs_or_zero_occ_residues.label_seq_id 
1  1 Y 1 A GLY 140 ? A GLY 1   
2  1 Y 1 A GLY 141 ? A GLY 2   
3  1 Y 1 A SER 142 ? A SER 3   
4  1 Y 1 A ALA 143 ? A ALA 4   
5  1 Y 1 A GLN 144 ? A GLN 5   
6  1 Y 1 A PRO 145 ? A PRO 6   
7  1 Y 1 A GLY 146 ? A GLY 7   
8  1 Y 1 A LEU 147 ? A LEU 8   
9  1 Y 1 A LEU 271 ? A LEU 132 
10 1 Y 1 A GLY 272 ? A GLY 133 
11 1 Y 1 A ARG 273 ? A ARG 134 
# 
loop_
_chem_comp_atom.comp_id 
_chem_comp_atom.atom_id 
_chem_comp_atom.type_symbol 
_chem_comp_atom.pdbx_aromatic_flag 
_chem_comp_atom.pdbx_stereo_config 
_chem_comp_atom.pdbx_ordinal 
ALA N    N N N 1   
ALA CA   C N S 2   
ALA C    C N N 3   
ALA O    O N N 4   
ALA CB   C N N 5   
ALA OXT  O N N 6   
ALA H    H N N 7   
ALA H2   H N N 8   
ALA HA   H N N 9   
ALA HB1  H N N 10  
ALA HB2  H N N 11  
ALA HB3  H N N 12  
ALA HXT  H N N 13  
ARG N    N N N 14  
ARG CA   C N S 15  
ARG C    C N N 16  
ARG O    O N N 17  
ARG CB   C N N 18  
ARG CG   C N N 19  
ARG CD   C N N 20  
ARG NE   N N N 21  
ARG CZ   C N N 22  
ARG NH1  N N N 23  
ARG NH2  N N N 24  
ARG OXT  O N N 25  
ARG H    H N N 26  
ARG H2   H N N 27  
ARG HA   H N N 28  
ARG HB2  H N N 29  
ARG HB3  H N N 30  
ARG HG2  H N N 31  
ARG HG3  H N N 32  
ARG HD2  H N N 33  
ARG HD3  H N N 34  
ARG HE   H N N 35  
ARG HH11 H N N 36  
ARG HH12 H N N 37  
ARG HH21 H N N 38  
ARG HH22 H N N 39  
ARG HXT  H N N 40  
ASN N    N N N 41  
ASN CA   C N S 42  
ASN C    C N N 43  
ASN O    O N N 44  
ASN CB   C N N 45  
ASN CG   C N N 46  
ASN OD1  O N N 47  
ASN ND2  N N N 48  
ASN OXT  O N N 49  
ASN H    H N N 50  
ASN H2   H N N 51  
ASN HA   H N N 52  
ASN HB2  H N N 53  
ASN HB3  H N N 54  
ASN HD21 H N N 55  
ASN HD22 H N N 56  
ASN HXT  H N N 57  
ASP N    N N N 58  
ASP CA   C N S 59  
ASP C    C N N 60  
ASP O    O N N 61  
ASP CB   C N N 62  
ASP CG   C N N 63  
ASP OD1  O N N 64  
ASP OD2  O N N 65  
ASP OXT  O N N 66  
ASP H    H N N 67  
ASP H2   H N N 68  
ASP HA   H N N 69  
ASP HB2  H N N 70  
ASP HB3  H N N 71  
ASP HD2  H N N 72  
ASP HXT  H N N 73  
CYS N    N N N 74  
CYS CA   C N R 75  
CYS C    C N N 76  
CYS O    O N N 77  
CYS CB   C N N 78  
CYS SG   S N N 79  
CYS OXT  O N N 80  
CYS H    H N N 81  
CYS H2   H N N 82  
CYS HA   H N N 83  
CYS HB2  H N N 84  
CYS HB3  H N N 85  
CYS HG   H N N 86  
CYS HXT  H N N 87  
EDO C1   C N N 88  
EDO O1   O N N 89  
EDO C2   C N N 90  
EDO O2   O N N 91  
EDO H11  H N N 92  
EDO H12  H N N 93  
EDO HO1  H N N 94  
EDO H21  H N N 95  
EDO H22  H N N 96  
EDO HO2  H N N 97  
GLN N    N N N 98  
GLN CA   C N S 99  
GLN C    C N N 100 
GLN O    O N N 101 
GLN CB   C N N 102 
GLN CG   C N N 103 
GLN CD   C N N 104 
GLN OE1  O N N 105 
GLN NE2  N N N 106 
GLN OXT  O N N 107 
GLN H    H N N 108 
GLN H2   H N N 109 
GLN HA   H N N 110 
GLN HB2  H N N 111 
GLN HB3  H N N 112 
GLN HG2  H N N 113 
GLN HG3  H N N 114 
GLN HE21 H N N 115 
GLN HE22 H N N 116 
GLN HXT  H N N 117 
GLU N    N N N 118 
GLU CA   C N S 119 
GLU C    C N N 120 
GLU O    O N N 121 
GLU CB   C N N 122 
GLU CG   C N N 123 
GLU CD   C N N 124 
GLU OE1  O N N 125 
GLU OE2  O N N 126 
GLU OXT  O N N 127 
GLU H    H N N 128 
GLU H2   H N N 129 
GLU HA   H N N 130 
GLU HB2  H N N 131 
GLU HB3  H N N 132 
GLU HG2  H N N 133 
GLU HG3  H N N 134 
GLU HE2  H N N 135 
GLU HXT  H N N 136 
GLY N    N N N 137 
GLY CA   C N N 138 
GLY C    C N N 139 
GLY O    O N N 140 
GLY OXT  O N N 141 
GLY H    H N N 142 
GLY H2   H N N 143 
GLY HA2  H N N 144 
GLY HA3  H N N 145 
GLY HXT  H N N 146 
HIS N    N N N 147 
HIS CA   C N S 148 
HIS C    C N N 149 
HIS O    O N N 150 
HIS CB   C N N 151 
HIS CG   C Y N 152 
HIS ND1  N Y N 153 
HIS CD2  C Y N 154 
HIS CE1  C Y N 155 
HIS NE2  N Y N 156 
HIS OXT  O N N 157 
HIS H    H N N 158 
HIS H2   H N N 159 
HIS HA   H N N 160 
HIS HB2  H N N 161 
HIS HB3  H N N 162 
HIS HD1  H N N 163 
HIS HD2  H N N 164 
HIS HE1  H N N 165 
HIS HE2  H N N 166 
HIS HXT  H N N 167 
HOH O    O N N 168 
HOH H1   H N N 169 
HOH H2   H N N 170 
LEU N    N N N 171 
LEU CA   C N S 172 
LEU C    C N N 173 
LEU O    O N N 174 
LEU CB   C N N 175 
LEU CG   C N N 176 
LEU CD1  C N N 177 
LEU CD2  C N N 178 
LEU OXT  O N N 179 
LEU H    H N N 180 
LEU H2   H N N 181 
LEU HA   H N N 182 
LEU HB2  H N N 183 
LEU HB3  H N N 184 
LEU HG   H N N 185 
LEU HD11 H N N 186 
LEU HD12 H N N 187 
LEU HD13 H N N 188 
LEU HD21 H N N 189 
LEU HD22 H N N 190 
LEU HD23 H N N 191 
LEU HXT  H N N 192 
LYS N    N N N 193 
LYS CA   C N S 194 
LYS C    C N N 195 
LYS O    O N N 196 
LYS CB   C N N 197 
LYS CG   C N N 198 
LYS CD   C N N 199 
LYS CE   C N N 200 
LYS NZ   N N N 201 
LYS OXT  O N N 202 
LYS H    H N N 203 
LYS H2   H N N 204 
LYS HA   H N N 205 
LYS HB2  H N N 206 
LYS HB3  H N N 207 
LYS HG2  H N N 208 
LYS HG3  H N N 209 
LYS HD2  H N N 210 
LYS HD3  H N N 211 
LYS HE2  H N N 212 
LYS HE3  H N N 213 
LYS HZ1  H N N 214 
LYS HZ2  H N N 215 
LYS HZ3  H N N 216 
LYS HXT  H N N 217 
MET N    N N N 218 
MET CA   C N S 219 
MET C    C N N 220 
MET O    O N N 221 
MET CB   C N N 222 
MET CG   C N N 223 
MET SD   S N N 224 
MET CE   C N N 225 
MET OXT  O N N 226 
MET H    H N N 227 
MET H2   H N N 228 
MET HA   H N N 229 
MET HB2  H N N 230 
MET HB3  H N N 231 
MET HG2  H N N 232 
MET HG3  H N N 233 
MET HE1  H N N 234 
MET HE2  H N N 235 
MET HE3  H N N 236 
MET HXT  H N N 237 
PHE N    N N N 238 
PHE CA   C N S 239 
PHE C    C N N 240 
PHE O    O N N 241 
PHE CB   C N N 242 
PHE CG   C Y N 243 
PHE CD1  C Y N 244 
PHE CD2  C Y N 245 
PHE CE1  C Y N 246 
PHE CE2  C Y N 247 
PHE CZ   C Y N 248 
PHE OXT  O N N 249 
PHE H    H N N 250 
PHE H2   H N N 251 
PHE HA   H N N 252 
PHE HB2  H N N 253 
PHE HB3  H N N 254 
PHE HD1  H N N 255 
PHE HD2  H N N 256 
PHE HE1  H N N 257 
PHE HE2  H N N 258 
PHE HZ   H N N 259 
PHE HXT  H N N 260 
PRO N    N N N 261 
PRO CA   C N S 262 
PRO C    C N N 263 
PRO O    O N N 264 
PRO CB   C N N 265 
PRO CG   C N N 266 
PRO CD   C N N 267 
PRO OXT  O N N 268 
PRO H    H N N 269 
PRO HA   H N N 270 
PRO HB2  H N N 271 
PRO HB3  H N N 272 
PRO HG2  H N N 273 
PRO HG3  H N N 274 
PRO HD2  H N N 275 
PRO HD3  H N N 276 
PRO HXT  H N N 277 
SER N    N N N 278 
SER CA   C N S 279 
SER C    C N N 280 
SER O    O N N 281 
SER CB   C N N 282 
SER OG   O N N 283 
SER OXT  O N N 284 
SER H    H N N 285 
SER H2   H N N 286 
SER HA   H N N 287 
SER HB2  H N N 288 
SER HB3  H N N 289 
SER HG   H N N 290 
SER HXT  H N N 291 
THR N    N N N 292 
THR CA   C N S 293 
THR C    C N N 294 
THR O    O N N 295 
THR CB   C N R 296 
THR OG1  O N N 297 
THR CG2  C N N 298 
THR OXT  O N N 299 
THR H    H N N 300 
THR H2   H N N 301 
THR HA   H N N 302 
THR HB   H N N 303 
THR HG1  H N N 304 
THR HG21 H N N 305 
THR HG22 H N N 306 
THR HG23 H N N 307 
THR HXT  H N N 308 
TYR N    N N N 309 
TYR CA   C N S 310 
TYR C    C N N 311 
TYR O    O N N 312 
TYR CB   C N N 313 
TYR CG   C Y N 314 
TYR CD1  C Y N 315 
TYR CD2  C Y N 316 
TYR CE1  C Y N 317 
TYR CE2  C Y N 318 
TYR CZ   C Y N 319 
TYR OH   O N N 320 
TYR OXT  O N N 321 
TYR H    H N N 322 
TYR H2   H N N 323 
TYR HA   H N N 324 
TYR HB2  H N N 325 
TYR HB3  H N N 326 
TYR HD1  H N N 327 
TYR HD2  H N N 328 
TYR HE1  H N N 329 
TYR HE2  H N N 330 
TYR HH   H N N 331 
TYR HXT  H N N 332 
VAL N    N N N 333 
VAL CA   C N S 334 
VAL C    C N N 335 
VAL O    O N N 336 
VAL CB   C N N 337 
VAL CG1  C N N 338 
VAL CG2  C N N 339 
VAL OXT  O N N 340 
VAL H    H N N 341 
VAL H2   H N N 342 
VAL HA   H N N 343 
VAL HB   H N N 344 
VAL HG11 H N N 345 
VAL HG12 H N N 346 
VAL HG13 H N N 347 
VAL HG21 H N N 348 
VAL HG22 H N N 349 
VAL HG23 H N N 350 
VAL HXT  H N N 351 
# 
loop_
_chem_comp_bond.comp_id 
_chem_comp_bond.atom_id_1 
_chem_comp_bond.atom_id_2 
_chem_comp_bond.value_order 
_chem_comp_bond.pdbx_aromatic_flag 
_chem_comp_bond.pdbx_stereo_config 
_chem_comp_bond.pdbx_ordinal 
ALA N   CA   sing N N 1   
ALA N   H    sing N N 2   
ALA N   H2   sing N N 3   
ALA CA  C    sing N N 4   
ALA CA  CB   sing N N 5   
ALA CA  HA   sing N N 6   
ALA C   O    doub N N 7   
ALA C   OXT  sing N N 8   
ALA CB  HB1  sing N N 9   
ALA CB  HB2  sing N N 10  
ALA CB  HB3  sing N N 11  
ALA OXT HXT  sing N N 12  
ARG N   CA   sing N N 13  
ARG N   H    sing N N 14  
ARG N   H2   sing N N 15  
ARG CA  C    sing N N 16  
ARG CA  CB   sing N N 17  
ARG CA  HA   sing N N 18  
ARG C   O    doub N N 19  
ARG C   OXT  sing N N 20  
ARG CB  CG   sing N N 21  
ARG CB  HB2  sing N N 22  
ARG CB  HB3  sing N N 23  
ARG CG  CD   sing N N 24  
ARG CG  HG2  sing N N 25  
ARG CG  HG3  sing N N 26  
ARG CD  NE   sing N N 27  
ARG CD  HD2  sing N N 28  
ARG CD  HD3  sing N N 29  
ARG NE  CZ   sing N N 30  
ARG NE  HE   sing N N 31  
ARG CZ  NH1  sing N N 32  
ARG CZ  NH2  doub N N 33  
ARG NH1 HH11 sing N N 34  
ARG NH1 HH12 sing N N 35  
ARG NH2 HH21 sing N N 36  
ARG NH2 HH22 sing N N 37  
ARG OXT HXT  sing N N 38  
ASN N   CA   sing N N 39  
ASN N   H    sing N N 40  
ASN N   H2   sing N N 41  
ASN CA  C    sing N N 42  
ASN CA  CB   sing N N 43  
ASN CA  HA   sing N N 44  
ASN C   O    doub N N 45  
ASN C   OXT  sing N N 46  
ASN CB  CG   sing N N 47  
ASN CB  HB2  sing N N 48  
ASN CB  HB3  sing N N 49  
ASN CG  OD1  doub N N 50  
ASN CG  ND2  sing N N 51  
ASN ND2 HD21 sing N N 52  
ASN ND2 HD22 sing N N 53  
ASN OXT HXT  sing N N 54  
ASP N   CA   sing N N 55  
ASP N   H    sing N N 56  
ASP N   H2   sing N N 57  
ASP CA  C    sing N N 58  
ASP CA  CB   sing N N 59  
ASP CA  HA   sing N N 60  
ASP C   O    doub N N 61  
ASP C   OXT  sing N N 62  
ASP CB  CG   sing N N 63  
ASP CB  HB2  sing N N 64  
ASP CB  HB3  sing N N 65  
ASP CG  OD1  doub N N 66  
ASP CG  OD2  sing N N 67  
ASP OD2 HD2  sing N N 68  
ASP OXT HXT  sing N N 69  
CYS N   CA   sing N N 70  
CYS N   H    sing N N 71  
CYS N   H2   sing N N 72  
CYS CA  C    sing N N 73  
CYS CA  CB   sing N N 74  
CYS CA  HA   sing N N 75  
CYS C   O    doub N N 76  
CYS C   OXT  sing N N 77  
CYS CB  SG   sing N N 78  
CYS CB  HB2  sing N N 79  
CYS CB  HB3  sing N N 80  
CYS SG  HG   sing N N 81  
CYS OXT HXT  sing N N 82  
EDO C1  O1   sing N N 83  
EDO C1  C2   sing N N 84  
EDO C1  H11  sing N N 85  
EDO C1  H12  sing N N 86  
EDO O1  HO1  sing N N 87  
EDO C2  O2   sing N N 88  
EDO C2  H21  sing N N 89  
EDO C2  H22  sing N N 90  
EDO O2  HO2  sing N N 91  
GLN N   CA   sing N N 92  
GLN N   H    sing N N 93  
GLN N   H2   sing N N 94  
GLN CA  C    sing N N 95  
GLN CA  CB   sing N N 96  
GLN CA  HA   sing N N 97  
GLN C   O    doub N N 98  
GLN C   OXT  sing N N 99  
GLN CB  CG   sing N N 100 
GLN CB  HB2  sing N N 101 
GLN CB  HB3  sing N N 102 
GLN CG  CD   sing N N 103 
GLN CG  HG2  sing N N 104 
GLN CG  HG3  sing N N 105 
GLN CD  OE1  doub N N 106 
GLN CD  NE2  sing N N 107 
GLN NE2 HE21 sing N N 108 
GLN NE2 HE22 sing N N 109 
GLN OXT HXT  sing N N 110 
GLU N   CA   sing N N 111 
GLU N   H    sing N N 112 
GLU N   H2   sing N N 113 
GLU CA  C    sing N N 114 
GLU CA  CB   sing N N 115 
GLU CA  HA   sing N N 116 
GLU C   O    doub N N 117 
GLU C   OXT  sing N N 118 
GLU CB  CG   sing N N 119 
GLU CB  HB2  sing N N 120 
GLU CB  HB3  sing N N 121 
GLU CG  CD   sing N N 122 
GLU CG  HG2  sing N N 123 
GLU CG  HG3  sing N N 124 
GLU CD  OE1  doub N N 125 
GLU CD  OE2  sing N N 126 
GLU OE2 HE2  sing N N 127 
GLU OXT HXT  sing N N 128 
GLY N   CA   sing N N 129 
GLY N   H    sing N N 130 
GLY N   H2   sing N N 131 
GLY CA  C    sing N N 132 
GLY CA  HA2  sing N N 133 
GLY CA  HA3  sing N N 134 
GLY C   O    doub N N 135 
GLY C   OXT  sing N N 136 
GLY OXT HXT  sing N N 137 
HIS N   CA   sing N N 138 
HIS N   H    sing N N 139 
HIS N   H2   sing N N 140 
HIS CA  C    sing N N 141 
HIS CA  CB   sing N N 142 
HIS CA  HA   sing N N 143 
HIS C   O    doub N N 144 
HIS C   OXT  sing N N 145 
HIS CB  CG   sing N N 146 
HIS CB  HB2  sing N N 147 
HIS CB  HB3  sing N N 148 
HIS CG  ND1  sing Y N 149 
HIS CG  CD2  doub Y N 150 
HIS ND1 CE1  doub Y N 151 
HIS ND1 HD1  sing N N 152 
HIS CD2 NE2  sing Y N 153 
HIS CD2 HD2  sing N N 154 
HIS CE1 NE2  sing Y N 155 
HIS CE1 HE1  sing N N 156 
HIS NE2 HE2  sing N N 157 
HIS OXT HXT  sing N N 158 
HOH O   H1   sing N N 159 
HOH O   H2   sing N N 160 
LEU N   CA   sing N N 161 
LEU N   H    sing N N 162 
LEU N   H2   sing N N 163 
LEU CA  C    sing N N 164 
LEU CA  CB   sing N N 165 
LEU CA  HA   sing N N 166 
LEU C   O    doub N N 167 
LEU C   OXT  sing N N 168 
LEU CB  CG   sing N N 169 
LEU CB  HB2  sing N N 170 
LEU CB  HB3  sing N N 171 
LEU CG  CD1  sing N N 172 
LEU CG  CD2  sing N N 173 
LEU CG  HG   sing N N 174 
LEU CD1 HD11 sing N N 175 
LEU CD1 HD12 sing N N 176 
LEU CD1 HD13 sing N N 177 
LEU CD2 HD21 sing N N 178 
LEU CD2 HD22 sing N N 179 
LEU CD2 HD23 sing N N 180 
LEU OXT HXT  sing N N 181 
LYS N   CA   sing N N 182 
LYS N   H    sing N N 183 
LYS N   H2   sing N N 184 
LYS CA  C    sing N N 185 
LYS CA  CB   sing N N 186 
LYS CA  HA   sing N N 187 
LYS C   O    doub N N 188 
LYS C   OXT  sing N N 189 
LYS CB  CG   sing N N 190 
LYS CB  HB2  sing N N 191 
LYS CB  HB3  sing N N 192 
LYS CG  CD   sing N N 193 
LYS CG  HG2  sing N N 194 
LYS CG  HG3  sing N N 195 
LYS CD  CE   sing N N 196 
LYS CD  HD2  sing N N 197 
LYS CD  HD3  sing N N 198 
LYS CE  NZ   sing N N 199 
LYS CE  HE2  sing N N 200 
LYS CE  HE3  sing N N 201 
LYS NZ  HZ1  sing N N 202 
LYS NZ  HZ2  sing N N 203 
LYS NZ  HZ3  sing N N 204 
LYS OXT HXT  sing N N 205 
MET N   CA   sing N N 206 
MET N   H    sing N N 207 
MET N   H2   sing N N 208 
MET CA  C    sing N N 209 
MET CA  CB   sing N N 210 
MET CA  HA   sing N N 211 
MET C   O    doub N N 212 
MET C   OXT  sing N N 213 
MET CB  CG   sing N N 214 
MET CB  HB2  sing N N 215 
MET CB  HB3  sing N N 216 
MET CG  SD   sing N N 217 
MET CG  HG2  sing N N 218 
MET CG  HG3  sing N N 219 
MET SD  CE   sing N N 220 
MET CE  HE1  sing N N 221 
MET CE  HE2  sing N N 222 
MET CE  HE3  sing N N 223 
MET OXT HXT  sing N N 224 
PHE N   CA   sing N N 225 
PHE N   H    sing N N 226 
PHE N   H2   sing N N 227 
PHE CA  C    sing N N 228 
PHE CA  CB   sing N N 229 
PHE CA  HA   sing N N 230 
PHE C   O    doub N N 231 
PHE C   OXT  sing N N 232 
PHE CB  CG   sing N N 233 
PHE CB  HB2  sing N N 234 
PHE CB  HB3  sing N N 235 
PHE CG  CD1  doub Y N 236 
PHE CG  CD2  sing Y N 237 
PHE CD1 CE1  sing Y N 238 
PHE CD1 HD1  sing N N 239 
PHE CD2 CE2  doub Y N 240 
PHE CD2 HD2  sing N N 241 
PHE CE1 CZ   doub Y N 242 
PHE CE1 HE1  sing N N 243 
PHE CE2 CZ   sing Y N 244 
PHE CE2 HE2  sing N N 245 
PHE CZ  HZ   sing N N 246 
PHE OXT HXT  sing N N 247 
PRO N   CA   sing N N 248 
PRO N   CD   sing N N 249 
PRO N   H    sing N N 250 
PRO CA  C    sing N N 251 
PRO CA  CB   sing N N 252 
PRO CA  HA   sing N N 253 
PRO C   O    doub N N 254 
PRO C   OXT  sing N N 255 
PRO CB  CG   sing N N 256 
PRO CB  HB2  sing N N 257 
PRO CB  HB3  sing N N 258 
PRO CG  CD   sing N N 259 
PRO CG  HG2  sing N N 260 
PRO CG  HG3  sing N N 261 
PRO CD  HD2  sing N N 262 
PRO CD  HD3  sing N N 263 
PRO OXT HXT  sing N N 264 
SER N   CA   sing N N 265 
SER N   H    sing N N 266 
SER N   H2   sing N N 267 
SER CA  C    sing N N 268 
SER CA  CB   sing N N 269 
SER CA  HA   sing N N 270 
SER C   O    doub N N 271 
SER C   OXT  sing N N 272 
SER CB  OG   sing N N 273 
SER CB  HB2  sing N N 274 
SER CB  HB3  sing N N 275 
SER OG  HG   sing N N 276 
SER OXT HXT  sing N N 277 
THR N   CA   sing N N 278 
THR N   H    sing N N 279 
THR N   H2   sing N N 280 
THR CA  C    sing N N 281 
THR CA  CB   sing N N 282 
THR CA  HA   sing N N 283 
THR C   O    doub N N 284 
THR C   OXT  sing N N 285 
THR CB  OG1  sing N N 286 
THR CB  CG2  sing N N 287 
THR CB  HB   sing N N 288 
THR OG1 HG1  sing N N 289 
THR CG2 HG21 sing N N 290 
THR CG2 HG22 sing N N 291 
THR CG2 HG23 sing N N 292 
THR OXT HXT  sing N N 293 
TYR N   CA   sing N N 294 
TYR N   H    sing N N 295 
TYR N   H2   sing N N 296 
TYR CA  C    sing N N 297 
TYR CA  CB   sing N N 298 
TYR CA  HA   sing N N 299 
TYR C   O    doub N N 300 
TYR C   OXT  sing N N 301 
TYR CB  CG   sing N N 302 
TYR CB  HB2  sing N N 303 
TYR CB  HB3  sing N N 304 
TYR CG  CD1  doub Y N 305 
TYR CG  CD2  sing Y N 306 
TYR CD1 CE1  sing Y N 307 
TYR CD1 HD1  sing N N 308 
TYR CD2 CE2  doub Y N 309 
TYR CD2 HD2  sing N N 310 
TYR CE1 CZ   doub Y N 311 
TYR CE1 HE1  sing N N 312 
TYR CE2 CZ   sing Y N 313 
TYR CE2 HE2  sing N N 314 
TYR CZ  OH   sing N N 315 
TYR OH  HH   sing N N 316 
TYR OXT HXT  sing N N 317 
VAL N   CA   sing N N 318 
VAL N   H    sing N N 319 
VAL N   H2   sing N N 320 
VAL CA  C    sing N N 321 
VAL CA  CB   sing N N 322 
VAL CA  HA   sing N N 323 
VAL C   O    doub N N 324 
VAL C   OXT  sing N N 325 
VAL CB  CG1  sing N N 326 
VAL CB  CG2  sing N N 327 
VAL CB  HB   sing N N 328 
VAL CG1 HG11 sing N N 329 
VAL CG1 HG12 sing N N 330 
VAL CG1 HG13 sing N N 331 
VAL CG2 HG21 sing N N 332 
VAL CG2 HG22 sing N N 333 
VAL CG2 HG23 sing N N 334 
VAL OXT HXT  sing N N 335 
# 
loop_
_pdbx_audit_support.funding_organization 
_pdbx_audit_support.country 
_pdbx_audit_support.grant_number 
_pdbx_audit_support.ordinal 
'Biotechnology and Biological Sciences Research Council (BBSRC)' 'United Kingdom' BB/N007336/1  1 
'Human Frontier Science Program (HFSP)'                          ?                RGP00001/2016 2 
# 
_pdbx_initial_refinement_model.id               1 
_pdbx_initial_refinement_model.entity_id_list   ? 
_pdbx_initial_refinement_model.type             'experimental model' 
_pdbx_initial_refinement_model.source_name      PDB 
_pdbx_initial_refinement_model.accession_code   2X0C 
_pdbx_initial_refinement_model.details          ? 
# 
_atom_sites.entry_id                    6XZ3 
_atom_sites.Cartn_transf_matrix[1][1]   ? 
_atom_sites.Cartn_transf_matrix[1][2]   ? 
_atom_sites.Cartn_transf_matrix[1][3]   ? 
_atom_sites.Cartn_transf_matrix[2][1]   ? 
_atom_sites.Cartn_transf_matrix[2][2]   ? 
_atom_sites.Cartn_transf_matrix[2][3]   ? 
_atom_sites.Cartn_transf_matrix[3][1]   ? 
_atom_sites.Cartn_transf_matrix[3][2]   ? 
_atom_sites.Cartn_transf_matrix[3][3]   ? 
_atom_sites.Cartn_transf_vector[1]      ? 
_atom_sites.Cartn_transf_vector[2]      ? 
_atom_sites.Cartn_transf_vector[3]      ? 
_atom_sites.fract_transf_matrix[1][1]   0.00804964 
_atom_sites.fract_transf_matrix[1][2]   -0.00202418 
_atom_sites.fract_transf_matrix[1][3]   0.00269242 
_atom_sites.fract_transf_matrix[2][1]   0.00275149 
_atom_sites.fract_transf_matrix[2][2]   -0.00007222 
_atom_sites.fract_transf_matrix[2][3]   -0.00828053 
_atom_sites.fract_transf_matrix[3][1]   0.00374864 
_atom_sites.fract_transf_matrix[3][2]   0.01637422 
_atom_sites.fract_transf_matrix[3][3]   0.00110281 
_atom_sites.fract_transf_vector[1]      0.546577 
_atom_sites.fract_transf_vector[2]      0.105940 
_atom_sites.fract_transf_vector[3]      0.111189 
_atom_sites.solution_primary            ? 
_atom_sites.solution_secondary          ? 
_atom_sites.solution_hydrogens          ? 
_atom_sites.special_details             ? 
# 
loop_
_atom_type.symbol 
C 
N 
O 
S 
# 
loop_
_atom_site.group_PDB 
_atom_site.id 
_atom_site.type_symbol 
_atom_site.label_atom_id 
_atom_site.label_alt_id 
_atom_site.label_comp_id 
_atom_site.label_asym_id 
_atom_site.label_entity_id 
_atom_site.label_seq_id 
_atom_site.pdbx_PDB_ins_code 
_atom_site.Cartn_x 
_atom_site.Cartn_y 
_atom_site.Cartn_z 
_atom_site.occupancy 
_atom_site.B_iso_or_equiv 
_atom_site.pdbx_formal_charge 
_atom_site.auth_seq_id 
_atom_site.auth_comp_id 
_atom_site.auth_asym_id 
_atom_site.auth_atom_id 
_atom_site.pdbx_PDB_model_num 
ATOM   1   N N   . VAL A 1 9   ? -4.953  9.070   -16.111 1.00 94.45  ? 148 VAL A N   1 
ATOM   2   C CA  . VAL A 1 9   ? -5.036  7.741   -15.421 1.00 84.52  ? 148 VAL A CA  1 
ATOM   3   C C   . VAL A 1 9   ? -6.505  7.307   -15.373 1.00 86.96  ? 148 VAL A C   1 
ATOM   4   O O   . VAL A 1 9   ? -7.363  8.123   -15.747 1.00 95.72  ? 148 VAL A O   1 
ATOM   5   C CB  . VAL A 1 9   ? -4.430  7.775   -14.005 1.00 101.21 ? 148 VAL A CB  1 
ATOM   6   C CG1 . VAL A 1 9   ? -3.093  8.496   -13.973 1.00 102.00 ? 148 VAL A CG1 1 
ATOM   7   C CG2 . VAL A 1 9   ? -5.388  8.379   -12.983 1.00 104.78 ? 148 VAL A CG2 1 
ATOM   8   N N   . ASP A 1 10  ? -6.779  6.076   -14.926 1.00 76.91  ? 149 ASP A N   1 
ATOM   9   C CA  . ASP A 1 10  ? -8.150  5.502   -14.852 1.00 85.48  ? 149 ASP A CA  1 
ATOM   10  C C   . ASP A 1 10  ? -8.689  5.667   -13.420 1.00 90.06  ? 149 ASP A C   1 
ATOM   11  O O   . ASP A 1 10  ? -8.383  4.816   -12.562 1.00 82.48  ? 149 ASP A O   1 
ATOM   12  C CB  . ASP A 1 10  ? -8.150  4.041   -15.318 1.00 77.96  ? 149 ASP A CB  1 
ATOM   13  C CG  . ASP A 1 10  ? -9.436  3.281   -15.027 1.00 86.19  ? 149 ASP A CG  1 
ATOM   14  O OD1 . ASP A 1 10  ? -10.326 3.845   -14.348 1.00 89.80  ? 149 ASP A OD1 1 
ATOM   15  O OD2 . ASP A 1 10  ? -9.536  2.118   -15.465 1.00 91.32  ? 149 ASP A OD2 1 
ATOM   16  N N   . ARG A 1 11  ? -9.489  6.705   -13.170 1.00 83.58  ? 150 ARG A N   1 
ATOM   17  C CA  . ARG A 1 11  ? -10.085 6.962   -11.834 1.00 76.36  ? 150 ARG A CA  1 
ATOM   18  C C   . ARG A 1 11  ? -10.558 5.626   -11.221 1.00 83.52  ? 150 ARG A C   1 
ATOM   19  O O   . ARG A 1 11  ? -10.094 5.328   -10.115 1.00 81.22  ? 150 ARG A O   1 
ATOM   20  C CB  . ARG A 1 11  ? -11.194 8.015   -11.920 1.00 81.73  ? 150 ARG A CB  1 
ATOM   21  C CG  . ARG A 1 11  ? -12.125 8.014   -10.711 1.00 100.47 ? 150 ARG A CG  1 
ATOM   22  C CD  . ARG A 1 11  ? -13.374 8.848   -10.874 1.00 99.65  ? 150 ARG A CD  1 
ATOM   23  N NE  . ARG A 1 11  ? -13.107 10.221  -10.484 1.00 112.23 ? 150 ARG A NE  1 
ATOM   24  C CZ  . ARG A 1 11  ? -13.799 11.270  -10.903 1.00 114.62 ? 150 ARG A CZ  1 
ATOM   25  N NH1 . ARG A 1 11  ? -14.814 11.112  -11.738 1.00 119.25 ? 150 ARG A NH1 1 
ATOM   26  N NH2 . ARG A 1 11  ? -13.466 12.481  -10.495 1.00 111.43 ? 150 ARG A NH2 1 
ATOM   27  N N   . TYR A 1 12  ? -11.409 4.831   -11.895 1.00 84.37  ? 151 TYR A N   1 
ATOM   28  C CA  . TYR A 1 12  ? -12.108 3.645   -11.307 1.00 82.82  ? 151 TYR A CA  1 
ATOM   29  C C   . TYR A 1 12  ? -11.103 2.702   -10.633 1.00 87.25  ? 151 TYR A C   1 
ATOM   30  O O   . TYR A 1 12  ? -11.434 2.147   -9.542  1.00 77.19  ? 151 TYR A O   1 
ATOM   31  C CB  . TYR A 1 12  ? -12.903 2.809   -12.326 1.00 81.13  ? 151 TYR A CB  1 
ATOM   32  C CG  . TYR A 1 12  ? -13.459 1.508   -11.772 1.00 80.91  ? 151 TYR A CG  1 
ATOM   33  C CD1 . TYR A 1 12  ? -14.485 1.515   -10.832 1.00 89.14  ? 151 TYR A CD1 1 
ATOM   34  C CD2 . TYR A 1 12  ? -12.932 0.272   -12.137 1.00 74.45  ? 151 TYR A CD2 1 
ATOM   35  C CE1 . TYR A 1 12  ? -14.983 0.339   -10.290 1.00 89.23  ? 151 TYR A CE1 1 
ATOM   36  C CE2 . TYR A 1 12  ? -13.403 -0.912  -11.590 1.00 80.24  ? 151 TYR A CE2 1 
ATOM   37  C CZ  . TYR A 1 12  ? -14.441 -0.876  -10.671 1.00 89.00  ? 151 TYR A CZ  1 
ATOM   38  O OH  . TYR A 1 12  ? -14.937 -2.025  -10.129 1.00 92.73  ? 151 TYR A OH  1 
ATOM   39  N N   . ARG A 1 13  ? -9.948  2.480   -11.274 1.00 74.34  ? 152 ARG A N   1 
ATOM   40  C CA  . ARG A 1 13  ? -9.081  1.319   -10.967 1.00 83.52  ? 152 ARG A CA  1 
ATOM   41  C C   . ARG A 1 13  ? -8.015  1.719   -9.949  1.00 75.39  ? 152 ARG A C   1 
ATOM   42  O O   . ARG A 1 13  ? -7.646  0.840   -9.157  1.00 75.96  ? 152 ARG A O   1 
ATOM   43  C CB  . ARG A 1 13  ? -8.518  0.689   -12.248 1.00 95.18  ? 152 ARG A CB  1 
ATOM   44  C CG  . ARG A 1 13  ? -9.472  -0.328  -12.866 1.00 112.43 ? 152 ARG A CG  1 
ATOM   45  C CD  . ARG A 1 13  ? -8.898  -1.226  -13.955 1.00 125.28 ? 152 ARG A CD  1 
ATOM   46  N NE  . ARG A 1 13  ? -9.889  -1.446  -15.010 1.00 132.11 ? 152 ARG A NE  1 
ATOM   47  C CZ  . ARG A 1 13  ? -9.622  -1.803  -16.265 1.00 131.20 ? 152 ARG A CZ  1 
ATOM   48  N NH1 . ARG A 1 13  ? -8.375  -2.018  -16.658 1.00 139.72 ? 152 ARG A NH1 1 
ATOM   49  N NH2 . ARG A 1 13  ? -10.613 -1.940  -17.131 1.00 133.35 ? 152 ARG A NH2 1 
ATOM   50  N N   . VAL A 1 14  ? -7.530  2.966   -9.968  1.00 75.59  ? 153 VAL A N   1 
ATOM   51  C CA  . VAL A 1 14  ? -6.655  3.502   -8.879  1.00 68.94  ? 153 VAL A CA  1 
ATOM   52  C C   . VAL A 1 14  ? -7.476  3.540   -7.574  1.00 66.60  ? 153 VAL A C   1 
ATOM   53  O O   . VAL A 1 14  ? -6.966  3.049   -6.583  1.00 56.90  ? 153 VAL A O   1 
ATOM   54  C CB  . VAL A 1 14  ? -5.993  4.854   -9.213  1.00 66.37  ? 153 VAL A CB  1 
ATOM   55  C CG1 . VAL A 1 14  ? -4.831  4.695   -10.178 1.00 65.22  ? 153 VAL A CG1 1 
ATOM   56  C CG2 . VAL A 1 14  ? -6.978  5.881   -9.729  1.00 70.03  ? 153 VAL A CG2 1 
ATOM   57  N N   . THR A 1 15  ? -8.734  3.988   -7.589  1.00 61.85  ? 154 THR A N   1 
ATOM   58  C CA  . THR A 1 15  ? -9.650  3.934   -6.417  1.00 61.75  ? 154 THR A CA  1 
ATOM   59  C C   . THR A 1 15  ? -9.800  2.484   -5.922  1.00 67.99  ? 154 THR A C   1 
ATOM   60  O O   . THR A 1 15  ? -9.742  2.281   -4.695  1.00 64.62  ? 154 THR A O   1 
ATOM   61  C CB  . THR A 1 15  ? -10.962 4.652   -6.731  1.00 56.83  ? 154 THR A CB  1 
ATOM   62  O OG1 . THR A 1 15  ? -10.570 5.938   -7.206  1.00 58.10  ? 154 THR A OG1 1 
ATOM   63  C CG2 . THR A 1 15  ? -11.884 4.793   -5.541  1.00 57.96  ? 154 THR A CG2 1 
ATOM   64  N N   . ARG A 1 16  ? -9.926  1.498   -6.811  1.00 71.39  ? 155 ARG A N   1 
ATOM   65  C CA  . ARG A 1 16  ? -10.121 0.072   -6.412  1.00 69.87  ? 155 ARG A CA  1 
ATOM   66  C C   . ARG A 1 16  ? -8.849  -0.439  -5.718  1.00 62.45  ? 155 ARG A C   1 
ATOM   67  O O   . ARG A 1 16  ? -8.975  -1.149  -4.740  1.00 62.24  ? 155 ARG A O   1 
ATOM   68  C CB  . ARG A 1 16  ? -10.505 -0.814  -7.602  1.00 72.46  ? 155 ARG A CB  1 
ATOM   69  C CG  . ARG A 1 16  ? -10.920 -2.228  -7.215  1.00 81.11  ? 155 ARG A CG  1 
ATOM   70  C CD  . ARG A 1 16  ? -11.998 -2.831  -8.109  1.00 91.47  ? 155 ARG A CD  1 
ATOM   71  N NE  . ARG A 1 16  ? -11.963 -4.284  -7.979  1.00 97.24  ? 155 ARG A NE  1 
ATOM   72  C CZ  . ARG A 1 16  ? -11.145 -5.093  -8.655  1.00 104.75 ? 155 ARG A CZ  1 
ATOM   73  N NH1 . ARG A 1 16  ? -10.303 -4.606  -9.554  1.00 102.91 ? 155 ARG A NH1 1 
ATOM   74  N NH2 . ARG A 1 16  ? -11.173 -6.396  -8.431  1.00 102.24 ? 155 ARG A NH2 1 
ATOM   75  N N   . CYS A 1 17  ? -7.672  -0.053  -6.200  1.00 64.27  ? 156 CYS A N   1 
ATOM   76  C CA  . CYS A 1 17  ? -6.362  -0.326  -5.561  1.00 72.74  ? 156 CYS A CA  1 
ATOM   77  C C   . CYS A 1 17  ? -6.343  0.177   -4.122  1.00 63.89  ? 156 CYS A C   1 
ATOM   78  O O   . CYS A 1 17  ? -6.048  -0.617  -3.205  1.00 69.74  ? 156 CYS A O   1 
ATOM   79  C CB  . CYS A 1 17  ? -5.231  0.399   -6.270  1.00 74.67  ? 156 CYS A CB  1 
ATOM   80  S SG  . CYS A 1 17  ? -4.379  -0.681  -7.423  1.00 90.87  ? 156 CYS A SG  1 
ATOM   81  N N   . ARG A 1 18  ? -6.616  1.471   -3.968  1.00 52.42  ? 157 ARG A N   1 
ATOM   82  C CA  . ARG A 1 18  ? -6.670  2.149   -2.660  1.00 54.76  ? 157 ARG A CA  1 
ATOM   83  C C   . ARG A 1 18  ? -7.648  1.357   -1.777  1.00 48.83  ? 157 ARG A C   1 
ATOM   84  O O   . ARG A 1 18  ? -7.234  1.004   -0.672  1.00 49.00  ? 157 ARG A O   1 
ATOM   85  C CB  . ARG A 1 18  ? -7.002  3.636   -2.814  1.00 53.37  ? 157 ARG A CB  1 
ATOM   86  C CG  . ARG A 1 18  ? -7.286  4.295   -1.474  1.00 57.63  ? 157 ARG A CG  1 
ATOM   87  C CD  . ARG A 1 18  ? -7.574  5.781   -1.510  1.00 66.81  ? 157 ARG A CD  1 
ATOM   88  N NE  . ARG A 1 18  ? -8.835  6.108   -2.171  1.00 75.74  ? 157 ARG A NE  1 
ATOM   89  C CZ  . ARG A 1 18  ? -10.040 5.910   -1.652  1.00 76.10  ? 157 ARG A CZ  1 
ATOM   90  N NH1 . ARG A 1 18  ? -10.183 5.344   -0.464  1.00 74.86  ? 157 ARG A NH1 1 
ATOM   91  N NH2 . ARG A 1 18  ? -11.109 6.267   -2.342  1.00 76.49  ? 157 ARG A NH2 1 
ATOM   92  N N   . HIS A 1 19  ? -8.831  0.985   -2.271  1.00 47.39  ? 158 HIS A N   1 
ATOM   93  C CA  . HIS A 1 19  ? -9.824  0.209   -1.477  1.00 48.18  ? 158 HIS A CA  1 
ATOM   94  C C   . HIS A 1 19  ? -9.188  -1.121  -1.069  1.00 49.55  ? 158 HIS A C   1 
ATOM   95  O O   . HIS A 1 19  ? -9.412  -1.563  0.061   1.00 51.16  ? 158 HIS A O   1 
ATOM   96  C CB  . HIS A 1 19  ? -11.167 0.037   -2.202  1.00 55.30  ? 158 HIS A CB  1 
ATOM   97  C CG  . HIS A 1 19  ? -11.974 1.284   -2.353  1.00 66.29  ? 158 HIS A CG  1 
ATOM   98  N ND1 . HIS A 1 19  ? -12.072 2.248   -1.352  1.00 83.43  ? 158 HIS A ND1 1 
ATOM   99  C CD2 . HIS A 1 19  ? -12.758 1.718   -3.364  1.00 75.22  ? 158 HIS A CD2 1 
ATOM   100 C CE1 . HIS A 1 19  ? -12.868 3.224   -1.747  1.00 68.11  ? 158 HIS A CE1 1 
ATOM   101 N NE2 . HIS A 1 19  ? -13.293 2.922   -2.979  1.00 81.56  ? 158 HIS A NE2 1 
ATOM   102 N N   . GLU A 1 20  ? -8.363  -1.730  -1.913  1.00 46.25  ? 159 GLU A N   1 
ATOM   103 C CA  . GLU A 1 20  ? -7.886  -3.107  -1.643  1.00 48.16  ? 159 GLU A CA  1 
ATOM   104 C C   . GLU A 1 20  ? -6.750  -3.064  -0.618  1.00 44.37  ? 159 GLU A C   1 
ATOM   105 O O   . GLU A 1 20  ? -6.638  -3.992  0.204   1.00 44.33  ? 159 GLU A O   1 
ATOM   106 C CB  . GLU A 1 20  ? -7.507  -3.787  -2.953  1.00 54.46  ? 159 GLU A CB  1 
ATOM   107 C CG  . GLU A 1 20  ? -8.733  -4.303  -3.680  1.00 61.52  ? 159 GLU A CG  1 
ATOM   108 C CD  . GLU A 1 20  ? -8.442  -5.156  -4.895  1.00 68.11  ? 159 GLU A CD  1 
ATOM   109 O OE1 . GLU A 1 20  ? -7.425  -5.854  -4.881  1.00 79.05  ? 159 GLU A OE1 1 
ATOM   110 O OE2 . GLU A 1 20  ? -9.236  -5.116  -5.852  1.00 93.87  ? 159 GLU A OE2 1 
ATOM   111 N N   . VAL A 1 21  ? -5.969  -1.995  -0.628  1.00 43.75  ? 160 VAL A N   1 
ATOM   112 C CA  . VAL A 1 21  ? -4.879  -1.782  0.356   1.00 44.75  ? 160 VAL A CA  1 
ATOM   113 C C   . VAL A 1 21  ? -5.495  -1.518  1.730   1.00 44.62  ? 160 VAL A C   1 
ATOM   114 O O   . VAL A 1 21  ? -5.022  -2.124  2.704   1.00 46.42  ? 160 VAL A O   1 
ATOM   115 C CB  . VAL A 1 21  ? -3.983  -0.612  -0.063  1.00 47.36  ? 160 VAL A CB  1 
ATOM   116 C CG1 . VAL A 1 21  ? -2.997  -0.274  1.038   1.00 44.54  ? 160 VAL A CG1 1 
ATOM   117 C CG2 . VAL A 1 21  ? -3.291  -0.916  -1.380  1.00 50.72  ? 160 VAL A CG2 1 
ATOM   118 N N   . GLU A 1 22  ? -6.524  -0.668  1.791   1.00 42.82  ? 161 GLU A N   1 
ATOM   119 C CA  . GLU A 1 22  ? -7.298  -0.441  3.037   1.00 45.70  ? 161 GLU A CA  1 
ATOM   120 C C   . GLU A 1 22  ? -7.878  -1.775  3.487   1.00 41.44  ? 161 GLU A C   1 
ATOM   121 O O   . GLU A 1 22  ? -7.759  -2.070  4.686   1.00 48.63  ? 161 GLU A O   1 
ATOM   122 C CB  . GLU A 1 22  ? -8.406  0.574   2.815   1.00 51.61  ? 161 GLU A CB  1 
ATOM   123 C CG  . GLU A 1 22  ? -7.911  1.942   2.377   1.00 55.76  ? 161 GLU A CG  1 
ATOM   124 C CD  . GLU A 1 22  ? -8.999  2.880   1.851   1.00 62.70  ? 161 GLU A CD  1 
ATOM   125 O OE1 . GLU A 1 22  ? -10.083 2.400   1.440   1.00 75.04  ? 161 GLU A OE1 1 
ATOM   126 O OE2 . GLU A 1 22  ? -8.747  4.089   1.806   1.00 70.96  ? 161 GLU A OE2 1 
ATOM   127 N N   . GLN A 1 23  ? -8.399  -2.592  2.562   1.00 40.94  ? 162 GLN A N   1 
ATOM   128 C CA  . GLN A 1 23  ? -9.077  -3.864  2.940   1.00 41.96  ? 162 GLN A CA  1 
ATOM   129 C C   . GLN A 1 23  ? -8.004  -4.765  3.563   1.00 41.36  ? 162 GLN A C   1 
ATOM   130 O O   . GLN A 1 23  ? -8.260  -5.341  4.629   1.00 44.09  ? 162 GLN A O   1 
ATOM   131 C CB  . GLN A 1 23  ? -9.792  -4.507  1.746   1.00 45.06  ? 162 GLN A CB  1 
ATOM   132 C CG  . GLN A 1 23  ? -10.578 -5.785  2.079   1.00 48.53  ? 162 GLN A CG  1 
ATOM   133 C CD  . GLN A 1 23  ? -9.773  -7.069  2.188   1.00 65.52  ? 162 GLN A CD  1 
ATOM   134 O OE1 . GLN A 1 23  ? -8.645  -7.189  1.691   1.00 72.77  ? 162 GLN A OE1 1 
ATOM   135 N NE2 . GLN A 1 23  ? -10.370 -8.096  2.792   1.00 67.26  ? 162 GLN A NE2 1 
ATOM   136 N N   . GLY A 1 24  ? -6.853  -4.905  2.894   1.00 39.49  ? 163 GLY A N   1 
ATOM   137 C CA  . GLY A 1 24  ? -5.769  -5.795  3.352   1.00 40.22  ? 163 GLY A CA  1 
ATOM   138 C C   . GLY A 1 24  ? -5.193  -5.328  4.679   1.00 41.81  ? 163 GLY A C   1 
ATOM   139 O O   . GLY A 1 24  ? -4.939  -6.178  5.594   1.00 39.63  ? 163 GLY A O   1 
ATOM   140 N N   . CYS A 1 25  ? -5.049  -4.010  4.850   1.00 40.94  ? 164 CYS A N   1 
ATOM   141 C CA  . CYS A 1 25  ? -4.622  -3.468  6.162   1.00 43.06  ? 164 CYS A CA  1 
ATOM   142 C C   . CYS A 1 25  ? -5.687  -3.795  7.230   1.00 47.11  ? 164 CYS A C   1 
ATOM   143 O O   . CYS A 1 25  ? -5.328  -4.167  8.359   1.00 46.22  ? 164 CYS A O   1 
ATOM   144 C CB  . CYS A 1 25  ? -4.276  -1.998  6.003   1.00 44.38  ? 164 CYS A CB  1 
ATOM   145 S SG  . CYS A 1 25  ? -2.696  -1.849  5.115   1.00 48.01  ? 164 CYS A SG  1 
ATOM   146 N N   . ALA A 1 26  ? -6.966  -3.706  6.888   1.00 44.60  ? 165 ALA A N   1 
ATOM   147 C CA  . ALA A 1 26  ? -8.066  -4.008  7.823   1.00 44.98  ? 165 ALA A CA  1 
ATOM   148 C C   . ALA A 1 26  ? -7.965  -5.469  8.260   1.00 43.95  ? 165 ALA A C   1 
ATOM   149 O O   . ALA A 1 26  ? -8.230  -5.730  9.442   1.00 42.33  ? 165 ALA A O   1 
ATOM   150 C CB  . ALA A 1 26  ? -9.378  -3.699  7.161   1.00 47.78  ? 165 ALA A CB  1 
ATOM   151 N N   . VAL A 1 27  ? -7.524  -6.372  7.374   1.00 43.36  ? 166 VAL A N   1 
ATOM   152 C CA  . VAL A 1 27  ? -7.396  -7.818  7.740   1.00 44.49  ? 166 VAL A CA  1 
ATOM   153 C C   . VAL A 1 27  ? -6.390  -7.945  8.878   1.00 45.28  ? 166 VAL A C   1 
ATOM   154 O O   . VAL A 1 27  ? -6.686  -8.683  9.828   1.00 45.58  ? 166 VAL A O   1 
ATOM   155 C CB  . VAL A 1 27  ? -7.046  -8.729  6.555   1.00 44.04  ? 166 VAL A CB  1 
ATOM   156 C CG1 . VAL A 1 27  ? -6.883  -10.157 7.018   1.00 46.76  ? 166 VAL A CG1 1 
ATOM   157 C CG2 . VAL A 1 27  ? -8.133  -8.665  5.480   1.00 44.92  ? 166 VAL A CG2 1 
ATOM   158 N N   . LEU A 1 28  ? -5.319  -7.150  8.861   1.00 45.06  ? 167 LEU A N   1 
ATOM   159 C CA  . LEU A 1 28  ? -4.227  -7.271  9.868   1.00 45.21  ? 167 LEU A CA  1 
ATOM   160 C C   . LEU A 1 28  ? -4.673  -6.732  11.226  1.00 46.48  ? 167 LEU A C   1 
ATOM   161 O O   . LEU A 1 28  ? -4.081  -7.143  12.235  1.00 57.41  ? 167 LEU A O   1 
ATOM   162 C CB  . LEU A 1 28  ? -2.977  -6.538  9.383   1.00 45.38  ? 167 LEU A CB  1 
ATOM   163 C CG  . LEU A 1 28  ? -2.357  -7.109  8.118   1.00 49.11  ? 167 LEU A CG  1 
ATOM   164 C CD1 . LEU A 1 28  ? -1.228  -6.203  7.656   1.00 55.94  ? 167 LEU A CD1 1 
ATOM   165 C CD2 . LEU A 1 28  ? -1.872  -8.532  8.361   1.00 50.71  ? 167 LEU A CD2 1 
ATOM   166 N N   . ARG A 1 29  ? -5.639  -5.812  11.243  1.00 44.11  ? 168 ARG A N   1 
ATOM   167 C CA  . ARG A 1 29  ? -6.225  -5.255  12.485  1.00 44.51  ? 168 ARG A CA  1 
ATOM   168 C C   . ARG A 1 29  ? -7.376  -6.143  12.986  1.00 47.99  ? 168 ARG A C   1 
ATOM   169 O O   . ARG A 1 29  ? -7.539  -6.253  14.197  1.00 54.21  ? 168 ARG A O   1 
ATOM   170 C CB  . ARG A 1 29  ? -6.692  -3.826  12.215  1.00 46.80  ? 168 ARG A CB  1 
ATOM   171 C CG  . ARG A 1 29  ? -7.150  -3.083  13.468  1.00 57.62  ? 168 ARG A CG  1 
ATOM   172 C CD  . ARG A 1 29  ? -6.020  -2.897  14.466  1.00 65.18  ? 168 ARG A CD  1 
ATOM   173 N NE  . ARG A 1 29  ? -6.407  -2.429  15.796  1.00 70.88  ? 168 ARG A NE  1 
ATOM   174 C CZ  . ARG A 1 29  ? -6.913  -3.198  16.763  1.00 61.60  ? 168 ARG A CZ  1 
ATOM   175 N NH1 . ARG A 1 29  ? -7.154  -4.493  16.580  1.00 60.29  ? 168 ARG A NH1 1 
ATOM   176 N NH2 . ARG A 1 29  ? -7.179  -2.651  17.925  1.00 60.05  ? 168 ARG A NH2 1 
ATOM   177 N N   . ALA A 1 30  ? -8.177  -6.723  12.087  1.00 46.03  ? 169 ALA A N   1 
ATOM   178 C CA  . ALA A 1 30  ? -9.422  -7.460  12.417  1.00 52.55  ? 169 ALA A CA  1 
ATOM   179 C C   . ALA A 1 30  ? -9.085  -8.840  12.998  1.00 54.74  ? 169 ALA A C   1 
ATOM   180 O O   . ALA A 1 30  ? -9.832  -9.346  13.846  1.00 59.26  ? 169 ALA A O   1 
ATOM   181 C CB  . ALA A 1 30  ? -10.274 -7.585  11.161  1.00 50.01  ? 169 ALA A CB  1 
ATOM   182 N N   . THR A 1 31  ? -8.009  -9.452  12.512  1.00 54.18  ? 170 THR A N   1 
ATOM   183 C CA  . THR A 1 31  ? -7.707  -10.889 12.725  1.00 49.32  ? 170 THR A CA  1 
ATOM   184 C C   . THR A 1 31  ? -6.962  -11.086 14.038  1.00 47.30  ? 170 THR A C   1 
ATOM   185 O O   . THR A 1 31  ? -5.843  -10.597 14.174  1.00 44.80  ? 170 THR A O   1 
ATOM   186 C CB  . THR A 1 31  ? -6.779  -11.446 11.654  1.00 49.03  ? 170 THR A CB  1 
ATOM   187 O OG1 . THR A 1 31  ? -7.297  -11.084 10.377  1.00 49.51  ? 170 THR A OG1 1 
ATOM   188 C CG2 . THR A 1 31  ? -6.621  -12.945 11.784  1.00 55.08  ? 170 THR A CG2 1 
ATOM   189 N N   . PRO A 1 32  ? -7.531  -11.820 15.018  1.00 54.70  ? 171 PRO A N   1 
ATOM   190 C CA  . PRO A 1 32  ? -6.828  -12.087 16.278  1.00 55.23  ? 171 PRO A CA  1 
ATOM   191 C C   . PRO A 1 32  ? -5.519  -12.846 16.025  1.00 56.07  ? 171 PRO A C   1 
ATOM   192 O O   . PRO A 1 32  ? -5.419  -13.540 15.024  1.00 61.78  ? 171 PRO A O   1 
ATOM   193 C CB  . PRO A 1 32  ? -7.791  -12.947 17.121  1.00 65.83  ? 171 PRO A CB  1 
ATOM   194 C CG  . PRO A 1 32  ? -8.978  -13.285 16.218  1.00 64.96  ? 171 PRO A CG  1 
ATOM   195 C CD  . PRO A 1 32  ? -8.883  -12.407 14.979  1.00 63.25  ? 171 PRO A CD  1 
ATOM   196 N N   . LEU A 1 33  ? -4.535  -12.680 16.905  1.00 54.92  ? 172 LEU A N   1 
ATOM   197 C CA  . LEU A 1 33  ? -3.196  -13.333 16.806  1.00 56.92  ? 172 LEU A CA  1 
ATOM   198 C C   . LEU A 1 33  ? -3.335  -14.837 16.513  1.00 59.31  ? 172 LEU A C   1 
ATOM   199 O O   . LEU A 1 33  ? -2.645  -15.351 15.581  1.00 64.84  ? 172 LEU A O   1 
ATOM   200 C CB  . LEU A 1 33  ? -2.451  -13.093 18.120  1.00 65.41  ? 172 LEU A CB  1 
ATOM   201 C CG  . LEU A 1 33  ? -1.064  -13.716 18.197  1.00 62.26  ? 172 LEU A CG  1 
ATOM   202 C CD1 . LEU A 1 33  ? -0.143  -13.119 17.141  1.00 60.53  ? 172 LEU A CD1 1 
ATOM   203 C CD2 . LEU A 1 33  ? -0.486  -13.545 19.598  1.00 68.81  ? 172 LEU A CD2 1 
ATOM   204 N N   . ALA A 1 34  ? -4.204  -15.527 17.246  1.00 56.16  ? 173 ALA A N   1 
ATOM   205 C CA  . ALA A 1 34  ? -4.472  -16.975 17.062  1.00 66.69  ? 173 ALA A CA  1 
ATOM   206 C C   . ALA A 1 34  ? -4.766  -17.295 15.584  1.00 69.76  ? 173 ALA A C   1 
ATOM   207 O O   . ALA A 1 34  ? -4.234  -18.307 15.086  1.00 78.75  ? 173 ALA A O   1 
ATOM   208 C CB  . ALA A 1 34  ? -5.595  -17.412 17.982  1.00 73.73  ? 173 ALA A CB  1 
ATOM   209 N N   . ASP A 1 35  ? -5.509  -16.452 14.857  1.00 65.95  ? 174 ASP A N   1 
ATOM   210 C CA  . ASP A 1 35  ? -5.916  -16.771 13.455  1.00 60.88  ? 174 ASP A CA  1 
ATOM   211 C C   . ASP A 1 35  ? -4.937  -16.215 12.414  1.00 62.47  ? 174 ASP A C   1 
ATOM   212 O O   . ASP A 1 35  ? -5.210  -16.392 11.203  1.00 64.38  ? 174 ASP A O   1 
ATOM   213 C CB  . ASP A 1 35  ? -7.355  -16.322 13.211  1.00 64.62  ? 174 ASP A CB  1 
ATOM   214 C CG  . ASP A 1 35  ? -8.282  -16.981 14.219  1.00 74.06  ? 174 ASP A CG  1 
ATOM   215 O OD1 . ASP A 1 35  ? -8.028  -18.166 14.520  1.00 75.76  ? 174 ASP A OD1 1 
ATOM   216 O OD2 . ASP A 1 35  ? -9.208  -16.300 14.729  1.00 76.58  ? 174 ASP A OD2 1 
ATOM   217 N N   . MET A 1 36  ? -3.828  -15.599 12.832  1.00 59.34  ? 175 MET A N   1 
ATOM   218 C CA  . MET A 1 36  ? -2.828  -15.058 11.883  1.00 58.63  ? 175 MET A CA  1 
ATOM   219 C C   . MET A 1 36  ? -1.885  -16.176 11.458  1.00 59.45  ? 175 MET A C   1 
ATOM   220 O O   . MET A 1 36  ? -0.709  -16.130 11.794  1.00 63.05  ? 175 MET A O   1 
ATOM   221 C CB  . MET A 1 36  ? -2.029  -13.924 12.512  1.00 53.86  ? 175 MET A CB  1 
ATOM   222 C CG  . MET A 1 36  ? -2.894  -12.734 12.822  1.00 59.54  ? 175 MET A CG  1 
ATOM   223 S SD  . MET A 1 36  ? -1.889  -11.280 13.196  1.00 63.27  ? 175 MET A SD  1 
ATOM   224 C CE  . MET A 1 36  ? -2.921  -9.981  12.516  1.00 68.35  ? 175 MET A CE  1 
ATOM   225 N N   . THR A 1 37  ? -2.373  -17.113 10.657  1.00 61.54  ? 176 THR A N   1 
ATOM   226 C CA  . THR A 1 37  ? -1.540  -18.235 10.163  1.00 60.67  ? 176 THR A CA  1 
ATOM   227 C C   . THR A 1 37  ? -0.555  -17.721 9.120   1.00 61.11  ? 176 THR A C   1 
ATOM   228 O O   . THR A 1 37  ? -0.723  -16.651 8.529   1.00 63.17  ? 176 THR A O   1 
ATOM   229 C CB  . THR A 1 37  ? -2.406  -19.362 9.588   1.00 60.85  ? 176 THR A CB  1 
ATOM   230 O OG1 . THR A 1 37  ? -2.960  -18.889 8.355   1.00 60.04  ? 176 THR A OG1 1 
ATOM   231 C CG2 . THR A 1 37  ? -3.474  -19.812 10.562  1.00 53.79  ? 176 THR A CG2 1 
ATOM   232 N N   . PRO A 1 38  ? 0.501   -18.504 8.842   1.00 65.74  ? 177 PRO A N   1 
ATOM   233 C CA  . PRO A 1 38  ? 1.352   -18.259 7.681   1.00 64.19  ? 177 PRO A CA  1 
ATOM   234 C C   . PRO A 1 38  ? 0.563   -17.978 6.407   1.00 64.36  ? 177 PRO A C   1 
ATOM   235 O O   . PRO A 1 38  ? 0.917   -17.045 5.702   1.00 64.42  ? 177 PRO A O   1 
ATOM   236 C CB  . PRO A 1 38  ? 2.138   -19.572 7.605   1.00 65.08  ? 177 PRO A CB  1 
ATOM   237 C CG  . PRO A 1 38  ? 2.375   -19.880 9.068   1.00 60.28  ? 177 PRO A CG  1 
ATOM   238 C CD  . PRO A 1 38  ? 1.016   -19.594 9.695   1.00 67.13  ? 177 PRO A CD  1 
ATOM   239 N N   . GLN A 1 39  ? -0.494  -18.749 6.152   1.00 64.47  ? 178 GLN A N   1 
ATOM   240 C CA  . GLN A 1 39  ? -1.241  -18.610 4.873   1.00 64.74  ? 178 GLN A CA  1 
ATOM   241 C C   . GLN A 1 39  ? -2.033  -17.306 4.892   1.00 51.25  ? 178 GLN A C   1 
ATOM   242 O O   . GLN A 1 39  ? -2.107  -16.661 3.832   1.00 58.23  ? 178 GLN A O   1 
ATOM   243 C CB  . GLN A 1 39  ? -2.184  -19.779 4.569   1.00 68.27  ? 178 GLN A CB  1 
ATOM   244 C CG  . GLN A 1 39  ? -2.860  -19.668 3.187   1.00 77.34  ? 178 GLN A CG  1 
ATOM   245 C CD  . GLN A 1 39  ? -1.933  -19.696 1.981   1.00 82.67  ? 178 GLN A CD  1 
ATOM   246 O OE1 . GLN A 1 39  ? -0.870  -20.326 1.993   1.00 83.33  ? 178 GLN A OE1 1 
ATOM   247 N NE2 . GLN A 1 39  ? -2.335  -19.022 0.906   1.00 77.85  ? 178 GLN A NE2 1 
ATOM   248 N N   . LEU A 1 40  ? -2.681  -16.957 6.001   1.00 55.10  ? 179 LEU A N   1 
ATOM   249 C CA  . LEU A 1 40  ? -3.465  -15.694 6.019   1.00 55.00  ? 179 LEU A CA  1 
ATOM   250 C C   . LEU A 1 40  ? -2.484  -14.531 5.804   1.00 49.88  ? 179 LEU A C   1 
ATOM   251 O O   . LEU A 1 40  ? -2.710  -13.695 4.912   1.00 47.13  ? 179 LEU A O   1 
ATOM   252 C CB  . LEU A 1 40  ? -4.242  -15.566 7.326   1.00 55.87  ? 179 LEU A CB  1 
ATOM   253 C CG  . LEU A 1 40  ? -5.069  -14.282 7.408   1.00 61.23  ? 179 LEU A CG  1 
ATOM   254 C CD1 . LEU A 1 40  ? -6.326  -14.484 8.222   1.00 61.42  ? 179 LEU A CD1 1 
ATOM   255 C CD2 . LEU A 1 40  ? -4.249  -13.143 7.990   1.00 57.13  ? 179 LEU A CD2 1 
ATOM   256 N N   . LEU A 1 41  ? -1.354  -14.559 6.504   1.00 54.00  ? 180 LEU A N   1 
ATOM   257 C CA  . LEU A 1 41  ? -0.349  -13.470 6.432   1.00 58.24  ? 180 LEU A CA  1 
ATOM   258 C C   . LEU A 1 41  ? 0.219   -13.368 5.010   1.00 60.47  ? 180 LEU A C   1 
ATOM   259 O O   . LEU A 1 41  ? 0.398   -12.214 4.481   1.00 50.94  ? 180 LEU A O   1 
ATOM   260 C CB  . LEU A 1 41  ? 0.724   -13.760 7.479   1.00 54.50  ? 180 LEU A CB  1 
ATOM   261 C CG  . LEU A 1 41  ? 0.222   -13.611 8.908   1.00 55.60  ? 180 LEU A CG  1 
ATOM   262 C CD1 . LEU A 1 41  ? 1.370   -13.750 9.907   1.00 53.21  ? 180 LEU A CD1 1 
ATOM   263 C CD2 . LEU A 1 41  ? -0.486  -12.266 9.078   1.00 59.71  ? 180 LEU A CD2 1 
ATOM   264 N N   . LEU A 1 42  ? 0.388   -14.511 4.352   1.00 57.91  ? 181 LEU A N   1 
ATOM   265 C CA  . LEU A 1 42  ? 0.929   -14.536 2.979   1.00 52.44  ? 181 LEU A CA  1 
ATOM   266 C C   . LEU A 1 42  ? -0.097  -13.966 1.989   1.00 55.57  ? 181 LEU A C   1 
ATOM   267 O O   . LEU A 1 42  ? 0.303   -13.223 1.039   1.00 54.43  ? 181 LEU A O   1 
ATOM   268 C CB  . LEU A 1 42  ? 1.328   -15.979 2.654   1.00 64.34  ? 181 LEU A CB  1 
ATOM   269 C CG  . LEU A 1 42  ? 1.869   -16.212 1.237   1.00 73.23  ? 181 LEU A CG  1 
ATOM   270 C CD1 . LEU A 1 42  ? 3.209   -15.519 1.019   1.00 64.94  ? 181 LEU A CD1 1 
ATOM   271 C CD2 . LEU A 1 42  ? 1.976   -17.698 0.929   1.00 75.17  ? 181 LEU A CD2 1 
ATOM   272 N N   . GLU A 1 43  ? -1.377  -14.296 2.138   1.00 51.39  ? 182 GLU A N   1 
ATOM   273 C CA  . GLU A 1 43  ? -2.381  -13.805 1.164   1.00 64.93  ? 182 GLU A CA  1 
ATOM   274 C C   . GLU A 1 43  ? -2.444  -12.282 1.235   1.00 58.38  ? 182 GLU A C   1 
ATOM   275 O O   . GLU A 1 43  ? -2.608  -11.625 0.160   1.00 60.11  ? 182 GLU A O   1 
ATOM   276 C CB  . GLU A 1 43  ? -3.743  -14.420 1.434   1.00 64.97  ? 182 GLU A CB  1 
ATOM   277 C CG  . GLU A 1 43  ? -3.803  -15.843 0.962   1.00 79.87  ? 182 GLU A CG  1 
ATOM   278 C CD  . GLU A 1 43  ? -5.162  -16.449 1.217   1.00 87.14  ? 182 GLU A CD  1 
ATOM   279 O OE1 . GLU A 1 43  ? -6.161  -15.730 1.028   1.00 96.37  ? 182 GLU A OE1 1 
ATOM   280 O OE2 . GLU A 1 43  ? -5.210  -17.612 1.643   1.00 101.70 ? 182 GLU A OE2 1 
ATOM   281 N N   . VAL A 1 44  ? -2.322  -11.750 2.451   1.00 52.30  ? 183 VAL A N   1 
ATOM   282 C CA  . VAL A 1 44  ? -2.441  -10.287 2.705   1.00 49.97  ? 183 VAL A CA  1 
ATOM   283 C C   . VAL A 1 44  ? -1.239  -9.603  2.045   1.00 39.77  ? 183 VAL A C   1 
ATOM   284 O O   . VAL A 1 44  ? -1.476  -8.639  1.305   1.00 45.87  ? 183 VAL A O   1 
ATOM   285 C CB  . VAL A 1 44  ? -2.578  -9.965  4.213   1.00 51.95  ? 183 VAL A CB  1 
ATOM   286 C CG1 . VAL A 1 44  ? -2.448  -8.473  4.481   1.00 59.45  ? 183 VAL A CG1 1 
ATOM   287 C CG2 . VAL A 1 44  ? -3.887  -10.474 4.788   1.00 52.46  ? 183 VAL A CG2 1 
ATOM   288 N N   . SER A 1 45  ? -0.016  -10.097 2.255   1.00 44.46  ? 184 SER A N   1 
ATOM   289 C CA  . SER A 1 45  ? 1.237   -9.528  1.654   1.00 55.36  ? 184 SER A CA  1 
ATOM   290 C C   . SER A 1 45  ? 1.191   -9.535  0.131   1.00 56.58  ? 184 SER A C   1 
ATOM   291 O O   . SER A 1 45  ? 1.615   -8.530  -0.512  1.00 56.58  ? 184 SER A O   1 
ATOM   292 C CB  . SER A 1 45  ? 2.424   -10.275 2.111   1.00 53.48  ? 184 SER A CB  1 
ATOM   293 O OG  . SER A 1 45  ? 2.356   -10.363 3.517   1.00 56.17  ? 184 SER A OG  1 
ATOM   294 N N   . GLN A 1 46  ? 0.712   -10.647 -0.418  1.00 54.64  ? 185 GLN A N   1 
ATOM   295 C CA  . GLN A 1 46  ? 0.598   -10.835 -1.876  1.00 51.37  ? 185 GLN A CA  1 
ATOM   296 C C   . GLN A 1 46  ? -0.464  -9.896  -2.398  1.00 52.86  ? 185 GLN A C   1 
ATOM   297 O O   . GLN A 1 46  ? -0.275  -9.355  -3.513  1.00 55.06  ? 185 GLN A O   1 
ATOM   298 C CB  . GLN A 1 46  ? 0.233   -12.278 -2.201  1.00 57.64  ? 185 GLN A CB  1 
ATOM   299 C CG  . GLN A 1 46  ? 1.400   -13.216 -1.974  1.00 62.75  ? 185 GLN A CG  1 
ATOM   300 C CD  . GLN A 1 46  ? 0.998   -14.666 -2.094  1.00 77.94  ? 185 GLN A CD  1 
ATOM   301 O OE1 . GLN A 1 46  ? -0.111  -15.002 -2.523  1.00 68.60  ? 185 GLN A OE1 1 
ATOM   302 N NE2 . GLN A 1 46  ? 1.915   -15.535 -1.703  1.00 72.50  ? 185 GLN A NE2 1 
ATOM   303 N N   . GLY A 1 47  ? -1.574  -9.741  -1.668  1.00 46.84  ? 186 GLY A N   1 
ATOM   304 C CA  . GLY A 1 47  ? -2.626  -8.826  -2.160  1.00 46.45  ? 186 GLY A CA  1 
ATOM   305 C C   . GLY A 1 47  ? -2.120  -7.389  -2.122  1.00 46.20  ? 186 GLY A C   1 
ATOM   306 O O   . GLY A 1 47  ? -2.369  -6.645  -3.088  1.00 49.83  ? 186 GLY A O   1 
ATOM   307 N N   . LEU A 1 48  ? -1.375  -7.022  -1.070  1.00 45.34  ? 187 LEU A N   1 
ATOM   308 C CA  . LEU A 1 48  ? -0.771  -5.661  -0.952  1.00 48.74  ? 187 LEU A CA  1 
ATOM   309 C C   . LEU A 1 48  ? 0.231   -5.459  -2.101  1.00 49.64  ? 187 LEU A C   1 
ATOM   310 O O   . LEU A 1 48  ? -0.017  -4.559  -2.881  1.00 51.29  ? 187 LEU A O   1 
ATOM   311 C CB  . LEU A 1 48  ? -0.125  -5.459  0.422   1.00 42.48  ? 187 LEU A CB  1 
ATOM   312 C CG  . LEU A 1 48  ? -1.084  -5.379  1.620   1.00 49.95  ? 187 LEU A CG  1 
ATOM   313 C CD1 . LEU A 1 48  ? -0.309  -5.120  2.899   1.00 55.69  ? 187 LEU A CD1 1 
ATOM   314 C CD2 . LEU A 1 48  ? -2.166  -4.313  1.446   1.00 51.15  ? 187 LEU A CD2 1 
ATOM   315 N N   . SER A 1 49  ? 1.243   -6.320  -2.264  1.00 53.51  ? 188 SER A N   1 
ATOM   316 C CA  . SER A 1 49  ? 2.265   -6.228  -3.356  1.00 56.12  ? 188 SER A CA  1 
ATOM   317 C C   . SER A 1 49  ? 1.585   -6.171  -4.738  1.00 53.57  ? 188 SER A C   1 
ATOM   318 O O   . SER A 1 49  ? 1.895   -5.300  -5.558  1.00 58.53  ? 188 SER A O   1 
ATOM   319 C CB  . SER A 1 49  ? 3.251   -7.361  -3.245  1.00 56.84  ? 188 SER A CB  1 
ATOM   320 O OG  . SER A 1 49  ? 3.808   -7.407  -1.929  1.00 61.92  ? 188 SER A OG  1 
ATOM   321 N N   . ARG A 1 50  ? 0.562   -6.974  -4.969  1.00 54.52  ? 189 ARG A N   1 
ATOM   322 C CA  . ARG A 1 50  ? -0.209  -6.900  -6.233  1.00 58.61  ? 189 ARG A CA  1 
ATOM   323 C C   . ARG A 1 50  ? -0.672  -5.450  -6.418  1.00 61.60  ? 189 ARG A C   1 
ATOM   324 O O   . ARG A 1 50  ? -0.436  -4.865  -7.495  1.00 59.41  ? 189 ARG A O   1 
ATOM   325 C CB  . ARG A 1 50  ? -1.338  -7.942  -6.198  1.00 64.69  ? 189 ARG A CB  1 
ATOM   326 C CG  . ARG A 1 50  ? -2.042  -8.198  -7.524  1.00 69.51  ? 189 ARG A CG  1 
ATOM   327 C CD  . ARG A 1 50  ? -2.637  -9.605  -7.600  1.00 77.14  ? 189 ARG A CD  1 
ATOM   328 N NE  . ARG A 1 50  ? -3.519  -9.879  -6.463  1.00 88.75  ? 189 ARG A NE  1 
ATOM   329 C CZ  . ARG A 1 50  ? -3.267  -10.700 -5.425  1.00 88.63  ? 189 ARG A CZ  1 
ATOM   330 N NH1 . ARG A 1 50  ? -2.144  -11.398 -5.323  1.00 74.94  ? 189 ARG A NH1 1 
ATOM   331 N NH2 . ARG A 1 50  ? -4.171  -10.820 -4.468  1.00 86.03  ? 189 ARG A NH2 1 
ATOM   332 N N   . ASN A 1 51  ? -1.318  -4.869  -5.407  1.00 58.88  ? 190 ASN A N   1 
ATOM   333 C CA  . ASN A 1 51  ? -2.000  -3.558  -5.570  1.00 56.37  ? 190 ASN A CA  1 
ATOM   334 C C   . ASN A 1 51  ? -0.957  -2.449  -5.680  1.00 47.21  ? 190 ASN A C   1 
ATOM   335 O O   . ASN A 1 51  ? -1.169  -1.521  -6.442  1.00 49.35  ? 190 ASN A O   1 
ATOM   336 C CB  . ASN A 1 51  ? -3.027  -3.332  -4.462  1.00 69.62  ? 190 ASN A CB  1 
ATOM   337 C CG  . ASN A 1 51  ? -4.277  -4.135  -4.723  1.00 68.11  ? 190 ASN A CG  1 
ATOM   338 O OD1 . ASN A 1 51  ? -5.129  -3.707  -5.497  1.00 86.29  ? 190 ASN A OD1 1 
ATOM   339 N ND2 . ASN A 1 51  ? -4.353  -5.319  -4.149  1.00 62.93  ? 190 ASN A ND2 1 
ATOM   340 N N   . LEU A 1 52  ? 0.173   -2.579  -5.009  1.00 52.42  ? 191 LEU A N   1 
ATOM   341 C CA  . LEU A 1 52  ? 1.269   -1.580  -5.106  1.00 57.52  ? 191 LEU A CA  1 
ATOM   342 C C   . LEU A 1 52  ? 1.875   -1.605  -6.509  1.00 61.15  ? 191 LEU A C   1 
ATOM   343 O O   . LEU A 1 52  ? 2.196   -0.525  -7.033  1.00 56.95  ? 191 LEU A O   1 
ATOM   344 C CB  . LEU A 1 52  ? 2.329   -1.887  -4.043  1.00 64.03  ? 191 LEU A CB  1 
ATOM   345 C CG  . LEU A 1 52  ? 1.823   -1.858  -2.597  1.00 68.62  ? 191 LEU A CG  1 
ATOM   346 C CD1 . LEU A 1 52  ? 2.969   -1.978  -1.606  1.00 66.30  ? 191 LEU A CD1 1 
ATOM   347 C CD2 . LEU A 1 52  ? 0.997   -0.609  -2.307  1.00 65.49  ? 191 LEU A CD2 1 
ATOM   348 N N   . LYS A 1 53  ? 2.032   -2.798  -7.090  1.00 66.92  ? 192 LYS A N   1 
ATOM   349 C CA  . LYS A 1 53  ? 2.620   -2.958  -8.439  1.00 60.48  ? 192 LYS A CA  1 
ATOM   350 C C   . LYS A 1 53  ? 1.737   -2.197  -9.411  1.00 53.97  ? 192 LYS A C   1 
ATOM   351 O O   . LYS A 1 53  ? 2.258   -1.322  -10.143 1.00 57.42  ? 192 LYS A O   1 
ATOM   352 C CB  . LYS A 1 53  ? 2.768   -4.433  -8.833  1.00 65.84  ? 192 LYS A CB  1 
ATOM   353 C CG  . LYS A 1 53  ? 3.309   -4.641  -10.245 1.00 70.59  ? 192 LYS A CG  1 
ATOM   354 C CD  . LYS A 1 53  ? 4.277   -5.831  -10.408 1.00 79.86  ? 192 LYS A CD  1 
ATOM   355 C CE  . LYS A 1 53  ? 4.958   -5.896  -11.771 1.00 77.59  ? 192 LYS A CE  1 
ATOM   356 N NZ  . LYS A 1 53  ? 4.016   -5.636  -12.889 1.00 68.33  ? 192 LYS A NZ  1 
ATOM   357 N N   . PHE A 1 54  ? 0.438   -2.473  -9.377  1.00 49.74  ? 193 PHE A N   1 
ATOM   358 C CA  . PHE A 1 54  ? -0.538  -1.885  -10.320 1.00 55.51  ? 193 PHE A CA  1 
ATOM   359 C C   . PHE A 1 54  ? -0.478  -0.380  -10.201 1.00 61.49  ? 193 PHE A C   1 
ATOM   360 O O   . PHE A 1 54  ? -0.666  0.334   -11.202 1.00 61.20  ? 193 PHE A O   1 
ATOM   361 C CB  . PHE A 1 54  ? -1.981  -2.304  -10.025 1.00 64.22  ? 193 PHE A CB  1 
ATOM   362 C CG  . PHE A 1 54  ? -3.031  -1.689  -10.928 1.00 71.67  ? 193 PHE A CG  1 
ATOM   363 C CD1 . PHE A 1 54  ? -3.604  -0.454  -10.637 1.00 76.49  ? 193 PHE A CD1 1 
ATOM   364 C CD2 . PHE A 1 54  ? -3.477  -2.356  -12.061 1.00 78.28  ? 193 PHE A CD2 1 
ATOM   365 C CE1 . PHE A 1 54  ? -4.575  0.104   -11.460 1.00 74.59  ? 193 PHE A CE1 1 
ATOM   366 C CE2 . PHE A 1 54  ? -4.450  -1.797  -12.883 1.00 77.88  ? 193 PHE A CE2 1 
ATOM   367 C CZ  . PHE A 1 54  ? -4.999  -0.567  -12.583 1.00 77.53  ? 193 PHE A CZ  1 
ATOM   368 N N   . LEU A 1 55  ? -0.360  0.090   -8.966  1.00 60.15  ? 194 LEU A N   1 
ATOM   369 C CA  . LEU A 1 55  ? -0.473  1.538   -8.719  1.00 60.93  ? 194 LEU A CA  1 
ATOM   370 C C   . LEU A 1 55  ? 0.795   2.215   -9.245  1.00 47.24  ? 194 LEU A C   1 
ATOM   371 O O   . LEU A 1 55  ? 0.678   3.327   -9.777  1.00 45.48  ? 194 LEU A O   1 
ATOM   372 C CB  . LEU A 1 55  ? -0.674  1.765   -7.222  1.00 66.21  ? 194 LEU A CB  1 
ATOM   373 C CG  . LEU A 1 55  ? -1.407  3.044   -6.858  1.00 77.40  ? 194 LEU A CG  1 
ATOM   374 C CD1 . LEU A 1 55  ? -2.652  3.223   -7.711  1.00 87.62  ? 194 LEU A CD1 1 
ATOM   375 C CD2 . LEU A 1 55  ? -1.777  3.022   -5.385  1.00 88.13  ? 194 LEU A CD2 1 
ATOM   376 N N   . THR A 1 56  ? 1.956   1.606   -9.010  1.00 43.56  ? 195 THR A N   1 
ATOM   377 C CA  . THR A 1 56  ? 3.249   2.054   -9.560  1.00 49.72  ? 195 THR A CA  1 
ATOM   378 C C   . THR A 1 56  ? 3.189   2.033   -11.097 1.00 55.88  ? 195 THR A C   1 
ATOM   379 O O   . THR A 1 56  ? 3.688   2.983   -11.720 1.00 61.03  ? 195 THR A O   1 
ATOM   380 C CB  . THR A 1 56  ? 4.366   1.122   -9.112  1.00 56.85  ? 195 THR A CB  1 
ATOM   381 O OG1 . THR A 1 56  ? 4.404   1.151   -7.685  1.00 52.36  ? 195 THR A OG1 1 
ATOM   382 C CG2 . THR A 1 56  ? 5.702   1.505   -9.706  1.00 52.48  ? 195 THR A CG2 1 
ATOM   383 N N   . ASP A 1 57  ? 2.579   0.996   -11.683 1.00 56.59  ? 196 ASP A N   1 
ATOM   384 C CA  . ASP A 1 57  ? 2.430   0.852   -13.159 1.00 55.74  ? 196 ASP A CA  1 
ATOM   385 C C   . ASP A 1 57  ? 1.465   1.934   -13.630 1.00 53.86  ? 196 ASP A C   1 
ATOM   386 O O   . ASP A 1 57  ? 1.809   2.666   -14.563 1.00 58.59  ? 196 ASP A O   1 
ATOM   387 C CB  . ASP A 1 57  ? 2.080   -0.588  -13.565 1.00 52.79  ? 196 ASP A CB  1 
ATOM   388 C CG  . ASP A 1 57  ? 3.195   -1.564  -13.214 1.00 53.83  ? 196 ASP A CG  1 
ATOM   389 O OD1 . ASP A 1 57  ? 4.329   -1.097  -13.023 1.00 54.80  ? 196 ASP A OD1 1 
ATOM   390 O OD2 . ASP A 1 57  ? 2.922   -2.779  -13.044 1.00 62.11  ? 196 ASP A OD2 1 
ATOM   391 N N   . ALA A 1 58  ? 0.364   2.155   -12.922 1.00 54.08  ? 197 ALA A N   1 
ATOM   392 C CA  . ALA A 1 58  ? -0.668  3.139   -13.338 1.00 54.44  ? 197 ALA A CA  1 
ATOM   393 C C   . ALA A 1 58  ? -0.092  4.553   -13.353 1.00 56.06  ? 197 ALA A C   1 
ATOM   394 O O   . ALA A 1 58  ? -0.514  5.355   -14.217 1.00 67.09  ? 197 ALA A O   1 
ATOM   395 C CB  . ALA A 1 58  ? -1.867  3.048   -12.431 1.00 64.28  ? 197 ALA A CB  1 
ATOM   396 N N   . CYS A 1 59  ? 0.874   4.825   -12.469 1.00 58.57  ? 198 CYS A N   1 
ATOM   397 C CA  . CYS A 1 59  ? 1.484   6.162   -12.223 1.00 60.21  ? 198 CYS A CA  1 
ATOM   398 C C   . CYS A 1 59  ? 2.656   6.424   -13.187 1.00 62.28  ? 198 CYS A C   1 
ATOM   399 O O   . CYS A 1 59  ? 2.844   7.588   -13.546 1.00 58.41  ? 198 CYS A O   1 
ATOM   400 C CB  . CYS A 1 59  ? 1.914   6.279   -10.761 1.00 70.00  ? 198 CYS A CB  1 
ATOM   401 S SG  . CYS A 1 59  ? 0.513   6.566   -9.639  1.00 63.17  ? 198 CYS A SG  1 
ATOM   402 N N   . ALA A 1 60  ? 3.390   5.391   -13.616 1.00 54.86  ? 199 ALA A N   1 
ATOM   403 C CA  . ALA A 1 60  ? 4.492   5.495   -14.603 1.00 62.12  ? 199 ALA A CA  1 
ATOM   404 C C   . ALA A 1 60  ? 3.949   6.075   -15.915 1.00 62.50  ? 199 ALA A C   1 
ATOM   405 O O   . ALA A 1 60  ? 4.515   7.034   -16.436 1.00 62.96  ? 199 ALA A O   1 
ATOM   406 C CB  . ALA A 1 60  ? 5.099   4.138   -14.820 1.00 60.53  ? 199 ALA A CB  1 
ATOM   407 N N   . LEU A 1 61  ? 2.814   5.533   -16.339 1.00 68.92  ? 200 LEU A N   1 
ATOM   408 C CA  . LEU A 1 61  ? 2.016   5.928   -17.520 1.00 72.40  ? 200 LEU A CA  1 
ATOM   409 C C   . LEU A 1 61  ? 1.592   7.394   -17.435 1.00 81.70  ? 200 LEU A C   1 
ATOM   410 O O   . LEU A 1 61  ? 1.587   8.061   -18.484 1.00 90.07  ? 200 LEU A O   1 
ATOM   411 C CB  . LEU A 1 61  ? 0.778   5.022   -17.544 1.00 78.41  ? 200 LEU A CB  1 
ATOM   412 C CG  . LEU A 1 61  ? 0.244   4.634   -18.920 1.00 78.97  ? 200 LEU A CG  1 
ATOM   413 C CD1 . LEU A 1 61  ? 1.377   4.220   -19.859 1.00 83.19  ? 200 LEU A CD1 1 
ATOM   414 C CD2 . LEU A 1 61  ? -0.775  3.511   -18.790 1.00 68.74  ? 200 LEU A CD2 1 
ATOM   415 N N   . ALA A 1 62  ? 1.176   7.848   -16.252 1.00 79.63  ? 201 ALA A N   1 
ATOM   416 C CA  . ALA A 1 62  ? 0.654   9.220   -16.019 1.00 73.88  ? 201 ALA A CA  1 
ATOM   417 C C   . ALA A 1 62  ? 1.806   10.234  -16.066 1.00 62.98  ? 201 ALA A C   1 
ATOM   418 O O   . ALA A 1 62  ? 1.604   11.326  -16.622 1.00 74.30  ? 201 ALA A O   1 
ATOM   419 C CB  . ALA A 1 62  ? -0.087  9.277   -14.704 1.00 75.93  ? 201 ALA A CB  1 
ATOM   420 N N   . SER A 1 63  ? 2.939   9.876   -15.460 1.00 60.47  ? 202 SER A N   1 
ATOM   421 C CA  . SER A 1 63  ? 4.269   10.529  -15.558 1.00 53.88  ? 202 SER A CA  1 
ATOM   422 C C   . SER A 1 63  ? 4.597   10.731  -17.050 1.00 81.26  ? 202 SER A C   1 
ATOM   423 O O   . SER A 1 63  ? 4.985   11.858  -17.446 1.00 88.13  ? 202 SER A O   1 
ATOM   424 C CB  . SER A 1 63  ? 5.282   9.648   -14.857 1.00 54.22  ? 202 SER A CB  1 
ATOM   425 O OG  . SER A 1 63  ? 6.483   10.349  -14.554 1.00 76.69  ? 202 SER A OG  1 
ATOM   426 N N   . ASP A 1 64  ? 4.391   9.687   -17.867 1.00 74.13  ? 203 ASP A N   1 
ATOM   427 C CA  . ASP A 1 64  ? 4.689   9.696   -19.324 1.00 75.00  ? 203 ASP A CA  1 
ATOM   428 C C   . ASP A 1 64  ? 3.837   10.735  -20.071 1.00 75.50  ? 203 ASP A C   1 
ATOM   429 O O   . ASP A 1 64  ? 4.378   11.300  -21.006 1.00 82.41  ? 203 ASP A O   1 
ATOM   430 C CB  . ASP A 1 64  ? 4.535   8.299   -19.939 1.00 73.86  ? 203 ASP A CB  1 
ATOM   431 C CG  . ASP A 1 64  ? 5.487   7.250   -19.374 1.00 67.67  ? 203 ASP A CG  1 
ATOM   432 O OD1 . ASP A 1 64  ? 6.561   7.620   -18.829 1.00 63.92  ? 203 ASP A OD1 1 
ATOM   433 O OD2 . ASP A 1 64  ? 5.138   6.060   -19.464 1.00 74.69  ? 203 ASP A OD2 1 
ATOM   434 N N   . LYS A 1 65  ? 2.575   10.997  -19.699 1.00 86.99  ? 204 LYS A N   1 
ATOM   435 C CA  . LYS A 1 65  ? 1.707   12.029  -20.360 1.00 93.40  ? 204 LYS A CA  1 
ATOM   436 C C   . LYS A 1 65  ? 2.144   13.464  -19.992 1.00 101.20 ? 204 LYS A C   1 
ATOM   437 O O   . LYS A 1 65  ? 2.520   14.245  -20.904 1.00 113.59 ? 204 LYS A O   1 
ATOM   438 C CB  . LYS A 1 65  ? 0.242   11.892  -19.938 1.00 98.05  ? 204 LYS A CB  1 
ATOM   439 C CG  . LYS A 1 65  ? -0.509  10.650  -20.409 1.00 107.28 ? 204 LYS A CG  1 
ATOM   440 C CD  . LYS A 1 65  ? -1.662  10.242  -19.474 1.00 120.50 ? 204 LYS A CD  1 
ATOM   441 C CE  . LYS A 1 65  ? -2.479  11.399  -18.907 1.00 123.19 ? 204 LYS A CE  1 
ATOM   442 N NZ  . LYS A 1 65  ? -3.338  10.990  -17.764 1.00 125.25 ? 204 LYS A NZ  1 
ATOM   443 N N   . SER A 1 66  ? 2.048   13.823  -18.710 1.00 100.21 ? 205 SER A N   1 
ATOM   444 C CA  . SER A 1 66  ? 2.280   15.196  -18.188 1.00 102.30 ? 205 SER A CA  1 
ATOM   445 C C   . SER A 1 66  ? 3.548   15.800  -18.804 1.00 102.01 ? 205 SER A C   1 
ATOM   446 O O   . SER A 1 66  ? 4.661   15.209  -18.689 1.00 93.62  ? 205 SER A O   1 
ATOM   447 C CB  . SER A 1 66  ? 2.373   15.213  -16.681 1.00 97.89  ? 205 SER A CB  1 
ATOM   448 O OG  . SER A 1 66  ? 3.673   14.806  -16.254 1.00 88.63  ? 205 SER A OG  1 
ATOM   449 N N   . ARG A 1 67  ? 3.402   16.985  -19.381 1.00 99.92  ? 206 ARG A N   1 
ATOM   450 C CA  . ARG A 1 67  ? 4.560   17.806  -19.793 1.00 104.78 ? 206 ARG A CA  1 
ATOM   451 C C   . ARG A 1 67  ? 5.154   18.475  -18.534 1.00 96.45  ? 206 ARG A C   1 
ATOM   452 O O   . ARG A 1 67  ? 6.381   18.592  -18.473 1.00 85.72  ? 206 ARG A O   1 
ATOM   453 C CB  . ARG A 1 67  ? 4.097   18.678  -20.966 1.00 113.66 ? 206 ARG A CB  1 
ATOM   454 C CG  . ARG A 1 67  ? 3.709   17.857  -22.198 1.00 118.99 ? 206 ARG A CG  1 
ATOM   455 C CD  . ARG A 1 67  ? 2.278   18.081  -22.677 1.00 127.59 ? 206 ARG A CD  1 
ATOM   456 N NE  . ARG A 1 67  ? 2.124   19.420  -23.244 1.00 135.26 ? 206 ARG A NE  1 
ATOM   457 C CZ  . ARG A 1 67  ? 1.136   20.284  -22.977 1.00 134.65 ? 206 ARG A CZ  1 
ATOM   458 N NH1 . ARG A 1 67  ? 0.160   19.979  -22.136 1.00 131.94 ? 206 ARG A NH1 1 
ATOM   459 N NH2 . ARG A 1 67  ? 1.137   21.474  -23.555 1.00 134.21 ? 206 ARG A NH2 1 
ATOM   460 N N   . ASP A 1 68  ? 4.346   18.787  -17.508 1.00 103.11 ? 207 ASP A N   1 
ATOM   461 C CA  . ASP A 1 68  ? 4.807   19.460  -16.254 1.00 88.42  ? 207 ASP A CA  1 
ATOM   462 C C   . ASP A 1 68  ? 5.881   18.629  -15.536 1.00 77.39  ? 207 ASP A C   1 
ATOM   463 O O   . ASP A 1 68  ? 5.640   17.438  -15.283 1.00 87.75  ? 207 ASP A O   1 
ATOM   464 C CB  . ASP A 1 68  ? 3.673   19.708  -15.261 1.00 92.47  ? 207 ASP A CB  1 
ATOM   465 C CG  . ASP A 1 68  ? 4.201   20.104  -13.890 1.00 105.06 ? 207 ASP A CG  1 
ATOM   466 O OD1 . ASP A 1 68  ? 4.941   21.104  -13.821 1.00 121.28 ? 207 ASP A OD1 1 
ATOM   467 O OD2 . ASP A 1 68  ? 3.926   19.381  -12.910 1.00 97.58  ? 207 ASP A OD2 1 
ATOM   468 N N   . ARG A 1 69  ? 6.981   19.276  -15.138 1.00 64.00  ? 208 ARG A N   1 
ATOM   469 C CA  . ARG A 1 69  ? 8.184   18.667  -14.514 1.00 63.10  ? 208 ARG A CA  1 
ATOM   470 C C   . ARG A 1 69  ? 7.986   18.391  -13.010 1.00 81.34  ? 208 ARG A C   1 
ATOM   471 O O   . ARG A 1 69  ? 8.725   17.537  -12.436 1.00 71.47  ? 208 ARG A O   1 
ATOM   472 C CB  . ARG A 1 69  ? 9.334   19.647  -14.713 1.00 68.28  ? 208 ARG A CB  1 
ATOM   473 C CG  . ARG A 1 69  ? 10.483  19.503  -13.734 1.00 75.15  ? 208 ARG A CG  1 
ATOM   474 C CD  . ARG A 1 69  ? 11.593  20.429  -14.172 1.00 92.98  ? 208 ARG A CD  1 
ATOM   475 N NE  . ARG A 1 69  ? 12.800  19.635  -14.340 1.00 107.57 ? 208 ARG A NE  1 
ATOM   476 C CZ  . ARG A 1 69  ? 13.956  19.840  -13.719 1.00 109.51 ? 208 ARG A CZ  1 
ATOM   477 N NH1 . ARG A 1 69  ? 14.107  20.854  -12.882 1.00 112.73 ? 208 ARG A NH1 1 
ATOM   478 N NH2 . ARG A 1 69  ? 14.973  19.030  -13.961 1.00 113.97 ? 208 ARG A NH2 1 
ATOM   479 N N   . PHE A 1 70  ? 7.110   19.159  -12.353 1.00 85.31  ? 209 PHE A N   1 
ATOM   480 C CA  . PHE A 1 70  ? 6.793   18.998  -10.911 1.00 78.27  ? 209 PHE A CA  1 
ATOM   481 C C   . PHE A 1 70  ? 6.057   17.656  -10.752 1.00 65.34  ? 209 PHE A C   1 
ATOM   482 O O   . PHE A 1 70  ? 6.529   16.803  -9.968  1.00 73.08  ? 209 PHE A O   1 
ATOM   483 C CB  . PHE A 1 70  ? 5.993   20.186  -10.360 1.00 70.86  ? 209 PHE A CB  1 
ATOM   484 C CG  . PHE A 1 70  ? 5.280   19.823  -9.085  1.00 72.61  ? 209 PHE A CG  1 
ATOM   485 C CD1 . PHE A 1 70  ? 5.989   19.663  -7.904  1.00 69.46  ? 209 PHE A CD1 1 
ATOM   486 C CD2 . PHE A 1 70  ? 3.931   19.496  -9.099  1.00 71.15  ? 209 PHE A CD2 1 
ATOM   487 C CE1 . PHE A 1 70  ? 5.344   19.250  -6.749  1.00 70.94  ? 209 PHE A CE1 1 
ATOM   488 C CE2 . PHE A 1 70  ? 3.293   19.062  -7.947  1.00 68.85  ? 209 PHE A CE2 1 
ATOM   489 C CZ  . PHE A 1 70  ? 3.997   18.962  -6.771  1.00 65.37  ? 209 PHE A CZ  1 
ATOM   490 N N   . SER A 1 71  ? 4.967   17.489  -11.507 1.00 62.33  ? 210 SER A N   1 
ATOM   491 C CA  . SER A 1 71  ? 4.149   16.253  -11.603 1.00 70.50  ? 210 SER A CA  1 
ATOM   492 C C   . SER A 1 71  ? 5.055   15.035  -11.751 1.00 74.05  ? 210 SER A C   1 
ATOM   493 O O   . SER A 1 71  ? 4.934   14.106  -10.929 1.00 82.99  ? 210 SER A O   1 
ATOM   494 C CB  . SER A 1 71  ? 3.167   16.329  -12.721 1.00 61.90  ? 210 SER A CB  1 
ATOM   495 O OG  . SER A 1 71  ? 2.290   17.431  -12.538 1.00 58.85  ? 210 SER A OG  1 
ATOM   496 N N   . ARG A 1 72  ? 5.966   15.055  -12.720 1.00 72.95  ? 211 ARG A N   1 
ATOM   497 C CA  . ARG A 1 72  ? 6.812   13.869  -13.025 1.00 76.91  ? 211 ARG A CA  1 
ATOM   498 C C   . ARG A 1 72  ? 7.595   13.535  -11.748 1.00 63.23  ? 211 ARG A C   1 
ATOM   499 O O   . ARG A 1 72  ? 7.754   12.333  -11.389 1.00 59.93  ? 211 ARG A O   1 
ATOM   500 C CB  . ARG A 1 72  ? 7.701   14.106  -14.262 1.00 80.40  ? 211 ARG A CB  1 
ATOM   501 C CG  . ARG A 1 72  ? 6.968   14.038  -15.604 1.00 85.53  ? 211 ARG A CG  1 
ATOM   502 C CD  . ARG A 1 72  ? 7.848   14.108  -16.866 1.00 79.63  ? 211 ARG A CD  1 
ATOM   503 N NE  . ARG A 1 72  ? 8.023   15.479  -17.357 1.00 81.96  ? 211 ARG A NE  1 
ATOM   504 C CZ  . ARG A 1 72  ? 9.138   16.225  -17.229 1.00 84.04  ? 211 ARG A CZ  1 
ATOM   505 N NH1 . ARG A 1 72  ? 10.240  15.754  -16.652 1.00 78.40  ? 211 ARG A NH1 1 
ATOM   506 N NH2 . ARG A 1 72  ? 9.140   17.463  -17.692 1.00 78.90  ? 211 ARG A NH2 1 
ATOM   507 N N   . GLU A 1 73  ? 8.087   14.558  -11.069 1.00 63.20  ? 212 GLU A N   1 
ATOM   508 C CA  . GLU A 1 73  ? 8.906   14.345  -9.850  1.00 68.71  ? 212 GLU A CA  1 
ATOM   509 C C   . GLU A 1 73  ? 8.001   13.854  -8.694  1.00 58.88  ? 212 GLU A C   1 
ATOM   510 O O   . GLU A 1 73  ? 8.473   13.047  -7.848  1.00 60.08  ? 212 GLU A O   1 
ATOM   511 C CB  . GLU A 1 73  ? 9.675   15.633  -9.540  1.00 70.38  ? 212 GLU A CB  1 
ATOM   512 C CG  . GLU A 1 73  ? 10.612  15.510  -8.338  1.00 73.63  ? 212 GLU A CG  1 
ATOM   513 C CD  . GLU A 1 73  ? 11.599  14.358  -8.432  1.00 78.80  ? 212 GLU A CD  1 
ATOM   514 O OE1 . GLU A 1 73  ? 11.774  13.847  -9.553  1.00 79.03  ? 212 GLU A OE1 1 
ATOM   515 O OE2 . GLU A 1 73  ? 12.191  13.973  -7.393  1.00 79.41  ? 212 GLU A OE2 1 
ATOM   516 N N   . GLN A 1 74  ? 6.751   14.308  -8.661  1.00 52.88  ? 213 GLN A N   1 
ATOM   517 C CA  . GLN A 1 74  ? 5.817   14.041  -7.532  1.00 58.90  ? 213 GLN A CA  1 
ATOM   518 C C   . GLN A 1 74  ? 5.369   12.566  -7.599  1.00 59.51  ? 213 GLN A C   1 
ATOM   519 O O   . GLN A 1 74  ? 5.396   11.882  -6.560  1.00 57.77  ? 213 GLN A O   1 
ATOM   520 C CB  . GLN A 1 74  ? 4.657   15.047  -7.568  1.00 61.57  ? 213 GLN A CB  1 
ATOM   521 C CG  . GLN A 1 74  ? 3.944   15.221  -6.218  1.00 64.53  ? 213 GLN A CG  1 
ATOM   522 C CD  . GLN A 1 74  ? 4.907   15.452  -5.076  1.00 60.61  ? 213 GLN A CD  1 
ATOM   523 O OE1 . GLN A 1 74  ? 5.925   16.094  -5.225  1.00 63.39  ? 213 GLN A OE1 1 
ATOM   524 N NE2 . GLN A 1 74  ? 4.600   14.937  -3.900  1.00 56.86  ? 213 GLN A NE2 1 
ATOM   525 N N   . PHE A 1 75  ? 5.006   12.080  -8.787  1.00 60.95  ? 214 PHE A N   1 
ATOM   526 C CA  . PHE A 1 75  ? 4.838   10.629  -9.071  1.00 53.48  ? 214 PHE A CA  1 
ATOM   527 C C   . PHE A 1 75  ? 6.061   9.857   -8.571  1.00 58.55  ? 214 PHE A C   1 
ATOM   528 O O   . PHE A 1 75  ? 5.901   8.910   -7.800  1.00 59.03  ? 214 PHE A O   1 
ATOM   529 C CB  . PHE A 1 75  ? 4.577   10.405  -10.549 1.00 54.06  ? 214 PHE A CB  1 
ATOM   530 C CG  . PHE A 1 75  ? 3.226   10.868  -11.019 1.00 53.68  ? 214 PHE A CG  1 
ATOM   531 C CD1 . PHE A 1 75  ? 2.059   10.387  -10.437 1.00 49.73  ? 214 PHE A CD1 1 
ATOM   532 C CD2 . PHE A 1 75  ? 3.111   11.736  -12.101 1.00 57.59  ? 214 PHE A CD2 1 
ATOM   533 C CE1 . PHE A 1 75  ? 0.813   10.773  -10.911 1.00 49.38  ? 214 PHE A CE1 1 
ATOM   534 C CE2 . PHE A 1 75  ? 1.860   12.126  -12.573 1.00 55.87  ? 214 PHE A CE2 1 
ATOM   535 C CZ  . PHE A 1 75  ? 0.711   11.671  -11.955 1.00 55.70  ? 214 PHE A CZ  1 
ATOM   536 N N   . LYS A 1 76  ? 7.270   10.282  -8.904  1.00 61.54  ? 215 LYS A N   1 
ATOM   537 C CA  . LYS A 1 76  ? 8.475   9.559   -8.435  1.00 62.79  ? 215 LYS A CA  1 
ATOM   538 C C   . LYS A 1 76  ? 8.493   9.528   -6.908  1.00 62.43  ? 215 LYS A C   1 
ATOM   539 O O   . LYS A 1 76  ? 8.854   8.477   -6.342  1.00 63.66  ? 215 LYS A O   1 
ATOM   540 C CB  . LYS A 1 76  ? 9.768   10.211  -8.946  1.00 79.78  ? 215 LYS A CB  1 
ATOM   541 C CG  . LYS A 1 76  ? 10.412  9.537   -10.147 1.00 84.66  ? 215 LYS A CG  1 
ATOM   542 C CD  . LYS A 1 76  ? 9.570   9.642   -11.417 1.00 103.91 ? 215 LYS A CD  1 
ATOM   543 C CE  . LYS A 1 76  ? 10.238  9.021   -12.627 1.00 107.88 ? 215 LYS A CE  1 
ATOM   544 N NZ  . LYS A 1 76  ? 11.584  9.603   -12.857 1.00 110.89 ? 215 LYS A NZ  1 
ATOM   545 N N   . LEU A 1 77  ? 8.267   10.675  -6.257  1.00 67.06  ? 216 LEU A N   1 
ATOM   546 C CA  . LEU A 1 77  ? 8.400   10.780  -4.777  1.00 62.15  ? 216 LEU A CA  1 
ATOM   547 C C   . LEU A 1 77  ? 7.211   10.043  -4.154  1.00 50.93  ? 216 LEU A C   1 
ATOM   548 O O   . LEU A 1 77  ? 7.396   9.370   -3.137  1.00 51.11  ? 216 LEU A O   1 
ATOM   549 C CB  . LEU A 1 77  ? 8.422   12.252  -4.355  1.00 62.90  ? 216 LEU A CB  1 
ATOM   550 C CG  . LEU A 1 77  ? 9.643   13.036  -4.809  1.00 60.57  ? 216 LEU A CG  1 
ATOM   551 C CD1 . LEU A 1 77  ? 9.363   14.507  -4.747  1.00 60.00  ? 216 LEU A CD1 1 
ATOM   552 C CD2 . LEU A 1 77  ? 10.863  12.674  -3.978  1.00 56.93  ? 216 LEU A CD2 1 
ATOM   553 N N   . GLY A 1 78  ? 6.046   10.123  -4.794  1.00 48.10  ? 217 GLY A N   1 
ATOM   554 C CA  . GLY A 1 78  ? 4.817   9.453   -4.313  1.00 54.71  ? 217 GLY A CA  1 
ATOM   555 C C   . GLY A 1 78  ? 4.978   7.941   -4.313  1.00 55.37  ? 217 GLY A C   1 
ATOM   556 O O   . GLY A 1 78  ? 4.701   7.290   -3.290  1.00 52.96  ? 217 GLY A O   1 
ATOM   557 N N   . VAL A 1 79  ? 5.520   7.404   -5.404  1.00 54.20  ? 218 VAL A N   1 
ATOM   558 C CA  . VAL A 1 79  ? 5.759   5.949   -5.566  1.00 54.52  ? 218 VAL A CA  1 
ATOM   559 C C   . VAL A 1 79  ? 6.798   5.502   -4.557  1.00 54.89  ? 218 VAL A C   1 
ATOM   560 O O   . VAL A 1 79  ? 6.628   4.409   -3.983  1.00 60.89  ? 218 VAL A O   1 
ATOM   561 C CB  . VAL A 1 79  ? 6.172   5.604   -7.007  1.00 57.78  ? 218 VAL A CB  1 
ATOM   562 C CG1 . VAL A 1 79  ? 6.730   4.189   -7.089  1.00 57.97  ? 218 VAL A CG1 1 
ATOM   563 C CG2 . VAL A 1 79  ? 4.992   5.808   -7.964  1.00 51.08  ? 218 VAL A CG2 1 
ATOM   564 N N   . LYS A 1 80  ? 7.857   6.286   -4.370  1.00 54.34  ? 219 LYS A N   1 
ATOM   565 C CA  . LYS A 1 80  ? 8.948   5.891   -3.437  1.00 56.02  ? 219 LYS A CA  1 
ATOM   566 C C   . LYS A 1 80  ? 8.419   5.867   -1.992  1.00 55.62  ? 219 LYS A C   1 
ATOM   567 O O   . LYS A 1 80  ? 8.842   5.010   -1.191  1.00 55.38  ? 219 LYS A O   1 
ATOM   568 C CB  . LYS A 1 80  ? 10.132  6.855   -3.593  1.00 69.91  ? 219 LYS A CB  1 
ATOM   569 C CG  . LYS A 1 80  ? 11.363  6.517   -2.754  1.00 73.00  ? 219 LYS A CG  1 
ATOM   570 C CD  . LYS A 1 80  ? 11.999  5.165   -3.054  1.00 76.13  ? 219 LYS A CD  1 
ATOM   571 C CE  . LYS A 1 80  ? 13.164  4.867   -2.134  1.00 80.38  ? 219 LYS A CE  1 
ATOM   572 N NZ  . LYS A 1 80  ? 13.879  3.639   -2.546  1.00 87.16  ? 219 LYS A NZ  1 
ATOM   573 N N   . CYS A 1 81  ? 7.567   6.829   -1.640  1.00 55.42  ? 220 CYS A N   1 
ATOM   574 C CA  . CYS A 1 81  ? 6.958   6.898   -0.290  1.00 61.62  ? 220 CYS A CA  1 
ATOM   575 C C   . CYS A 1 81  ? 6.107   5.630   -0.099  1.00 51.52  ? 220 CYS A C   1 
ATOM   576 O O   . CYS A 1 81  ? 6.245   4.923   0.900   1.00 50.87  ? 220 CYS A O   1 
ATOM   577 C CB  . CYS A 1 81  ? 6.177   8.201   -0.132  1.00 59.53  ? 220 CYS A CB  1 
ATOM   578 S SG  . CYS A 1 81  ? 5.354   8.241   1.471   1.00 73.38  ? 220 CYS A SG  1 
ATOM   579 N N   . MET A 1 82  ? 5.328   5.285   -1.111  1.00 47.73  ? 221 MET A N   1 
ATOM   580 C CA  . MET A 1 82  ? 4.514   4.051   -1.113  1.00 51.66  ? 221 MET A CA  1 
ATOM   581 C C   . MET A 1 82  ? 5.387   2.798   -0.928  1.00 53.68  ? 221 MET A C   1 
ATOM   582 O O   . MET A 1 82  ? 5.093   1.950   -0.028  1.00 48.11  ? 221 MET A O   1 
ATOM   583 C CB  . MET A 1 82  ? 3.737   4.018   -2.422  1.00 54.75  ? 221 MET A CB  1 
ATOM   584 C CG  . MET A 1 82  ? 2.831   2.841   -2.513  1.00 60.58  ? 221 MET A CG  1 
ATOM   585 S SD  . MET A 1 82  ? 1.743   3.013   -3.894  1.00 62.10  ? 221 MET A SD  1 
ATOM   586 C CE  . MET A 1 82  ? 2.877   2.496   -5.188  1.00 63.04  ? 221 MET A CE  1 
ATOM   587 N N   . SER A 1 83  ? 6.498   2.697   -1.657  1.00 58.62  ? 222 SER A N   1 
ATOM   588 C CA  . SER A 1 83  ? 7.343   1.475   -1.653  1.00 54.66  ? 222 SER A CA  1 
ATOM   589 C C   . SER A 1 83  ? 8.101   1.376   -0.327  1.00 49.66  ? 222 SER A C   1 
ATOM   590 O O   . SER A 1 83  ? 8.217   0.263   0.195   1.00 52.16  ? 222 SER A O   1 
ATOM   591 C CB  . SER A 1 83  ? 8.243   1.429   -2.875  1.00 63.51  ? 222 SER A CB  1 
ATOM   592 O OG  . SER A 1 83  ? 9.471   2.091   -2.611  1.00 77.48  ? 222 SER A OG  1 
ATOM   593 N N   . THR A 1 84  ? 8.524   2.482   0.292   1.00 50.13  ? 223 THR A N   1 
ATOM   594 C CA  . THR A 1 84  ? 9.204   2.437   1.627   1.00 51.44  ? 223 THR A CA  1 
ATOM   595 C C   . THR A 1 84  ? 8.189   2.149   2.743   1.00 45.32  ? 223 THR A C   1 
ATOM   596 O O   . THR A 1 84  ? 8.526   1.428   3.667   1.00 49.96  ? 223 THR A O   1 
ATOM   597 C CB  . THR A 1 84  ? 9.995   3.725   1.926   1.00 53.80  ? 223 THR A CB  1 
ATOM   598 O OG1 . THR A 1 84  ? 9.108   4.840   1.944   1.00 55.86  ? 223 THR A OG1 1 
ATOM   599 C CG2 . THR A 1 84  ? 11.021  4.014   0.863   1.00 60.73  ? 223 THR A CG2 1 
ATOM   600 N N   . SER A 1 85  ? 6.991   2.719   2.699   1.00 47.06  ? 224 SER A N   1 
ATOM   601 C CA  . SER A 1 85  ? 5.881   2.339   3.622   1.00 46.00  ? 224 SER A CA  1 
ATOM   602 C C   . SER A 1 85  ? 5.630   0.823   3.550   1.00 39.12  ? 224 SER A C   1 
ATOM   603 O O   . SER A 1 85  ? 5.457   0.194   4.597   1.00 46.29  ? 224 SER A O   1 
ATOM   604 C CB  . SER A 1 85  ? 4.575   3.047   3.254   1.00 43.83  ? 224 SER A CB  1 
ATOM   605 O OG  . SER A 1 85  ? 4.695   4.442   3.406   1.00 66.20  ? 224 SER A OG  1 
ATOM   606 N N   . ALA A 1 86  ? 5.447   0.293   2.340   1.00 45.95  ? 225 ALA A N   1 
ATOM   607 C CA  . ALA A 1 86  ? 5.165   -1.146  2.080   1.00 46.94  ? 225 ALA A CA  1 
ATOM   608 C C   . ALA A 1 86  ? 6.216   -2.024  2.757   1.00 48.38  ? 225 ALA A C   1 
ATOM   609 O O   . ALA A 1 86  ? 5.834   -3.001  3.447   1.00 50.01  ? 225 ALA A O   1 
ATOM   610 C CB  . ALA A 1 86  ? 5.135   -1.382  0.596   1.00 51.57  ? 225 ALA A CB  1 
ATOM   611 N N   . SER A 1 87  ? 7.493   -1.646  2.663   1.00 51.89  ? 226 SER A N   1 
ATOM   612 C CA  . SER A 1 87  ? 8.626   -2.467  3.181   1.00 50.92  ? 226 SER A CA  1 
ATOM   613 C C   . SER A 1 87  ? 8.574   -2.478  4.692   1.00 48.30  ? 226 SER A C   1 
ATOM   614 O O   . SER A 1 87  ? 8.802   -3.552  5.290   1.00 58.13  ? 226 SER A O   1 
ATOM   615 C CB  . SER A 1 87  ? 9.966   -1.985  2.698   1.00 50.46  ? 226 SER A CB  1 
ATOM   616 O OG  . SER A 1 87  ? 9.886   -1.754  1.310   1.00 54.54  ? 226 SER A OG  1 
ATOM   617 N N   . ALA A 1 88  ? 8.326   -1.329  5.307   1.00 47.02  ? 227 ALA A N   1 
ATOM   618 C CA  . ALA A 1 88  ? 8.225   -1.255  6.792   1.00 49.34  ? 227 ALA A CA  1 
ATOM   619 C C   . ALA A 1 88  ? 7.075   -2.155  7.319   1.00 43.53  ? 227 ALA A C   1 
ATOM   620 O O   . ALA A 1 88  ? 7.175   -2.798  8.437   1.00 48.10  ? 227 ALA A O   1 
ATOM   621 C CB  . ALA A 1 88  ? 8.041   0.193   7.180   1.00 52.15  ? 227 ALA A CB  1 
ATOM   622 N N   . LEU A 1 89  ? 5.965   -2.180  6.585   1.00 47.20  ? 228 LEU A N   1 
ATOM   623 C CA  . LEU A 1 89  ? 4.770   -2.974  7.002   1.00 50.37  ? 228 LEU A CA  1 
ATOM   624 C C   . LEU A 1 89  ? 5.079   -4.470  6.839   1.00 45.33  ? 228 LEU A C   1 
ATOM   625 O O   . LEU A 1 89  ? 4.843   -5.250  7.822   1.00 49.60  ? 228 LEU A O   1 
ATOM   626 C CB  . LEU A 1 89  ? 3.558   -2.533  6.164   1.00 50.59  ? 228 LEU A CB  1 
ATOM   627 C CG  . LEU A 1 89  ? 2.283   -3.359  6.358   1.00 44.88  ? 228 LEU A CG  1 
ATOM   628 C CD1 . LEU A 1 89  ? 1.944   -3.461  7.811   1.00 40.81  ? 228 LEU A CD1 1 
ATOM   629 C CD2 . LEU A 1 89  ? 1.115   -2.771  5.586   1.00 48.66  ? 228 LEU A CD2 1 
ATOM   630 N N   . LEU A 1 90  ? 5.622   -4.843  5.673   1.00 47.26  ? 229 LEU A N   1 
ATOM   631 C CA  . LEU A 1 90  ? 5.867   -6.271  5.287   1.00 54.83  ? 229 LEU A CA  1 
ATOM   632 C C   . LEU A 1 90  ? 6.896   -6.871  6.222   1.00 54.14  ? 229 LEU A C   1 
ATOM   633 O O   . LEU A 1 90  ? 6.755   -8.043  6.527   1.00 60.57  ? 229 LEU A O   1 
ATOM   634 C CB  . LEU A 1 90  ? 6.271   -6.402  3.814   1.00 57.96  ? 229 LEU A CB  1 
ATOM   635 C CG  . LEU A 1 90  ? 5.114   -6.215  2.826   1.00 58.89  ? 229 LEU A CG  1 
ATOM   636 C CD1 . LEU A 1 90  ? 5.517   -6.531  1.396   1.00 66.03  ? 229 LEU A CD1 1 
ATOM   637 C CD2 . LEU A 1 90  ? 3.935   -7.075  3.213   1.00 61.50  ? 229 LEU A CD2 1 
ATOM   638 N N   . ALA A 1 91  ? 7.804   -6.074  6.782   1.00 50.18  ? 230 ALA A N   1 
ATOM   639 C CA  . ALA A 1 91  ? 8.744   -6.597  7.800   1.00 50.77  ? 230 ALA A CA  1 
ATOM   640 C C   . ALA A 1 91  ? 7.987   -6.885  9.090   1.00 52.60  ? 230 ALA A C   1 
ATOM   641 O O   . ALA A 1 91  ? 8.315   -7.877  9.767   1.00 59.33  ? 230 ALA A O   1 
ATOM   642 C CB  . ALA A 1 91  ? 9.896   -5.647  8.036   1.00 54.51  ? 230 ALA A CB  1 
ATOM   643 N N   . CYS A 1 92  ? 7.031   -6.048  9.484   1.00 56.26  ? 231 CYS A N   1 
ATOM   644 C CA  . CYS A 1 92  ? 6.263   -6.351  10.716  1.00 54.03  ? 231 CYS A CA  1 
ATOM   645 C C   . CYS A 1 92  ? 5.441   -7.623  10.491  1.00 50.01  ? 231 CYS A C   1 
ATOM   646 O O   . CYS A 1 92  ? 5.178   -8.334  11.485  1.00 54.28  ? 231 CYS A O   1 
ATOM   647 C CB  . CYS A 1 92  ? 5.345   -5.218  11.143  1.00 56.09  ? 231 CYS A CB  1 
ATOM   648 S SG  . CYS A 1 92  ? 6.247   -3.680  11.450  1.00 55.87  ? 231 CYS A SG  1 
ATOM   649 N N   . VAL A 1 93  ? 4.963   -7.837  9.265   1.00 51.64  ? 232 VAL A N   1 
ATOM   650 C CA  . VAL A 1 93  ? 4.051   -8.978  8.960   1.00 60.08  ? 232 VAL A CA  1 
ATOM   651 C C   . VAL A 1 93  ? 4.866   -10.274 9.060   1.00 59.20  ? 232 VAL A C   1 
ATOM   652 O O   . VAL A 1 93  ? 4.458   -11.160 9.826   1.00 57.62  ? 232 VAL A O   1 
ATOM   653 C CB  . VAL A 1 93  ? 3.369   -8.837  7.591   1.00 51.15  ? 232 VAL A CB  1 
ATOM   654 C CG1 . VAL A 1 93  ? 2.693   -10.125 7.181   1.00 56.45  ? 232 VAL A CG1 1 
ATOM   655 C CG2 . VAL A 1 93  ? 2.360   -7.697  7.572   1.00 55.02  ? 232 VAL A CG2 1 
ATOM   656 N N   . ARG A 1 94  ? 5.967   -10.350 8.316   1.00 60.92  ? 233 ARG A N   1 
ATOM   657 C CA  . ARG A 1 94  ? 6.982   -11.432 8.418   1.00 73.19  ? 233 ARG A CA  1 
ATOM   658 C C   . ARG A 1 94  ? 7.291   -11.702 9.902   1.00 70.77  ? 233 ARG A C   1 
ATOM   659 O O   . ARG A 1 94  ? 7.203   -12.857 10.337  1.00 74.56  ? 233 ARG A O   1 
ATOM   660 C CB  . ARG A 1 94  ? 8.219   -11.039 7.607   1.00 75.92  ? 233 ARG A CB  1 
ATOM   661 C CG  . ARG A 1 94  ? 8.615   -12.050 6.539   1.00 91.60  ? 233 ARG A CG  1 
ATOM   662 C CD  . ARG A 1 94  ? 10.118  -12.101 6.331   1.00 103.39 ? 233 ARG A CD  1 
ATOM   663 N NE  . ARG A 1 94  ? 10.794  -12.432 7.591   1.00 121.90 ? 233 ARG A NE  1 
ATOM   664 C CZ  . ARG A 1 94  ? 11.543  -13.516 7.839   1.00 125.26 ? 233 ARG A CZ  1 
ATOM   665 N NH1 . ARG A 1 94  ? 11.772  -14.429 6.905   1.00 126.52 ? 233 ARG A NH1 1 
ATOM   666 N NH2 . ARG A 1 94  ? 12.077  -13.671 9.042   1.00 111.28 ? 233 ARG A NH2 1 
ATOM   667 N N   . GLU A 1 95  ? 7.522   -10.657 10.687  1.00 63.30  ? 234 GLU A N   1 
ATOM   668 C CA  . GLU A 1 95  ? 7.955   -10.763 12.103  1.00 57.23  ? 234 GLU A CA  1 
ATOM   669 C C   . GLU A 1 95  ? 6.855   -11.366 12.974  1.00 65.39  ? 234 GLU A C   1 
ATOM   670 O O   . GLU A 1 95  ? 7.201   -12.013 13.978  1.00 66.32  ? 234 GLU A O   1 
ATOM   671 C CB  . GLU A 1 95  ? 8.341   -9.372  12.607  1.00 65.73  ? 234 GLU A CB  1 
ATOM   672 C CG  . GLU A 1 95  ? 8.748   -9.325  14.074  1.00 69.36  ? 234 GLU A CG  1 
ATOM   673 C CD  . GLU A 1 95  ? 10.034  -10.069 14.411  1.00 77.98  ? 234 GLU A CD  1 
ATOM   674 O OE1 . GLU A 1 95  ? 10.771  -10.501 13.438  1.00 63.54  ? 234 GLU A OE1 1 
ATOM   675 O OE2 . GLU A 1 95  ? 10.285  -10.227 15.644  1.00 73.23  ? 234 GLU A OE2 1 
ATOM   676 N N   . VAL A 1 96  ? 5.576   -11.101 12.683  1.00 67.03  ? 235 VAL A N   1 
ATOM   677 C CA  . VAL A 1 96  ? 4.461   -11.640 13.518  1.00 67.52  ? 235 VAL A CA  1 
ATOM   678 C C   . VAL A 1 96  ? 4.250   -13.114 13.114  1.00 58.36  ? 235 VAL A C   1 
ATOM   679 O O   . VAL A 1 96  ? 3.819   -13.855 13.944  1.00 63.47  ? 235 VAL A O   1 
ATOM   680 C CB  . VAL A 1 96  ? 3.173   -10.778 13.463  1.00 65.28  ? 235 VAL A CB  1 
ATOM   681 C CG1 . VAL A 1 96  ? 2.449   -10.869 12.130  1.00 65.38  ? 235 VAL A CG1 1 
ATOM   682 C CG2 . VAL A 1 96  ? 2.210   -11.141 14.582  1.00 66.84  ? 235 VAL A CG2 1 
ATOM   683 N N   . LYS A 1 97  ? 4.590   -13.504 11.891  1.00 59.89  ? 236 LYS A N   1 
ATOM   684 C CA  . LYS A 1 97  ? 4.739   -14.923 11.457  1.00 77.55  ? 236 LYS A CA  1 
ATOM   685 C C   . LYS A 1 97  ? 5.789   -15.654 12.318  1.00 79.03  ? 236 LYS A C   1 
ATOM   686 O O   . LYS A 1 97  ? 5.405   -16.617 12.977  1.00 80.05  ? 236 LYS A O   1 
ATOM   687 C CB  . LYS A 1 97  ? 5.119   -14.979 9.974   1.00 85.18  ? 236 LYS A CB  1 
ATOM   688 C CG  . LYS A 1 97  ? 5.231   -16.369 9.361   1.00 93.42  ? 236 LYS A CG  1 
ATOM   689 C CD  . LYS A 1 97  ? 4.644   -16.447 7.957   1.00 104.55 ? 236 LYS A CD  1 
ATOM   690 C CE  . LYS A 1 97  ? 5.334   -15.553 6.943   1.00 116.97 ? 236 LYS A CE  1 
ATOM   691 N NZ  . LYS A 1 97  ? 6.768   -15.908 6.796   1.00 118.88 ? 236 LYS A NZ  1 
ATOM   692 N N   . VAL A 1 98  ? 7.050   -15.199 12.356  1.00 83.53  ? 237 VAL A N   1 
ATOM   693 C CA  . VAL A 1 98  ? 8.183   -15.945 13.003  1.00 79.10  ? 237 VAL A CA  1 
ATOM   694 C C   . VAL A 1 98  ? 8.265   -15.672 14.514  1.00 74.54  ? 237 VAL A C   1 
ATOM   695 O O   . VAL A 1 98  ? 8.950   -16.432 15.175  1.00 85.84  ? 237 VAL A O   1 
ATOM   696 C CB  . VAL A 1 98  ? 9.531   -15.648 12.325  1.00 76.73  ? 237 VAL A CB  1 
ATOM   697 C CG1 . VAL A 1 98  ? 9.414   -15.699 10.804  1.00 75.81  ? 237 VAL A CG1 1 
ATOM   698 C CG2 . VAL A 1 98  ? 10.129  -14.319 12.775  1.00 77.67  ? 237 VAL A CG2 1 
ATOM   699 N N   . ALA A 1 99  ? 7.592   -14.657 15.061  1.00 75.03  ? 238 ALA A N   1 
ATOM   700 C CA  . ALA A 1 99  ? 7.659   -14.312 16.503  1.00 68.01  ? 238 ALA A CA  1 
ATOM   701 C C   . ALA A 1 99  ? 6.297   -13.835 16.991  1.00 69.97  ? 238 ALA A C   1 
ATOM   702 O O   . ALA A 1 99  ? 6.167   -12.768 17.584  1.00 74.42  ? 238 ALA A O   1 
ATOM   703 C CB  . ALA A 1 99  ? 8.735   -13.272 16.739  1.00 68.47  ? 238 ALA A CB  1 
ATOM   704 N N   . PRO A 1 100 ? 5.237   -14.637 16.771  1.00 74.31  ? 239 PRO A N   1 
ATOM   705 C CA  . PRO A 1 100 ? 3.896   -14.283 17.218  1.00 75.89  ? 239 PRO A CA  1 
ATOM   706 C C   . PRO A 1 100 ? 3.904   -13.666 18.616  1.00 68.54  ? 239 PRO A C   1 
ATOM   707 O O   . PRO A 1 100 ? 4.515   -14.248 19.461  1.00 78.31  ? 239 PRO A O   1 
ATOM   708 C CB  . PRO A 1 100 ? 3.135   -15.622 17.260  1.00 76.78  ? 239 PRO A CB  1 
ATOM   709 C CG  . PRO A 1 100 ? 4.096   -16.671 16.702  1.00 74.43  ? 239 PRO A CG  1 
ATOM   710 C CD  . PRO A 1 100 ? 5.268   -15.940 16.092  1.00 77.10  ? 239 PRO A CD  1 
ATOM   711 N N   . SER A 1 101 ? 3.228   -12.534 18.798  1.00 66.80  ? 240 SER A N   1 
ATOM   712 C CA  . SER A 1 101 ? 2.980   -11.861 20.108  1.00 66.54  ? 240 SER A CA  1 
ATOM   713 C C   . SER A 1 101 ? 1.942   -10.761 19.904  1.00 66.32  ? 240 SER A C   1 
ATOM   714 O O   . SER A 1 101 ? 1.890   -10.199 18.791  1.00 69.40  ? 240 SER A O   1 
ATOM   715 C CB  . SER A 1 101 ? 4.246   -11.278 20.680  1.00 75.08  ? 240 SER A CB  1 
ATOM   716 O OG  . SER A 1 101 ? 4.834   -10.320 19.798  1.00 67.20  ? 240 SER A OG  1 
ATOM   717 N N   . GLU A 1 102 ? 1.166   -10.434 20.927  1.00 65.98  ? 241 GLU A N   1 
ATOM   718 C CA  . GLU A 1 102 ? 0.207   -9.307  20.830  1.00 71.12  ? 241 GLU A CA  1 
ATOM   719 C C   . GLU A 1 102 ? 0.961   -8.049  20.379  1.00 71.57  ? 241 GLU A C   1 
ATOM   720 O O   . GLU A 1 102 ? 0.401   -7.265  19.595  1.00 67.00  ? 241 GLU A O   1 
ATOM   721 C CB  . GLU A 1 102 ? -0.564  -9.135  22.141  1.00 73.37  ? 241 GLU A CB  1 
ATOM   722 C CG  . GLU A 1 102 ? -1.721  -10.117 22.266  1.00 73.52  ? 241 GLU A CG  1 
ATOM   723 C CD  . GLU A 1 102 ? -2.645  -10.231 21.057  1.00 76.98  ? 241 GLU A CD  1 
ATOM   724 O OE1 . GLU A 1 102 ? -2.897  -9.203  20.380  1.00 74.21  ? 241 GLU A OE1 1 
ATOM   725 O OE2 . GLU A 1 102 ? -3.094  -11.354 20.771  1.00 83.55  ? 241 GLU A OE2 1 
ATOM   726 N N   . LEU A 1 103 ? 2.216   -7.900  20.785  1.00 65.63  ? 242 LEU A N   1 
ATOM   727 C CA  . LEU A 1 103 ? 2.996   -6.670  20.523  1.00 71.25  ? 242 LEU A CA  1 
ATOM   728 C C   . LEU A 1 103 ? 3.376   -6.608  19.038  1.00 66.87  ? 242 LEU A C   1 
ATOM   729 O O   . LEU A 1 103 ? 3.401   -5.518  18.467  1.00 70.68  ? 242 LEU A O   1 
ATOM   730 C CB  . LEU A 1 103 ? 4.238   -6.661  21.420  1.00 69.25  ? 242 LEU A CB  1 
ATOM   731 C CG  . LEU A 1 103 ? 5.094   -5.400  21.317  1.00 76.26  ? 242 LEU A CG  1 
ATOM   732 C CD1 . LEU A 1 103 ? 4.406   -4.230  22.020  1.00 73.70  ? 242 LEU A CD1 1 
ATOM   733 C CD2 . LEU A 1 103 ? 6.483   -5.645  21.880  1.00 76.15  ? 242 LEU A CD2 1 
ATOM   734 N N   . ALA A 1 104 ? 3.737   -7.732  18.442  1.00 59.63  ? 243 ALA A N   1 
ATOM   735 C CA  . ALA A 1 104 ? 4.147   -7.779  17.033  1.00 62.15  ? 243 ALA A CA  1 
ATOM   736 C C   . ALA A 1 104 ? 2.898   -7.578  16.157  1.00 62.37  ? 243 ALA A C   1 
ATOM   737 O O   . ALA A 1 104 ? 3.037   -7.116  15.015  1.00 59.85  ? 243 ALA A O   1 
ATOM   738 C CB  . ALA A 1 104 ? 4.845   -9.080  16.757  1.00 60.16  ? 243 ALA A CB  1 
ATOM   739 N N   . ARG A 1 105 ? 1.726   -7.933  16.683  1.00 54.30  ? 244 ARG A N   1 
ATOM   740 C CA  . ARG A 1 105 ? 0.429   -7.827  15.974  1.00 59.91  ? 244 ARG A CA  1 
ATOM   741 C C   . ARG A 1 105 ? 0.004   -6.348  15.980  1.00 57.00  ? 244 ARG A C   1 
ATOM   742 O O   . ARG A 1 105 ? -0.364  -5.843  14.925  1.00 56.31  ? 244 ARG A O   1 
ATOM   743 C CB  . ARG A 1 105 ? -0.592  -8.765  16.630  1.00 54.63  ? 244 ARG A CB  1 
ATOM   744 C CG  . ARG A 1 105 ? -2.016  -8.576  16.131  1.00 57.65  ? 244 ARG A CG  1 
ATOM   745 C CD  . ARG A 1 105 ? -2.948  -9.684  16.551  1.00 59.52  ? 244 ARG A CD  1 
ATOM   746 N NE  . ARG A 1 105 ? -4.255  -9.214  16.206  1.00 59.50  ? 244 ARG A NE  1 
ATOM   747 C CZ  . ARG A 1 105 ? -5.076  -8.560  17.010  1.00 60.69  ? 244 ARG A CZ  1 
ATOM   748 N NH1 . ARG A 1 105 ? -4.764  -8.365  18.271  1.00 66.26  ? 244 ARG A NH1 1 
ATOM   749 N NH2 . ARG A 1 105 ? -6.236  -8.129  16.557  1.00 64.29  ? 244 ARG A NH2 1 
ATOM   750 N N   . SER A 1 106 ? 0.108   -5.692  17.132  1.00 54.46  ? 245 SER A N   1 
ATOM   751 C CA  . SER A 1 106 ? -0.029  -4.230  17.311  1.00 56.54  ? 245 SER A CA  1 
ATOM   752 C C   . SER A 1 106 ? 0.892   -3.494  16.351  1.00 54.95  ? 245 SER A C   1 
ATOM   753 O O   . SER A 1 106 ? 0.416   -2.586  15.692  1.00 57.85  ? 245 SER A O   1 
ATOM   754 C CB  . SER A 1 106 ? 0.285   -3.865  18.701  1.00 59.57  ? 245 SER A CB  1 
ATOM   755 O OG  . SER A 1 106 ? -0.539  -4.616  19.545  1.00 68.60  ? 245 SER A OG  1 
ATOM   756 N N   . ARG A 1 107 ? 2.151   -3.904  16.270  1.00 48.61  ? 246 ARG A N   1 
ATOM   757 C CA  . ARG A 1 107 ? 3.162   -3.281  15.381  1.00 58.02  ? 246 ARG A CA  1 
ATOM   758 C C   . ARG A 1 107 ? 2.666   -3.250  13.927  1.00 52.14  ? 246 ARG A C   1 
ATOM   759 O O   . ARG A 1 107 ? 2.906   -2.239  13.253  1.00 54.25  ? 246 ARG A O   1 
ATOM   760 C CB  . ARG A 1 107 ? 4.485   -4.044  15.496  1.00 62.36  ? 246 ARG A CB  1 
ATOM   761 C CG  . ARG A 1 107 ? 5.654   -3.352  14.809  1.00 62.43  ? 246 ARG A CG  1 
ATOM   762 C CD  . ARG A 1 107 ? 6.916   -3.451  15.644  1.00 67.37  ? 246 ARG A CD  1 
ATOM   763 N NE  . ARG A 1 107 ? 7.323   -4.828  15.688  1.00 80.58  ? 246 ARG A NE  1 
ATOM   764 C CZ  . ARG A 1 107 ? 7.385   -5.602  16.759  1.00 73.45  ? 246 ARG A CZ  1 
ATOM   765 N NH1 . ARG A 1 107 ? 7.144   -5.141  17.976  1.00 74.48  ? 246 ARG A NH1 1 
ATOM   766 N NH2 . ARG A 1 107 ? 7.719   -6.862  16.581  1.00 72.72  ? 246 ARG A NH2 1 
ATOM   767 N N   . CYS A 1 108 ? 2.011   -4.305  13.448  1.00 49.11  ? 247 CYS A N   1 
ATOM   768 C CA  . CYS A 1 108 ? 1.377   -4.361  12.088  1.00 56.55  ? 247 CYS A CA  1 
ATOM   769 C C   . CYS A 1 108 ? 0.342   -3.240  11.900  1.00 49.12  ? 247 CYS A C   1 
ATOM   770 O O   . CYS A 1 108 ? 0.331   -2.574  10.844  1.00 51.69  ? 247 CYS A O   1 
ATOM   771 C CB  . CYS A 1 108 ? 0.747   -5.728  11.825  1.00 56.64  ? 247 CYS A CB  1 
ATOM   772 S SG  . CYS A 1 108 ? 1.988   -7.038  11.633  1.00 56.21  ? 247 CYS A SG  1 
ATOM   773 N N   . ALA A 1 109 ? -0.522  -3.023  12.880  1.00 48.97  ? 248 ALA A N   1 
ATOM   774 C CA  . ALA A 1 109 ? -1.518  -1.930  12.829  1.00 50.86  ? 248 ALA A CA  1 
ATOM   775 C C   . ALA A 1 109 ? -0.751  -0.598  12.773  1.00 50.84  ? 248 ALA A C   1 
ATOM   776 O O   . ALA A 1 109 ? -1.057  0.256   11.929  1.00 46.86  ? 248 ALA A O   1 
ATOM   777 C CB  . ALA A 1 109 ? -2.460  -2.033  14.014  1.00 48.38  ? 248 ALA A CB  1 
ATOM   778 N N   . LEU A 1 110 ? 0.310   -0.475  13.569  1.00 50.13  ? 249 LEU A N   1 
ATOM   779 C CA  . LEU A 1 110 ? 1.094   0.778   13.698  1.00 46.04  ? 249 LEU A CA  1 
ATOM   780 C C   . LEU A 1 110 ? 1.699   1.127   12.346  1.00 45.01  ? 249 LEU A C   1 
ATOM   781 O O   . LEU A 1 110 ? 1.559   2.266   11.903  1.00 44.65  ? 249 LEU A O   1 
ATOM   782 C CB  . LEU A 1 110 ? 2.167   0.522   14.748  1.00 56.99  ? 249 LEU A CB  1 
ATOM   783 C CG  . LEU A 1 110 ? 2.925   1.741   15.238  1.00 60.13  ? 249 LEU A CG  1 
ATOM   784 C CD1 . LEU A 1 110 ? 1.977   2.767   15.850  1.00 53.15  ? 249 LEU A CD1 1 
ATOM   785 C CD2 . LEU A 1 110 ? 3.997   1.277   16.219  1.00 62.04  ? 249 LEU A CD2 1 
ATOM   786 N N   . PHE A 1 111 ? 2.261   0.147   11.644  1.00 44.95  ? 250 PHE A N   1 
ATOM   787 C CA  . PHE A 1 111 ? 2.901   0.391   10.328  1.00 43.36  ? 250 PHE A CA  1 
ATOM   788 C C   . PHE A 1 111 ? 1.921   0.308   9.151   1.00 41.98  ? 250 PHE A C   1 
ATOM   789 O O   . PHE A 1 111 ? 2.383   0.466   7.992   1.00 48.29  ? 250 PHE A O   1 
ATOM   790 C CB  . PHE A 1 111 ? 4.126   -0.508  10.206  1.00 48.54  ? 250 PHE A CB  1 
ATOM   791 C CG  . PHE A 1 111 ? 5.303   0.052   10.952  1.00 50.08  ? 250 PHE A CG  1 
ATOM   792 C CD1 . PHE A 1 111 ? 6.110   1.008   10.356  1.00 53.35  ? 250 PHE A CD1 1 
ATOM   793 C CD2 . PHE A 1 111 ? 5.555   -0.314  12.263  1.00 52.54  ? 250 PHE A CD2 1 
ATOM   794 C CE1 . PHE A 1 111 ? 7.193   1.531   11.031  1.00 45.06  ? 250 PHE A CE1 1 
ATOM   795 C CE2 . PHE A 1 111 ? 6.627   0.229   12.947  1.00 48.10  ? 250 PHE A CE2 1 
ATOM   796 C CZ  . PHE A 1 111 ? 7.453   1.134   12.322  1.00 44.08  ? 250 PHE A CZ  1 
ATOM   797 N N   . SER A 1 112 ? 0.619   0.125   9.376   1.00 44.85  ? 251 SER A N   1 
ATOM   798 C CA  . SER A 1 112 ? -0.402  0.192   8.284   1.00 45.17  ? 251 SER A CA  1 
ATOM   799 C C   . SER A 1 112 ? -0.675  1.643   7.903   1.00 45.21  ? 251 SER A C   1 
ATOM   800 O O   . SER A 1 112 ? -0.789  1.935   6.712   1.00 47.45  ? 251 SER A O   1 
ATOM   801 C CB  . SER A 1 112 ? -1.691  -0.498  8.672   1.00 50.01  ? 251 SER A CB  1 
ATOM   802 O OG  . SER A 1 112 ? -1.456  -1.885  8.837   1.00 47.56  ? 251 SER A OG  1 
ATOM   803 N N   . GLY A 1 113 ? -0.752  2.532   8.890   1.00 48.79  ? 252 GLY A N   1 
ATOM   804 C CA  . GLY A 1 113 ? -1.208  3.913   8.667   1.00 45.60  ? 252 GLY A CA  1 
ATOM   805 C C   . GLY A 1 113 ? -0.351  4.575   7.599   1.00 46.89  ? 252 GLY A C   1 
ATOM   806 O O   . GLY A 1 113 ? -0.831  5.292   6.712   1.00 47.93  ? 252 GLY A O   1 
ATOM   807 N N   . PRO A 1 114 ? 0.980   4.458   7.723   1.00 44.77  ? 253 PRO A N   1 
ATOM   808 C CA  . PRO A 1 114 ? 1.870   5.082   6.739   1.00 45.40  ? 253 PRO A CA  1 
ATOM   809 C C   . PRO A 1 114 ? 1.596   4.563   5.318   1.00 44.59  ? 253 PRO A C   1 
ATOM   810 O O   . PRO A 1 114 ? 1.567   5.358   4.389   1.00 44.62  ? 253 PRO A O   1 
ATOM   811 C CB  . PRO A 1 114 ? 3.260   4.759   7.296   1.00 42.70  ? 253 PRO A CB  1 
ATOM   812 C CG  . PRO A 1 114 ? 3.046   4.487   8.764   1.00 35.77  ? 253 PRO A CG  1 
ATOM   813 C CD  . PRO A 1 114 ? 1.671   3.920   8.904   1.00 41.79  ? 253 PRO A CD  1 
ATOM   814 N N   . LEU A 1 115 ? 1.298   3.263   5.170   1.00 46.48  ? 254 LEU A N   1 
ATOM   815 C CA  . LEU A 1 115 ? 1.070   2.686   3.822   1.00 42.66  ? 254 LEU A CA  1 
ATOM   816 C C   . LEU A 1 115 ? -0.274  3.213   3.320   1.00 43.17  ? 254 LEU A C   1 
ATOM   817 O O   . LEU A 1 115 ? -0.337  3.734   2.212   1.00 44.14  ? 254 LEU A O   1 
ATOM   818 C CB  . LEU A 1 115 ? 1.115   1.157   3.870   1.00 43.06  ? 254 LEU A CB  1 
ATOM   819 C CG  . LEU A 1 115 ? 0.778   0.452   2.558   1.00 44.85  ? 254 LEU A CG  1 
ATOM   820 C CD1 . LEU A 1 115 ? 1.675   0.927   1.413   1.00 46.03  ? 254 LEU A CD1 1 
ATOM   821 C CD2 . LEU A 1 115 ? 0.888   -1.057  2.734   1.00 42.65  ? 254 LEU A CD2 1 
ATOM   822 N N   . VAL A 1 116 ? -1.310  3.152   4.141   1.00 43.29  ? 255 VAL A N   1 
ATOM   823 C CA  . VAL A 1 116 ? -2.658  3.590   3.691   1.00 42.82  ? 255 VAL A CA  1 
ATOM   824 C C   . VAL A 1 116 ? -2.597  5.055   3.268   1.00 45.04  ? 255 VAL A C   1 
ATOM   825 O O   . VAL A 1 116 ? -3.154  5.395   2.230   1.00 43.61  ? 255 VAL A O   1 
ATOM   826 C CB  . VAL A 1 116 ? -3.682  3.341   4.789   1.00 44.68  ? 255 VAL A CB  1 
ATOM   827 C CG1 . VAL A 1 116 ? -4.991  4.064   4.480   1.00 43.44  ? 255 VAL A CG1 1 
ATOM   828 C CG2 . VAL A 1 116 ? -3.876  1.838   4.939   1.00 48.66  ? 255 VAL A CG2 1 
ATOM   829 N N   . GLN A 1 117 ? -1.895  5.887   4.029   1.00 46.11  ? 256 GLN A N   1 
ATOM   830 C CA  . GLN A 1 117 ? -1.753  7.332   3.717   1.00 45.47  ? 256 GLN A CA  1 
ATOM   831 C C   . GLN A 1 117 ? -0.888  7.551   2.472   1.00 44.96  ? 256 GLN A C   1 
ATOM   832 O O   . GLN A 1 117 ? -1.255  8.416   1.675   1.00 44.44  ? 256 GLN A O   1 
ATOM   833 C CB  . GLN A 1 117 ? -1.139  8.052   4.914   1.00 49.31  ? 256 GLN A CB  1 
ATOM   834 C CG  . GLN A 1 117 ? -2.137  8.301   6.029   1.00 50.93  ? 256 GLN A CG  1 
ATOM   835 C CD  . GLN A 1 117 ? -3.241  9.180   5.515   1.00 61.61  ? 256 GLN A CD  1 
ATOM   836 O OE1 . GLN A 1 117 ? -3.013  10.255  4.933   1.00 52.74  ? 256 GLN A OE1 1 
ATOM   837 N NE2 . GLN A 1 117 ? -4.445  8.665   5.672   1.00 62.95  ? 256 GLN A NE2 1 
ATOM   838 N N   . ALA A 1 118 ? 0.270   6.892   2.350   1.00 44.37  ? 257 ALA A N   1 
ATOM   839 C CA  . ALA A 1 118 ? 1.122   7.006   1.140   1.00 43.62  ? 257 ALA A CA  1 
ATOM   840 C C   . ALA A 1 118 ? 0.276   6.645   -0.087  1.00 46.99  ? 257 ALA A C   1 
ATOM   841 O O   . ALA A 1 118 ? 0.277   7.408   -1.058  1.00 47.41  ? 257 ALA A O   1 
ATOM   842 C CB  . ALA A 1 118 ? 2.331   6.127   1.261   1.00 50.83  ? 257 ALA A CB  1 
ATOM   843 N N   . VAL A 1 119 ? -0.522  5.571   -0.024  1.00 46.15  ? 258 VAL A N   1 
ATOM   844 C CA  . VAL A 1 119 ? -1.372  5.184   -1.181  1.00 46.95  ? 258 VAL A CA  1 
ATOM   845 C C   . VAL A 1 119 ? -2.447  6.253   -1.395  1.00 50.61  ? 258 VAL A C   1 
ATOM   846 O O   . VAL A 1 119 ? -2.689  6.627   -2.556  1.00 53.05  ? 258 VAL A O   1 
ATOM   847 C CB  . VAL A 1 119 ? -1.991  3.796   -0.980  1.00 49.76  ? 258 VAL A CB  1 
ATOM   848 C CG1 . VAL A 1 119 ? -3.117  3.537   -1.963  1.00 46.27  ? 258 VAL A CG1 1 
ATOM   849 C CG2 . VAL A 1 119 ? -0.926  2.727   -1.053  1.00 50.53  ? 258 VAL A CG2 1 
ATOM   850 N N   . SER A 1 120 ? -3.122  6.694   -0.334  1.00 45.05  ? 259 SER A N   1 
ATOM   851 C CA  . SER A 1 120 ? -4.166  7.736   -0.448  1.00 43.10  ? 259 SER A CA  1 
ATOM   852 C C   . SER A 1 120 ? -3.565  9.011   -1.019  1.00 39.55  ? 259 SER A C   1 
ATOM   853 O O   . SER A 1 120 ? -4.242  9.655   -1.791  1.00 44.15  ? 259 SER A O   1 
ATOM   854 C CB  . SER A 1 120 ? -4.863  8.026   0.861   1.00 53.74  ? 259 SER A CB  1 
ATOM   855 O OG  . SER A 1 120 ? -5.513  6.852   1.346   1.00 60.35  ? 259 SER A OG  1 
ATOM   856 N N   . ALA A 1 121 ? -2.347  9.397   -0.645  1.00 42.33  ? 260 ALA A N   1 
ATOM   857 C CA  . ALA A 1 121 ? -1.771  10.643  -1.195  1.00 43.88  ? 260 ALA A CA  1 
ATOM   858 C C   . ALA A 1 121 ? -1.491  10.468  -2.718  1.00 46.33  ? 260 ALA A C   1 
ATOM   859 O O   . ALA A 1 121 ? -1.823  11.379  -3.535  1.00 50.08  ? 260 ALA A O   1 
ATOM   860 C CB  . ALA A 1 121 ? -0.580  11.052  -0.376  1.00 44.17  ? 260 ALA A CB  1 
ATOM   861 N N   . LEU A 1 122 ? -0.940  9.332   -3.121  1.00 49.05  ? 261 LEU A N   1 
ATOM   862 C CA  . LEU A 1 122 ? -0.560  9.068   -4.531  1.00 48.50  ? 261 LEU A CA  1 
ATOM   863 C C   . LEU A 1 122 ? -1.822  9.082   -5.400  1.00 48.33  ? 261 LEU A C   1 
ATOM   864 O O   . LEU A 1 122 ? -1.843  9.776   -6.423  1.00 55.86  ? 261 LEU A O   1 
ATOM   865 C CB  . LEU A 1 122 ? 0.201   7.747   -4.564  1.00 48.58  ? 261 LEU A CB  1 
ATOM   866 C CG  . LEU A 1 122 ? 0.801   7.340   -5.910  1.00 55.13  ? 261 LEU A CG  1 
ATOM   867 C CD1 . LEU A 1 122 ? 1.625   8.448   -6.522  1.00 57.94  ? 261 LEU A CD1 1 
ATOM   868 C CD2 . LEU A 1 122 ? 1.647   6.079   -5.767  1.00 54.55  ? 261 LEU A CD2 1 
ATOM   869 N N   . VAL A 1 123 ? -2.867  8.411   -4.956  1.00 49.37  ? 262 VAL A N   1 
ATOM   870 C CA  . VAL A 1 123 ? -4.122  8.246   -5.726  1.00 52.97  ? 262 VAL A CA  1 
ATOM   871 C C   . VAL A 1 123 ? -4.829  9.596   -5.794  1.00 55.63  ? 262 VAL A C   1 
ATOM   872 O O   . VAL A 1 123 ? -5.374  9.895   -6.876  1.00 63.50  ? 262 VAL A O   1 
ATOM   873 C CB  . VAL A 1 123 ? -5.022  7.154   -5.129  1.00 47.65  ? 262 VAL A CB  1 
ATOM   874 C CG1 . VAL A 1 123 ? -6.426  7.169   -5.717  1.00 50.99  ? 262 VAL A CG1 1 
ATOM   875 C CG2 . VAL A 1 123 ? -4.407  5.788   -5.311  1.00 51.77  ? 262 VAL A CG2 1 
ATOM   876 N N   . GLY A 1 124 ? -4.830  10.378  -4.704  1.00 53.72  ? 263 GLY A N   1 
ATOM   877 C CA  . GLY A 1 124 ? -5.419  11.740  -4.697  1.00 53.05  ? 263 GLY A CA  1 
ATOM   878 C C   . GLY A 1 124 ? -4.731  12.682  -5.687  1.00 50.03  ? 263 GLY A C   1 
ATOM   879 O O   . GLY A 1 124 ? -5.431  13.419  -6.402  1.00 60.26  ? 263 GLY A O   1 
ATOM   880 N N   . PHE A 1 125 ? -3.407  12.647  -5.744  1.00 50.25  ? 264 PHE A N   1 
ATOM   881 C CA  . PHE A 1 125 ? -2.582  13.393  -6.738  1.00 62.38  ? 264 PHE A CA  1 
ATOM   882 C C   . PHE A 1 125 ? -2.926  12.945  -8.166  1.00 66.67  ? 264 PHE A C   1 
ATOM   883 O O   . PHE A 1 125 ? -3.109  13.801  -9.056  1.00 68.33  ? 264 PHE A O   1 
ATOM   884 C CB  . PHE A 1 125 ? -1.092  13.164  -6.489  1.00 58.58  ? 264 PHE A CB  1 
ATOM   885 C CG  . PHE A 1 125 ? -0.191  13.926  -7.419  1.00 61.21  ? 264 PHE A CG  1 
ATOM   886 C CD1 . PHE A 1 125 ? -0.268  15.307  -7.489  1.00 60.46  ? 264 PHE A CD1 1 
ATOM   887 C CD2 . PHE A 1 125 ? 0.702   13.265  -8.245  1.00 58.25  ? 264 PHE A CD2 1 
ATOM   888 C CE1 . PHE A 1 125 ? 0.526   16.014  -8.376  1.00 65.40  ? 264 PHE A CE1 1 
ATOM   889 C CE2 . PHE A 1 125 ? 1.533   13.977  -9.099  1.00 60.18  ? 264 PHE A CE2 1 
ATOM   890 C CZ  . PHE A 1 125 ? 1.444   15.350  -9.162  1.00 68.89  ? 264 PHE A CZ  1 
ATOM   891 N N   . ALA A 1 126 ? -3.034  11.632  -8.359  1.00 60.19  ? 265 ALA A N   1 
ATOM   892 C CA  . ALA A 1 126 ? -3.202  11.000  -9.682  1.00 56.92  ? 265 ALA A CA  1 
ATOM   893 C C   . ALA A 1 126 ? -4.573  11.374  -10.233 1.00 59.57  ? 265 ALA A C   1 
ATOM   894 O O   . ALA A 1 126 ? -4.731  11.349  -11.453 1.00 70.25  ? 265 ALA A O   1 
ATOM   895 C CB  . ALA A 1 126 ? -3.010  9.502   -9.595  1.00 62.05  ? 265 ALA A CB  1 
ATOM   896 N N   . THR A 1 127 ? -5.535  11.741  -9.391  1.00 58.19  ? 266 THR A N   1 
ATOM   897 C CA  . THR A 1 127 ? -6.911  12.049  -9.862  1.00 55.66  ? 266 THR A CA  1 
ATOM   898 C C   . THR A 1 127 ? -7.199  13.547  -9.727  1.00 55.77  ? 266 THR A C   1 
ATOM   899 O O   . THR A 1 127 ? -8.400  13.944  -9.755  1.00 64.07  ? 266 THR A O   1 
ATOM   900 C CB  . THR A 1 127 ? -7.905  11.134  -9.145  1.00 58.42  ? 266 THR A CB  1 
ATOM   901 O OG1 . THR A 1 127 ? -7.721  11.358  -7.751  1.00 58.81  ? 266 THR A OG1 1 
ATOM   902 C CG2 . THR A 1 127 ? -7.661  9.670   -9.450  1.00 59.15  ? 266 THR A CG2 1 
ATOM   903 N N   . GLU A 1 128 ? -6.156  14.364  -9.584  1.00 69.82  ? 267 GLU A N   1 
ATOM   904 C CA  . GLU A 1 128 ? -6.292  15.837  -9.755  1.00 80.06  ? 267 GLU A CA  1 
ATOM   905 C C   . GLU A 1 128 ? -6.939  16.074  -11.122 1.00 83.57  ? 267 GLU A C   1 
ATOM   906 O O   . GLU A 1 128 ? -6.649  15.333  -12.061 1.00 79.82  ? 267 GLU A O   1 
ATOM   907 C CB  . GLU A 1 128 ? -4.927  16.510  -9.627  1.00 77.70  ? 267 GLU A CB  1 
ATOM   908 C CG  . GLU A 1 128 ? -4.541  16.783  -8.190  1.00 78.69  ? 267 GLU A CG  1 
ATOM   909 C CD  . GLU A 1 128 ? -3.181  17.438  -8.009  1.00 81.97  ? 267 GLU A CD  1 
ATOM   910 O OE1 . GLU A 1 128 ? -2.497  17.681  -9.024  1.00 75.45  ? 267 GLU A OE1 1 
ATOM   911 O OE2 . GLU A 1 128 ? -2.800  17.693  -6.845  1.00 93.22  ? 267 GLU A OE2 1 
ATOM   912 N N   . PRO A 1 129 ? -7.836  17.074  -11.293 1.00 86.81  ? 268 PRO A N   1 
ATOM   913 C CA  . PRO A 1 129 ? -8.614  17.193  -12.527 1.00 92.03  ? 268 PRO A CA  1 
ATOM   914 C C   . PRO A 1 129 ? -7.769  17.616  -13.743 1.00 93.31  ? 268 PRO A C   1 
ATOM   915 O O   . PRO A 1 129 ? -8.051  18.638  -14.307 1.00 118.36 ? 268 PRO A O   1 
ATOM   916 C CB  . PRO A 1 129 ? -9.683  18.246  -12.186 1.00 86.55  ? 268 PRO A CB  1 
ATOM   917 C CG  . PRO A 1 129 ? -9.622  18.389  -10.675 1.00 84.89  ? 268 PRO A CG  1 
ATOM   918 C CD  . PRO A 1 129 ? -8.175  18.126  -10.324 1.00 83.00  ? 268 PRO A CD  1 
ATOM   919 N N   . GLN A 1 130 ? -6.775  16.803  -14.124 1.00 86.52  ? 269 GLN A N   1 
ATOM   920 C CA  . GLN A 1 130 ? -5.866  17.032  -15.277 1.00 86.07  ? 269 GLN A CA  1 
ATOM   921 C C   . GLN A 1 130 ? -5.024  15.769  -15.525 1.00 90.86  ? 269 GLN A C   1 
ATOM   922 O O   . GLN A 1 130 ? -3.839  15.905  -15.851 1.00 88.90  ? 269 GLN A O   1 
ATOM   923 C CB  . GLN A 1 130 ? -5.003  18.283  -15.043 1.00 92.42  ? 269 GLN A CB  1 
ATOM   924 C CG  . GLN A 1 130 ? -3.755  18.082  -14.169 1.00 96.99  ? 269 GLN A CG  1 
ATOM   925 C CD  . GLN A 1 130 ? -3.861  18.546  -12.730 1.00 101.91 ? 269 GLN A CD  1 
ATOM   926 O OE1 . GLN A 1 130 ? -4.867  19.102  -12.278 1.00 92.25  ? 269 GLN A OE1 1 
ATOM   927 N NE2 . GLN A 1 130 ? -2.795  18.308  -11.980 1.00 87.90  ? 269 GLN A NE2 1 
ATOM   928 N N   . PHE A 1 131 ? -5.613  14.573  -15.415 1.00 104.38 ? 270 PHE A N   1 
ATOM   929 C CA  . PHE A 1 131 ? -4.949  13.279  -15.744 1.00 105.42 ? 270 PHE A CA  1 
ATOM   930 C C   . PHE A 1 131 ? -6.003  12.250  -16.187 1.00 88.05  ? 270 PHE A C   1 
ATOM   931 O O   . PHE A 1 131 ? -7.210  12.542  -16.149 1.00 78.94  ? 270 PHE A O   1 
ATOM   932 C CB  . PHE A 1 131 ? -4.146  12.743  -14.552 1.00 114.09 ? 270 PHE A CB  1 
ATOM   933 C CG  . PHE A 1 131 ? -3.027  13.598  -13.993 1.00 113.69 ? 270 PHE A CG  1 
ATOM   934 C CD1 . PHE A 1 131 ? -1.787  13.658  -14.618 1.00 110.46 ? 270 PHE A CD1 1 
ATOM   935 C CD2 . PHE A 1 131 ? -3.172  14.262  -12.776 1.00 114.38 ? 270 PHE A CD2 1 
ATOM   936 C CE1 . PHE A 1 131 ? -0.746  14.401  -14.073 1.00 108.42 ? 270 PHE A CE1 1 
ATOM   937 C CE2 . PHE A 1 131 ? -2.130  14.999  -12.228 1.00 106.60 ? 270 PHE A CE2 1 
ATOM   938 C CZ  . PHE A 1 131 ? -0.919  15.071  -12.880 1.00 113.22 ? 270 PHE A CZ  1 
HETATM 939 C C1  . EDO B 2 .   ? -14.455 5.463   1.261   1.00 108.59 ? 301 EDO A C1  1 
HETATM 940 O O1  . EDO B 2 .   ? -13.478 6.070   0.419   1.00 92.08  ? 301 EDO A O1  1 
HETATM 941 C C2  . EDO B 2 .   ? -14.087 4.082   1.668   1.00 112.40 ? 301 EDO A C2  1 
HETATM 942 O O2  . EDO B 2 .   ? -12.775 4.047   2.211   1.00 110.36 ? 301 EDO A O2  1 
HETATM 943 O O   . HOH C 3 .   ? -7.751  5.963   2.769   1.00 68.34  ? 401 HOH A O   1 
HETATM 944 O O   . HOH C 3 .   ? -3.673  -12.244 -1.960  1.00 72.75  ? 402 HOH A O   1 
HETATM 945 O O   . HOH C 3 .   ? -1.577  2.697   11.810  1.00 64.57  ? 403 HOH A O   1 
HETATM 946 O O   . HOH C 3 .   ? 8.748   -9.007  17.564  1.00 64.62  ? 404 HOH A O   1 
HETATM 947 O O   . HOH C 3 .   ? -5.766  -17.428 4.159   1.00 82.12  ? 405 HOH A O   1 
HETATM 948 O O   . HOH C 3 .   ? 1.137   -10.405 -5.432  1.00 69.21  ? 406 HOH A O   1 
HETATM 949 O O   . HOH C 3 .   ? -2.586  -14.212 -2.961  1.00 71.64  ? 407 HOH A O   1 
HETATM 950 O O   . HOH C 3 .   ? -5.603  -11.574 19.053  1.00 55.85  ? 408 HOH A O   1 
HETATM 951 O O   . HOH C 3 .   ? 5.503   -7.207  13.891  1.00 55.11  ? 409 HOH A O   1 
HETATM 952 O O   . HOH C 3 .   ? -3.999  -7.765  0.991   1.00 46.41  ? 410 HOH A O   1 
HETATM 953 O O   . HOH C 3 .   ? -4.300  18.863  -4.931  1.00 72.28  ? 411 HOH A O   1 
HETATM 954 O O   . HOH C 3 .   ? 7.751   16.917  -7.042  1.00 58.27  ? 412 HOH A O   1 
HETATM 955 O O   . HOH C 3 .   ? -3.025  -5.583  14.405  1.00 51.89  ? 413 HOH A O   1 
HETATM 956 O O   . HOH C 3 .   ? -10.011 -10.703 3.511   1.00 78.38  ? 414 HOH A O   1 
HETATM 957 O O   . HOH C 3 .   ? -5.761  -3.630  -8.154  1.00 77.05  ? 415 HOH A O   1 
HETATM 958 O O   . HOH C 3 .   ? 4.710   1.534   6.859   1.00 47.61  ? 416 HOH A O   1 
HETATM 959 O O   . HOH C 3 .   ? -5.887  0.116   14.904  1.00 73.76  ? 417 HOH A O   1 
HETATM 960 O O   . HOH C 3 .   ? -3.734  -2.760  10.199  1.00 48.76  ? 418 HOH A O   1 
HETATM 961 O O   . HOH C 3 .   ? -0.786  -5.653  -10.158 1.00 59.03  ? 419 HOH A O   1 
HETATM 962 O O   . HOH C 3 .   ? 6.955   6.061   3.797   0.50 56.71  ? 420 HOH A O   1 
HETATM 963 O O   . HOH C 3 .   ? -7.491  -0.057  6.642   1.00 52.22  ? 421 HOH A O   1 
HETATM 964 O O   . HOH C 3 .   ? -7.460  -17.435 9.825   1.00 74.96  ? 422 HOH A O   1 
HETATM 965 O O   . HOH C 3 .   ? -1.026  -21.411 7.104   1.00 67.78  ? 423 HOH A O   1 
HETATM 966 O O   . HOH C 3 .   ? 2.801   8.732   -1.494  1.00 47.01  ? 424 HOH A O   1 
HETATM 967 O O   . HOH C 3 .   ? 10.452  -5.346  3.699   1.00 65.42  ? 425 HOH A O   1 
HETATM 968 O O   . HOH C 3 .   ? 12.733  -11.867 15.439  1.00 70.88  ? 426 HOH A O   1 
HETATM 969 O O   . HOH C 3 .   ? -4.575  -5.814  -0.914  1.00 55.10  ? 427 HOH A O   1 
HETATM 970 O O   . HOH C 3 .   ? -3.949  -4.353  16.631  1.00 65.92  ? 428 HOH A O   1 
HETATM 971 O O   . HOH C 3 .   ? 16.887  4.740   -1.903  0.50 98.14  ? 429 HOH A O   1 
HETATM 972 O O   . HOH C 3 .   ? -5.406  -4.736  19.896  1.00 74.49  ? 430 HOH A O   1 
HETATM 973 O O   . HOH C 3 .   ? -6.482  -10.937 -8.116  1.00 74.28  ? 431 HOH A O   1 
HETATM 974 O O   . HOH C 3 .   ? -12.257 -3.043  -1.482  1.00 72.25  ? 432 HOH A O   1 
HETATM 975 O O   . HOH C 3 .   ? 6.027   -9.410  23.059  1.00 80.70  ? 433 HOH A O   1 
HETATM 976 O O   . HOH C 3 .   ? -12.034 -11.434 11.833  1.00 73.73  ? 434 HOH A O   1 
HETATM 977 O O   . HOH C 3 .   ? 7.510   -11.512 22.077  1.00 81.20  ? 435 HOH A O   1 
HETATM 978 O O   . HOH C 3 .   ? 1.210   21.536  -11.552 1.00 71.99  ? 436 HOH A O   1 
HETATM 979 O O   . HOH C 3 .   ? -3.618  -15.802 20.984  1.00 71.03  ? 437 HOH A O   1 
HETATM 980 O O   . HOH C 3 .   ? -5.035  -0.609  11.131  1.00 58.38  ? 438 HOH A O   1 
HETATM 981 O O   . HOH C 3 .   ? -4.827  3.141   8.152   1.00 68.07  ? 439 HOH A O   1 
HETATM 982 O O   . HOH C 3 .   ? -7.202  -11.796 2.698   1.00 65.56  ? 440 HOH A O   1 
HETATM 983 O O   . HOH C 3 .   ? 0.659   -17.205 17.930  1.00 77.84  ? 441 HOH A O   1 
# 
